data_3OKS
#
_entry.id   3OKS
#
_cell.length_a   128.010
_cell.length_b   128.010
_cell.length_c   104.080
_cell.angle_alpha   90.00
_cell.angle_beta   90.00
_cell.angle_gamma   90.00
#
_symmetry.space_group_name_H-M   'P 43'
#
loop_
_entity.id
_entity.type
_entity.pdbx_description
1 polymer '4-aminobutyrate transaminase'
2 non-polymer 1,2-ETHANEDIOL
3 non-polymer 'FORMIC ACID'
4 non-polymer 'MAGNESIUM ION'
5 water water
#
_entity_poly.entity_id   1
_entity_poly.type   'polypeptide(L)'
_entity_poly.pdbx_seq_one_letter_code
;GPGSMVSHPEQSRHLATAIPGPRSQALIDRKGTAVARGVGTTMPVYAVRAGGGIVEDVDGNRLIDLGSGIAVTTVGNSAP
KVVEAVRSQVGDFTHTCFMVTPYEGYVAVCEQLNRLTPVRGDKRSALFNSGSEAVENAVKIARSHTHKPAVVAFDHAYHG
RTNLTMALTAKVMPYKDGFGPFAPEIYRAPLSYPFRDAEFGKELATDGELAAKRAITVIDKQIGADNLAAVVIEPIQGEG
GFIVPADGFLPTLLDWCRKNDVVFIADEVQTGFARTGAMFACEHEGIDPDLIVTA(LLP)GIAGGLPLSAVTGRAEIMDS
PHVSGLGGTYGGNPIACAAALATIETIESEGLVARAQQIEKIMKDRLGRLQAEDDRIGDVRGRGAMIAMELVKAGTTEPD
ADLTKALCAGAHAAGVIVLSCGTYGNVVRFLPPLSIGDDLLNEGLDVLEEVLRGA
;
_entity_poly.pdbx_strand_id   A,B,C,D
#
# COMPACT_ATOMS: atom_id res chain seq x y z
N SER A 7 -10.84 -22.67 -1.45
CA SER A 7 -10.42 -23.46 -2.64
C SER A 7 -8.90 -23.63 -2.66
N HIS A 8 -8.43 -24.86 -2.52
CA HIS A 8 -6.99 -25.13 -2.48
C HIS A 8 -6.38 -25.11 -3.89
N PRO A 9 -5.04 -25.04 -3.99
CA PRO A 9 -4.41 -25.13 -5.31
C PRO A 9 -4.68 -26.47 -5.97
N GLU A 10 -4.51 -26.51 -7.28
CA GLU A 10 -4.70 -27.77 -8.00
C GLU A 10 -3.70 -28.80 -7.48
N GLN A 11 -4.16 -30.03 -7.31
CA GLN A 11 -3.39 -31.06 -6.63
C GLN A 11 -2.52 -31.82 -7.64
N SER A 12 -1.66 -31.08 -8.32
CA SER A 12 -0.68 -31.65 -9.20
C SER A 12 0.58 -30.79 -9.14
N ARG A 13 1.73 -31.44 -9.25
CA ARG A 13 3.02 -30.75 -9.32
C ARG A 13 3.10 -30.03 -10.64
N HIS A 14 3.67 -28.83 -10.64
CA HIS A 14 3.71 -28.03 -11.87
C HIS A 14 4.93 -27.15 -11.81
N LEU A 15 5.77 -27.27 -12.83
CA LEU A 15 6.90 -26.39 -13.00
C LEU A 15 6.64 -25.36 -14.12
N ALA A 16 6.08 -24.21 -13.73
CA ALA A 16 5.86 -23.08 -14.64
C ALA A 16 7.18 -22.41 -15.03
N THR A 17 8.10 -22.32 -14.09
CA THR A 17 9.37 -21.63 -14.28
C THR A 17 10.51 -22.49 -13.78
N ALA A 18 11.74 -22.04 -13.97
CA ALA A 18 12.86 -22.55 -13.18
C ALA A 18 12.58 -22.24 -11.70
N ILE A 19 13.26 -22.98 -10.82
CA ILE A 19 13.14 -22.79 -9.38
C ILE A 19 14.50 -22.36 -8.84
N PRO A 20 14.62 -21.13 -8.30
CA PRO A 20 13.59 -20.09 -8.18
C PRO A 20 13.19 -19.43 -9.49
N GLY A 21 11.94 -19.03 -9.56
CA GLY A 21 11.46 -18.23 -10.66
C GLY A 21 11.74 -16.75 -10.38
N PRO A 22 11.43 -15.87 -11.35
CA PRO A 22 11.83 -14.48 -11.17
C PRO A 22 11.14 -13.74 -10.01
N ARG A 23 9.86 -14.02 -9.78
CA ARG A 23 9.17 -13.31 -8.67
C ARG A 23 9.70 -13.82 -7.31
N SER A 24 9.99 -15.11 -7.20
CA SER A 24 10.63 -15.63 -5.99
C SER A 24 12.00 -14.96 -5.80
N GLN A 25 12.79 -14.85 -6.87
CA GLN A 25 14.11 -14.21 -6.76
C GLN A 25 14.01 -12.77 -6.32
N ALA A 26 13.02 -12.03 -6.82
CA ALA A 26 12.80 -10.66 -6.38
C ALA A 26 12.53 -10.58 -4.87
N LEU A 27 11.77 -11.55 -4.37
CA LEU A 27 11.46 -11.61 -2.94
C LEU A 27 12.68 -12.07 -2.12
N ILE A 28 13.47 -12.98 -2.68
CA ILE A 28 14.73 -13.35 -2.06
C ILE A 28 15.61 -12.11 -1.88
N ASP A 29 15.65 -11.24 -2.89
CA ASP A 29 16.47 -10.03 -2.81
C ASP A 29 15.94 -9.05 -1.74
N ARG A 30 14.61 -8.88 -1.68
CA ARG A 30 13.97 -8.09 -0.60
C ARG A 30 14.26 -8.65 0.77
N LYS A 31 14.17 -9.97 0.90
CA LYS A 31 14.42 -10.64 2.16
C LYS A 31 15.83 -10.30 2.63
N GLY A 32 16.79 -10.39 1.71
CA GLY A 32 18.20 -10.15 2.01
C GLY A 32 18.50 -8.75 2.51
N THR A 33 17.69 -7.76 2.15
CA THR A 33 17.95 -6.40 2.62
C THR A 33 17.02 -5.96 3.78
N ALA A 34 16.06 -6.81 4.16
CA ALA A 34 15.11 -6.47 5.23
C ALA A 34 15.16 -7.38 6.45
N VAL A 35 15.58 -8.63 6.25
CA VAL A 35 15.47 -9.67 7.28
C VAL A 35 16.85 -10.08 7.71
N ALA A 36 17.05 -10.21 9.01
CA ALA A 36 18.35 -10.62 9.52
C ALA A 36 18.78 -11.96 8.87
N ARG A 37 20.06 -12.09 8.55
CA ARG A 37 20.53 -13.32 7.90
C ARG A 37 20.37 -14.57 8.74
N GLY A 38 20.31 -14.41 10.07
CA GLY A 38 20.07 -15.51 10.97
C GLY A 38 18.77 -16.26 10.72
N VAL A 39 17.77 -15.61 10.14
CA VAL A 39 16.55 -16.29 9.76
C VAL A 39 16.82 -16.96 8.40
N GLY A 40 17.16 -18.25 8.44
CA GLY A 40 17.52 -19.01 7.25
C GLY A 40 16.27 -19.51 6.55
N THR A 41 16.34 -19.74 5.25
CA THR A 41 15.20 -20.30 4.52
C THR A 41 15.69 -21.53 3.76
N THR A 42 14.87 -22.57 3.76
CA THR A 42 15.18 -23.82 3.03
C THR A 42 14.86 -23.75 1.54
N MET A 43 13.67 -23.29 1.22
CA MET A 43 13.17 -23.32 -0.15
C MET A 43 13.45 -21.99 -0.82
N PRO A 44 13.94 -22.02 -2.07
CA PRO A 44 14.12 -20.74 -2.77
C PRO A 44 12.85 -20.27 -3.51
N VAL A 45 11.67 -20.54 -2.96
CA VAL A 45 10.42 -20.06 -3.52
C VAL A 45 9.58 -19.39 -2.47
N TYR A 46 8.75 -18.44 -2.90
CA TYR A 46 7.85 -17.71 -2.02
C TYR A 46 6.40 -18.19 -2.23
N ALA A 47 5.75 -18.55 -1.13
CA ALA A 47 4.41 -19.16 -1.12
C ALA A 47 3.31 -18.14 -1.30
N VAL A 48 2.30 -18.50 -2.09
CA VAL A 48 1.08 -17.69 -2.20
C VAL A 48 -0.17 -18.37 -1.74
N ARG A 49 -0.27 -19.68 -1.96
CA ARG A 49 -1.43 -20.47 -1.56
CA ARG A 49 -1.45 -20.49 -1.60
C ARG A 49 -0.97 -21.89 -1.27
N ALA A 50 -1.68 -22.61 -0.38
CA ALA A 50 -1.32 -23.98 -0.09
C ALA A 50 -2.55 -24.79 0.38
N GLY A 51 -2.51 -26.10 0.20
CA GLY A 51 -3.54 -26.98 0.68
C GLY A 51 -3.40 -28.34 0.08
N GLY A 52 -4.05 -29.33 0.67
CA GLY A 52 -3.95 -30.72 0.20
C GLY A 52 -2.51 -31.19 0.37
N GLY A 53 -1.84 -31.47 -0.74
CA GLY A 53 -0.44 -31.84 -0.71
C GLY A 53 0.46 -30.85 -1.44
N ILE A 54 -0.01 -29.61 -1.64
CA ILE A 54 0.67 -28.66 -2.53
C ILE A 54 0.94 -27.31 -1.86
N VAL A 55 2.07 -26.70 -2.21
CA VAL A 55 2.31 -25.29 -1.96
C VAL A 55 2.50 -24.65 -3.36
N GLU A 56 1.76 -23.60 -3.63
CA GLU A 56 1.83 -22.84 -4.87
C GLU A 56 2.63 -21.55 -4.65
N ASP A 57 3.61 -21.28 -5.53
CA ASP A 57 4.51 -20.13 -5.35
C ASP A 57 4.10 -18.91 -6.19
N VAL A 58 4.79 -17.81 -5.96
CA VAL A 58 4.48 -16.55 -6.63
C VAL A 58 4.65 -16.59 -8.16
N ASP A 59 5.41 -17.59 -8.66
CA ASP A 59 5.63 -17.75 -10.10
C ASP A 59 4.68 -18.77 -10.73
N GLY A 60 3.76 -19.33 -9.94
CA GLY A 60 2.79 -20.30 -10.44
C GLY A 60 3.22 -21.75 -10.39
N ASN A 61 4.40 -22.02 -9.83
CA ASN A 61 4.82 -23.40 -9.63
C ASN A 61 3.97 -23.98 -8.52
N ARG A 62 3.69 -25.27 -8.64
CA ARG A 62 3.04 -26.04 -7.58
C ARG A 62 3.98 -27.15 -7.13
N LEU A 63 4.35 -27.10 -5.85
CA LEU A 63 5.35 -27.97 -5.28
C LEU A 63 4.67 -28.97 -4.37
N ILE A 64 5.16 -30.20 -4.39
CA ILE A 64 4.68 -31.24 -3.50
C ILE A 64 5.24 -31.01 -2.11
N ASP A 65 4.32 -30.98 -1.15
CA ASP A 65 4.66 -30.65 0.26
C ASP A 65 4.93 -31.92 1.09
N LEU A 66 6.20 -32.25 1.26
CA LEU A 66 6.62 -33.31 2.17
C LEU A 66 7.19 -32.80 3.50
N GLY A 67 6.92 -31.53 3.83
CA GLY A 67 7.43 -30.93 5.07
C GLY A 67 6.37 -30.52 6.08
N SER A 68 5.15 -30.23 5.61
CA SER A 68 4.08 -29.64 6.43
C SER A 68 4.55 -28.50 7.37
N GLY A 69 5.52 -27.72 6.91
CA GLY A 69 5.91 -26.54 7.65
C GLY A 69 6.60 -26.93 8.95
N ILE A 70 7.37 -28.02 8.88
CA ILE A 70 7.97 -28.74 10.01
C ILE A 70 6.91 -29.33 10.94
N ALA A 71 6.11 -30.23 10.38
CA ALA A 71 5.15 -31.04 11.13
C ALA A 71 4.02 -30.27 11.78
N VAL A 72 3.63 -29.15 11.16
CA VAL A 72 2.63 -28.23 11.72
C VAL A 72 1.27 -28.42 11.05
N THR A 73 1.25 -28.40 9.72
CA THR A 73 -0.02 -28.50 9.00
C THR A 73 -0.39 -29.95 8.72
N THR A 74 -0.41 -30.73 9.80
CA THR A 74 -0.80 -32.14 9.80
C THR A 74 -2.20 -32.34 9.18
N VAL A 75 -3.15 -31.48 9.52
CA VAL A 75 -4.48 -31.56 8.92
C VAL A 75 -4.58 -30.94 7.52
N GLY A 76 -3.48 -30.42 7.03
CA GLY A 76 -3.39 -29.72 5.75
C GLY A 76 -3.38 -28.22 5.97
N ASN A 77 -2.73 -27.50 5.06
CA ASN A 77 -2.76 -26.06 5.08
C ASN A 77 -4.15 -25.56 4.79
N SER A 78 -4.59 -24.52 5.47
CA SER A 78 -5.93 -23.97 5.22
C SER A 78 -7.03 -25.04 5.25
N ALA A 79 -7.01 -25.87 6.30
CA ALA A 79 -7.99 -26.95 6.43
C ALA A 79 -9.36 -26.27 6.56
N PRO A 80 -10.39 -26.79 5.89
CA PRO A 80 -11.69 -26.07 5.86
C PRO A 80 -12.25 -25.68 7.24
N LYS A 81 -12.17 -26.57 8.21
CA LYS A 81 -12.67 -26.27 9.56
C LYS A 81 -11.86 -25.19 10.24
N VAL A 82 -10.55 -25.18 9.99
CA VAL A 82 -9.68 -24.18 10.60
C VAL A 82 -9.97 -22.81 9.97
N VAL A 83 -10.08 -22.78 8.64
CA VAL A 83 -10.41 -21.56 7.93
C VAL A 83 -11.71 -20.95 8.46
N GLU A 84 -12.75 -21.76 8.59
CA GLU A 84 -14.03 -21.27 9.06
C GLU A 84 -13.95 -20.76 10.51
N ALA A 85 -13.26 -21.51 11.34
CA ALA A 85 -13.10 -21.12 12.76
C ALA A 85 -12.36 -19.81 12.92
N VAL A 86 -11.28 -19.61 12.16
CA VAL A 86 -10.55 -18.35 12.18
C VAL A 86 -11.43 -17.18 11.66
N ARG A 87 -12.10 -17.40 10.52
CA ARG A 87 -12.93 -16.34 9.95
C ARG A 87 -14.07 -15.93 10.89
N SER A 88 -14.67 -16.90 11.59
CA SER A 88 -15.72 -16.57 12.54
C SER A 88 -15.17 -15.83 13.76
N GLN A 89 -14.10 -16.36 14.35
CA GLN A 89 -13.66 -15.80 15.63
C GLN A 89 -13.08 -14.40 15.46
N VAL A 90 -12.38 -14.14 14.36
CA VAL A 90 -11.69 -12.88 14.20
C VAL A 90 -12.70 -11.73 14.17
N GLY A 91 -13.93 -12.00 13.71
CA GLY A 91 -15.01 -11.02 13.77
C GLY A 91 -15.60 -10.76 15.14
N ASP A 92 -15.38 -11.66 16.09
CA ASP A 92 -15.89 -11.51 17.43
C ASP A 92 -14.90 -10.79 18.36
N PHE A 93 -13.70 -11.34 18.48
CA PHE A 93 -12.60 -10.63 19.15
C PHE A 93 -11.29 -11.26 18.74
N THR A 94 -10.25 -10.43 18.62
CA THR A 94 -8.93 -10.95 18.30
C THR A 94 -8.12 -11.35 19.54
N HIS A 95 -8.38 -10.70 20.67
CA HIS A 95 -7.57 -10.88 21.88
C HIS A 95 -8.21 -10.12 23.01
N THR A 96 -8.39 -10.78 24.15
CA THR A 96 -8.75 -10.11 25.41
C THR A 96 -7.69 -10.29 26.50
N CYS A 97 -6.70 -11.17 26.25
CA CYS A 97 -5.76 -11.73 27.22
C CYS A 97 -6.53 -12.60 28.21
N PHE A 98 -6.30 -13.91 28.15
CA PHE A 98 -7.06 -14.80 29.01
C PHE A 98 -6.89 -14.42 30.49
N MET A 99 -5.69 -13.98 30.87
CA MET A 99 -5.40 -13.53 32.25
C MET A 99 -6.13 -12.26 32.66
N VAL A 100 -6.66 -11.51 31.70
CA VAL A 100 -7.49 -10.36 32.00
C VAL A 100 -8.97 -10.73 31.91
N THR A 101 -9.46 -10.94 30.68
CA THR A 101 -10.86 -11.39 30.47
C THR A 101 -10.87 -12.75 29.80
N PRO A 102 -11.24 -13.78 30.55
CA PRO A 102 -11.19 -15.13 29.97
C PRO A 102 -12.27 -15.39 28.94
N TYR A 103 -12.15 -16.53 28.25
CA TYR A 103 -13.10 -16.92 27.20
C TYR A 103 -13.17 -18.43 27.08
N GLU A 104 -14.31 -18.92 26.60
CA GLU A 104 -14.61 -20.33 26.55
C GLU A 104 -13.63 -21.12 25.74
N GLY A 105 -13.14 -20.55 24.62
CA GLY A 105 -12.21 -21.22 23.74
C GLY A 105 -10.96 -21.78 24.40
N TYR A 106 -10.40 -21.03 25.34
CA TYR A 106 -9.23 -21.47 26.08
C TYR A 106 -9.61 -22.66 26.96
N VAL A 107 -10.69 -22.51 27.73
CA VAL A 107 -11.16 -23.58 28.60
C VAL A 107 -11.47 -24.85 27.80
N ALA A 108 -12.16 -24.70 26.66
CA ALA A 108 -12.51 -25.86 25.82
C ALA A 108 -11.25 -26.55 25.31
N VAL A 109 -10.25 -25.80 24.84
CA VAL A 109 -9.02 -26.45 24.39
C VAL A 109 -8.36 -27.22 25.55
N CYS A 110 -8.34 -26.63 26.76
CA CYS A 110 -7.76 -27.33 27.91
C CYS A 110 -8.53 -28.61 28.20
N GLU A 111 -9.87 -28.54 28.18
CA GLU A 111 -10.70 -29.71 28.38
C GLU A 111 -10.38 -30.83 27.36
N GLN A 112 -10.19 -30.45 26.09
CA GLN A 112 -9.88 -31.42 25.04
C GLN A 112 -8.49 -32.05 25.24
N LEU A 113 -7.51 -31.23 25.59
CA LEU A 113 -6.20 -31.75 25.86
C LEU A 113 -6.25 -32.74 27.01
N ASN A 114 -7.02 -32.38 28.03
CA ASN A 114 -7.14 -33.22 29.22
C ASN A 114 -7.76 -34.57 28.82
N ARG A 115 -8.74 -34.54 27.93
CA ARG A 115 -9.42 -35.77 27.47
C ARG A 115 -8.52 -36.62 26.57
N LEU A 116 -7.75 -35.98 25.69
CA LEU A 116 -7.05 -36.69 24.59
C LEU A 116 -5.66 -37.24 24.94
N THR A 117 -5.01 -36.65 25.92
CA THR A 117 -3.60 -36.92 26.21
C THR A 117 -3.37 -38.23 26.95
N PRO A 118 -2.14 -38.77 26.87
CA PRO A 118 -1.85 -40.07 27.49
C PRO A 118 -1.53 -40.00 28.99
N VAL A 119 -1.54 -38.80 29.56
CA VAL A 119 -1.45 -38.61 30.99
C VAL A 119 -2.68 -39.26 31.61
N ARG A 120 -2.50 -39.93 32.75
CA ARG A 120 -3.60 -40.59 33.43
C ARG A 120 -4.10 -39.86 34.68
N GLY A 121 -5.37 -40.09 35.02
CA GLY A 121 -5.95 -39.49 36.22
C GLY A 121 -6.46 -38.08 35.99
N ASP A 122 -6.60 -37.36 37.08
CA ASP A 122 -7.09 -35.98 37.05
C ASP A 122 -6.03 -35.11 36.39
N LYS A 123 -6.44 -34.29 35.44
CA LYS A 123 -5.49 -33.49 34.62
C LYS A 123 -5.85 -32.01 34.58
N ARG A 124 -4.84 -31.17 34.35
CA ARG A 124 -5.04 -29.78 34.03
C ARG A 124 -4.12 -29.39 32.88
N SER A 125 -4.49 -28.33 32.17
CA SER A 125 -3.66 -27.81 31.07
C SER A 125 -3.45 -26.30 31.20
N ALA A 126 -2.45 -25.79 30.48
CA ALA A 126 -2.26 -24.36 30.32
C ALA A 126 -1.75 -24.10 28.91
N LEU A 127 -2.08 -22.96 28.33
CA LEU A 127 -1.81 -22.65 26.91
C LEU A 127 -0.80 -21.52 26.74
N PHE A 128 0.09 -21.68 25.78
CA PHE A 128 1.06 -20.65 25.42
C PHE A 128 1.07 -20.46 23.90
N ASN A 129 2.11 -19.85 23.34
CA ASN A 129 2.20 -19.67 21.89
C ASN A 129 3.10 -20.69 21.18
N SER A 130 4.37 -20.78 21.57
CA SER A 130 5.34 -21.62 20.87
C SER A 130 5.69 -22.88 21.64
N GLY A 131 6.20 -23.88 20.92
CA GLY A 131 6.70 -25.07 21.56
C GLY A 131 7.79 -24.74 22.58
N SER A 132 8.67 -23.79 22.29
CA SER A 132 9.71 -23.37 23.26
CA SER A 132 9.72 -23.41 23.26
C SER A 132 9.10 -22.85 24.56
N GLU A 133 8.10 -22.01 24.44
CA GLU A 133 7.42 -21.51 25.65
C GLU A 133 6.77 -22.64 26.43
N ALA A 134 6.15 -23.59 25.73
CA ALA A 134 5.49 -24.69 26.43
C ALA A 134 6.52 -25.56 27.15
N VAL A 135 7.66 -25.83 26.50
CA VAL A 135 8.72 -26.59 27.19
C VAL A 135 9.19 -25.80 28.42
N GLU A 136 9.43 -24.51 28.28
CA GLU A 136 9.79 -23.67 29.41
C GLU A 136 8.79 -23.78 30.56
N ASN A 137 7.52 -23.74 30.25
CA ASN A 137 6.50 -23.88 31.28
C ASN A 137 6.43 -25.27 31.92
N ALA A 138 6.65 -26.32 31.13
CA ALA A 138 6.70 -27.66 31.72
C ALA A 138 7.85 -27.72 32.76
N VAL A 139 8.97 -27.10 32.42
CA VAL A 139 10.12 -27.08 33.34
C VAL A 139 9.80 -26.24 34.60
N LYS A 140 9.20 -25.05 34.43
CA LYS A 140 8.76 -24.21 35.55
C LYS A 140 7.83 -24.97 36.48
N ILE A 141 6.86 -25.66 35.89
CA ILE A 141 5.88 -26.42 36.61
C ILE A 141 6.55 -27.54 37.42
N ALA A 142 7.49 -28.25 36.80
CA ALA A 142 8.18 -29.35 37.48
C ALA A 142 9.04 -28.86 38.63
N ARG A 143 9.76 -27.78 38.43
CA ARG A 143 10.55 -27.15 39.49
C ARG A 143 9.69 -26.66 40.64
N SER A 144 8.57 -26.01 40.32
CA SER A 144 7.64 -25.54 41.34
C SER A 144 7.09 -26.69 42.19
N HIS A 145 6.67 -27.75 41.50
CA HIS A 145 6.09 -28.90 42.18
C HIS A 145 7.07 -29.65 43.08
N THR A 146 8.27 -29.89 42.55
CA THR A 146 9.23 -30.75 43.23
C THR A 146 10.13 -29.98 44.21
N HIS A 147 10.28 -28.68 44.00
CA HIS A 147 11.27 -27.86 44.73
CA HIS A 147 11.26 -27.85 44.72
C HIS A 147 12.69 -28.42 44.54
N LYS A 148 12.94 -29.03 43.38
CA LYS A 148 14.27 -29.52 43.02
C LYS A 148 14.70 -28.77 41.77
N PRO A 149 16.02 -28.53 41.60
CA PRO A 149 16.55 -27.65 40.54
C PRO A 149 16.81 -28.28 39.17
N ALA A 150 17.33 -29.49 39.13
CA ALA A 150 17.94 -29.96 37.90
C ALA A 150 16.93 -30.51 36.91
N VAL A 151 17.28 -30.42 35.63
CA VAL A 151 16.53 -31.06 34.54
C VAL A 151 17.54 -31.79 33.67
N VAL A 152 17.20 -32.99 33.26
CA VAL A 152 18.03 -33.75 32.31
C VAL A 152 17.31 -33.94 30.98
N ALA A 153 18.07 -33.74 29.92
CA ALA A 153 17.64 -33.92 28.55
C ALA A 153 18.65 -34.88 27.89
N PHE A 154 18.39 -35.29 26.64
CA PHE A 154 19.18 -36.36 26.06
C PHE A 154 20.06 -35.95 24.92
N ASP A 155 21.04 -36.80 24.61
CA ASP A 155 21.78 -36.66 23.38
C ASP A 155 20.81 -36.60 22.21
N HIS A 156 21.15 -35.82 21.18
CA HIS A 156 20.29 -35.66 19.99
C HIS A 156 18.95 -34.96 20.23
N ALA A 157 18.76 -34.39 21.41
CA ALA A 157 17.50 -33.73 21.76
C ALA A 157 17.40 -32.34 21.14
N TYR A 158 16.16 -31.92 20.89
CA TYR A 158 15.87 -30.56 20.43
C TYR A 158 14.63 -30.10 21.16
N HIS A 159 14.71 -28.96 21.82
CA HIS A 159 13.57 -28.46 22.62
C HIS A 159 13.22 -27.00 22.39
N GLY A 160 14.04 -26.27 21.61
CA GLY A 160 13.72 -24.90 21.24
C GLY A 160 14.87 -23.90 21.27
N ARG A 161 14.51 -22.63 21.06
CA ARG A 161 15.49 -21.58 20.80
C ARG A 161 15.55 -20.44 21.83
N THR A 162 14.86 -20.60 22.97
CA THR A 162 15.02 -19.68 24.09
C THR A 162 16.27 -20.11 24.88
N ASN A 163 16.73 -19.30 25.83
CA ASN A 163 17.97 -19.62 26.53
C ASN A 163 17.88 -20.99 27.21
N LEU A 164 16.78 -21.26 27.91
CA LEU A 164 16.65 -22.56 28.60
C LEU A 164 16.39 -23.71 27.63
N THR A 165 15.59 -23.50 26.59
CA THR A 165 15.36 -24.58 25.65
C THR A 165 16.58 -24.84 24.77
N MET A 166 17.39 -23.79 24.47
CA MET A 166 18.72 -24.01 23.89
C MET A 166 19.57 -24.87 24.81
N ALA A 167 19.54 -24.58 26.11
CA ALA A 167 20.32 -25.41 27.05
C ALA A 167 19.93 -26.89 26.95
N LEU A 168 18.62 -27.13 26.86
CA LEU A 168 18.05 -28.47 26.75
C LEU A 168 18.40 -29.13 25.44
N THR A 169 18.56 -28.33 24.40
CA THR A 169 18.94 -28.80 23.06
C THR A 169 20.39 -29.24 23.03
N ALA A 170 20.69 -30.36 22.35
CA ALA A 170 22.04 -30.94 22.36
C ALA A 170 22.98 -30.32 21.34
N LYS A 171 22.51 -30.04 20.13
CA LYS A 171 23.38 -29.57 19.04
C LYS A 171 23.58 -28.05 19.04
N VAL A 172 24.84 -27.62 18.99
CA VAL A 172 25.19 -26.22 19.01
C VAL A 172 25.02 -25.48 17.68
N MET A 173 25.36 -26.11 16.55
CA MET A 173 25.21 -25.46 15.25
CA MET A 173 25.24 -25.48 15.23
C MET A 173 23.92 -25.91 14.60
N PRO A 174 23.01 -24.97 14.35
CA PRO A 174 23.05 -23.51 14.55
C PRO A 174 22.33 -23.03 15.82
N TYR A 175 21.74 -23.94 16.57
CA TYR A 175 20.75 -23.59 17.59
C TYR A 175 21.30 -22.80 18.77
N LYS A 176 22.53 -23.09 19.18
CA LYS A 176 23.13 -22.52 20.42
C LYS A 176 24.38 -21.64 20.24
N ASP A 177 24.98 -21.65 19.07
CA ASP A 177 26.35 -21.17 18.85
C ASP A 177 26.49 -19.66 19.15
N GLY A 178 27.26 -19.34 20.19
CA GLY A 178 27.48 -17.95 20.58
C GLY A 178 26.35 -17.25 21.35
N PHE A 179 25.33 -17.98 21.78
CA PHE A 179 24.14 -17.38 22.38
C PHE A 179 24.05 -17.53 23.89
N GLY A 180 25.05 -18.16 24.51
CA GLY A 180 25.08 -18.37 25.95
C GLY A 180 25.64 -17.17 26.68
N PRO A 181 25.90 -17.32 27.99
CA PRO A 181 25.78 -18.56 28.76
C PRO A 181 24.36 -19.05 29.01
N PHE A 182 24.23 -20.36 29.23
CA PHE A 182 22.93 -21.02 29.26
C PHE A 182 22.44 -21.33 30.66
N ALA A 183 21.11 -21.46 30.77
CA ALA A 183 20.41 -21.75 32.02
C ALA A 183 21.08 -22.87 32.80
N PRO A 184 21.26 -22.68 34.11
CA PRO A 184 22.00 -23.61 34.92
C PRO A 184 21.23 -24.89 35.28
N GLU A 185 21.97 -25.89 35.74
CA GLU A 185 21.42 -27.13 36.26
C GLU A 185 20.64 -27.93 35.18
N ILE A 186 21.14 -27.86 33.94
CA ILE A 186 20.67 -28.67 32.84
C ILE A 186 21.75 -29.69 32.53
N TYR A 187 21.38 -30.96 32.46
CA TYR A 187 22.32 -32.07 32.30
C TYR A 187 21.94 -32.92 31.08
N ARG A 188 22.92 -33.63 30.55
CA ARG A 188 22.81 -34.46 29.35
C ARG A 188 22.92 -35.96 29.68
N ALA A 189 21.99 -36.78 29.19
CA ALA A 189 22.03 -38.24 29.36
C ALA A 189 22.07 -38.96 28.02
N PRO A 190 22.71 -40.15 27.94
CA PRO A 190 22.76 -40.89 26.67
C PRO A 190 21.41 -41.47 26.20
N LEU A 191 21.25 -41.55 24.89
CA LEU A 191 20.00 -41.88 24.26
C LEU A 191 20.05 -43.29 23.60
N SER A 192 18.91 -43.97 23.55
CA SER A 192 18.79 -45.14 22.68
C SER A 192 18.70 -44.71 21.21
N TYR A 193 19.66 -45.12 20.41
CA TYR A 193 19.76 -44.75 19.01
C TYR A 193 20.23 -46.01 18.29
N PRO A 194 19.29 -46.92 17.99
CA PRO A 194 19.60 -48.24 17.53
C PRO A 194 20.62 -48.35 16.39
N PHE A 195 20.44 -47.61 15.31
CA PHE A 195 21.40 -47.61 14.21
C PHE A 195 22.87 -47.39 14.59
N ARG A 196 23.13 -46.44 15.47
CA ARG A 196 24.51 -46.15 15.91
C ARG A 196 24.91 -46.94 17.16
N ASP A 197 23.96 -47.39 17.97
CA ASP A 197 24.29 -48.25 19.10
C ASP A 197 24.72 -49.66 18.66
N ALA A 198 24.28 -50.10 17.47
CA ALA A 198 24.61 -51.44 16.96
C ALA A 198 26.11 -51.70 16.84
N GLU A 199 26.91 -50.67 16.57
CA GLU A 199 28.37 -50.77 16.50
C GLU A 199 28.96 -51.45 17.74
N PHE A 200 28.32 -51.24 18.90
CA PHE A 200 28.77 -51.77 20.19
C PHE A 200 27.99 -52.98 20.71
N GLY A 201 27.24 -53.65 19.83
CA GLY A 201 26.44 -54.81 20.21
C GLY A 201 25.07 -54.79 19.56
N LYS A 202 24.80 -55.76 18.69
CA LYS A 202 23.48 -55.91 18.06
C LYS A 202 22.37 -55.94 19.10
N GLU A 203 22.63 -56.60 20.24
CA GLU A 203 21.66 -56.67 21.33
C GLU A 203 21.32 -55.30 21.94
N LEU A 204 22.35 -54.49 22.24
CA LEU A 204 22.15 -53.14 22.79
C LEU A 204 21.42 -52.20 21.84
N ALA A 205 21.50 -52.50 20.55
CA ALA A 205 20.72 -51.77 19.58
C ALA A 205 19.20 -52.08 19.71
N THR A 206 18.83 -53.20 20.33
CA THR A 206 17.41 -53.54 20.49
C THR A 206 16.95 -53.66 21.95
N ASP A 207 17.88 -53.67 22.91
CA ASP A 207 17.52 -53.80 24.33
C ASP A 207 17.33 -52.40 24.93
N GLY A 208 16.13 -51.88 24.82
CA GLY A 208 15.86 -50.53 25.32
C GLY A 208 15.95 -50.40 26.83
N GLU A 209 15.55 -51.45 27.55
CA GLU A 209 15.69 -51.43 29.01
C GLU A 209 17.16 -51.21 29.42
N LEU A 210 18.08 -51.91 28.75
CA LEU A 210 19.51 -51.73 29.03
C LEU A 210 20.03 -50.31 28.72
N ALA A 211 19.57 -49.73 27.61
CA ALA A 211 19.93 -48.34 27.26
C ALA A 211 19.39 -47.37 28.30
N ALA A 212 18.18 -47.64 28.80
CA ALA A 212 17.61 -46.80 29.87
C ALA A 212 18.46 -46.94 31.14
N LYS A 213 18.90 -48.16 31.44
CA LYS A 213 19.73 -48.35 32.64
C LYS A 213 21.07 -47.60 32.55
N ARG A 214 21.65 -47.51 31.35
CA ARG A 214 22.86 -46.72 31.13
CA ARG A 214 22.87 -46.73 31.18
C ARG A 214 22.58 -45.25 31.43
N ALA A 215 21.43 -44.77 30.93
CA ALA A 215 21.02 -43.38 31.19
C ALA A 215 20.76 -43.13 32.67
N ILE A 216 20.06 -44.05 33.34
CA ILE A 216 19.77 -43.94 34.77
C ILE A 216 21.05 -43.88 35.63
N THR A 217 22.06 -44.64 35.25
CA THR A 217 23.32 -44.63 35.99
C THR A 217 23.98 -43.26 35.89
N VAL A 218 23.95 -42.68 34.70
CA VAL A 218 24.42 -41.31 34.51
C VAL A 218 23.63 -40.33 35.39
N ILE A 219 22.31 -40.42 35.34
CA ILE A 219 21.44 -39.52 36.08
C ILE A 219 21.64 -39.66 37.60
N ASP A 220 21.68 -40.90 38.08
CA ASP A 220 21.87 -41.18 39.47
C ASP A 220 23.20 -40.63 40.00
N LYS A 221 24.28 -40.95 39.28
CA LYS A 221 25.62 -40.64 39.73
C LYS A 221 25.97 -39.18 39.56
N GLN A 222 25.51 -38.56 38.47
CA GLN A 222 25.95 -37.22 38.13
C GLN A 222 24.98 -36.12 38.53
N ILE A 223 23.75 -36.48 38.91
CA ILE A 223 22.74 -35.51 39.35
C ILE A 223 22.12 -35.90 40.70
N GLY A 224 21.61 -37.11 40.76
CA GLY A 224 20.92 -37.59 41.95
C GLY A 224 19.44 -37.23 41.96
N ALA A 225 18.59 -38.24 42.17
CA ALA A 225 17.16 -37.98 42.16
C ALA A 225 16.72 -36.86 43.10
N ASP A 226 17.35 -36.74 44.28
CA ASP A 226 16.97 -35.71 45.26
C ASP A 226 17.30 -34.29 44.81
N ASN A 227 18.07 -34.13 43.73
CA ASN A 227 18.35 -32.80 43.13
C ASN A 227 17.68 -32.59 41.77
N LEU A 228 16.89 -33.57 41.33
CA LEU A 228 16.38 -33.62 39.94
C LEU A 228 14.88 -33.35 39.91
N ALA A 229 14.49 -32.27 39.23
CA ALA A 229 13.06 -31.94 39.05
C ALA A 229 12.41 -32.83 37.98
N ALA A 230 13.12 -33.04 36.87
CA ALA A 230 12.47 -33.57 35.67
C ALA A 230 13.43 -34.20 34.70
N VAL A 231 12.92 -35.22 34.00
CA VAL A 231 13.53 -35.81 32.81
C VAL A 231 12.63 -35.38 31.67
N VAL A 232 13.22 -34.78 30.63
CA VAL A 232 12.46 -34.36 29.45
C VAL A 232 12.96 -35.10 28.22
N ILE A 233 12.04 -35.72 27.48
CA ILE A 233 12.43 -36.51 26.33
C ILE A 233 11.34 -36.51 25.27
N GLU A 234 11.78 -36.45 24.01
CA GLU A 234 10.91 -36.62 22.86
C GLU A 234 10.69 -38.13 22.65
N PRO A 235 9.43 -38.57 22.42
CA PRO A 235 9.26 -40.02 22.19
C PRO A 235 9.99 -40.53 20.96
N ILE A 236 10.07 -39.68 19.93
CA ILE A 236 10.94 -39.85 18.75
C ILE A 236 11.66 -38.52 18.59
N GLN A 237 12.99 -38.52 18.59
CA GLN A 237 13.75 -37.27 18.45
C GLN A 237 13.52 -36.70 17.06
N GLY A 238 13.14 -35.43 16.99
CA GLY A 238 12.77 -34.82 15.74
C GLY A 238 13.93 -34.23 14.95
N GLU A 239 14.31 -33.01 15.31
CA GLU A 239 15.42 -32.32 14.67
C GLU A 239 16.71 -33.13 14.81
N GLY A 240 16.82 -33.95 15.86
CA GLY A 240 17.97 -34.82 16.06
C GLY A 240 18.07 -36.01 15.13
N GLY A 241 17.06 -36.27 14.30
CA GLY A 241 17.17 -37.27 13.20
C GLY A 241 16.09 -38.33 13.10
N PHE A 242 14.90 -38.05 13.65
CA PHE A 242 13.77 -39.02 13.66
C PHE A 242 14.20 -40.35 14.30
N ILE A 243 14.79 -40.26 15.49
CA ILE A 243 15.36 -41.41 16.15
C ILE A 243 14.26 -42.05 16.98
N VAL A 244 13.97 -43.30 16.70
CA VAL A 244 12.99 -44.06 17.47
C VAL A 244 13.75 -44.94 18.48
N PRO A 245 13.48 -44.78 19.78
CA PRO A 245 14.22 -45.59 20.77
C PRO A 245 13.91 -47.09 20.67
N ALA A 246 14.85 -47.93 21.09
CA ALA A 246 14.57 -49.34 21.24
C ALA A 246 13.41 -49.57 22.24
N ASP A 247 12.58 -50.58 21.98
CA ASP A 247 11.49 -50.91 22.90
C ASP A 247 12.05 -51.12 24.31
N GLY A 248 11.36 -50.58 25.32
CA GLY A 248 11.75 -50.73 26.73
C GLY A 248 12.47 -49.51 27.29
N PHE A 249 12.97 -48.65 26.41
CA PHE A 249 13.75 -47.46 26.86
C PHE A 249 12.83 -46.49 27.59
N LEU A 250 11.79 -46.02 26.91
CA LEU A 250 10.84 -45.09 27.56
C LEU A 250 10.09 -45.69 28.78
N PRO A 251 9.60 -46.94 28.68
CA PRO A 251 9.00 -47.51 29.88
C PRO A 251 9.92 -47.56 31.10
N THR A 252 11.18 -47.91 30.90
CA THR A 252 12.13 -48.02 32.02
C THR A 252 12.44 -46.62 32.63
N LEU A 253 12.61 -45.61 31.78
CA LEU A 253 12.79 -44.25 32.24
C LEU A 253 11.63 -43.78 33.08
N LEU A 254 10.41 -44.01 32.59
CA LEU A 254 9.23 -43.58 33.32
C LEU A 254 9.13 -44.28 34.67
N ASP A 255 9.35 -45.59 34.67
CA ASP A 255 9.29 -46.34 35.91
C ASP A 255 10.29 -45.75 36.93
N TRP A 256 11.50 -45.43 36.49
CA TRP A 256 12.51 -44.82 37.41
C TRP A 256 12.03 -43.49 37.94
N CYS A 257 11.50 -42.65 37.08
CA CYS A 257 10.99 -41.37 37.52
C CYS A 257 9.90 -41.53 38.59
N ARG A 258 8.98 -42.48 38.37
CA ARG A 258 7.87 -42.69 39.27
C ARG A 258 8.37 -43.19 40.63
N LYS A 259 9.42 -43.99 40.63
CA LYS A 259 9.97 -44.51 41.88
CA LYS A 259 9.99 -44.52 41.87
C LYS A 259 10.81 -43.48 42.61
N ASN A 260 11.24 -42.42 41.93
CA ASN A 260 12.19 -41.46 42.49
C ASN A 260 11.69 -40.03 42.57
N ASP A 261 10.37 -39.86 42.46
CA ASP A 261 9.72 -38.58 42.60
CA ASP A 261 9.76 -38.55 42.65
C ASP A 261 10.32 -37.50 41.67
N VAL A 262 10.52 -37.91 40.42
CA VAL A 262 11.03 -37.05 39.36
C VAL A 262 9.93 -36.94 38.29
N VAL A 263 9.67 -35.74 37.78
CA VAL A 263 8.62 -35.49 36.78
C VAL A 263 9.12 -35.97 35.43
N PHE A 264 8.37 -36.88 34.82
CA PHE A 264 8.68 -37.34 33.47
C PHE A 264 7.89 -36.48 32.49
N ILE A 265 8.60 -35.70 31.68
CA ILE A 265 8.00 -34.78 30.74
C ILE A 265 8.19 -35.33 29.34
N ALA A 266 7.09 -35.67 28.66
CA ALA A 266 7.13 -36.04 27.24
C ALA A 266 7.00 -34.80 26.40
N ASP A 267 8.03 -34.53 25.59
CA ASP A 267 7.97 -33.43 24.67
C ASP A 267 7.40 -33.94 23.34
N GLU A 268 6.09 -33.77 23.16
CA GLU A 268 5.37 -34.18 21.96
C GLU A 268 5.04 -33.00 21.07
N VAL A 269 5.86 -31.96 21.13
CA VAL A 269 5.70 -30.84 20.21
C VAL A 269 5.64 -31.31 18.74
N GLN A 270 6.58 -32.16 18.33
CA GLN A 270 6.62 -32.65 16.95
C GLN A 270 5.82 -33.95 16.74
N THR A 271 5.87 -34.88 17.70
CA THR A 271 5.19 -36.17 17.52
C THR A 271 3.68 -36.13 17.78
N GLY A 272 3.18 -35.09 18.44
CA GLY A 272 1.79 -35.06 18.89
C GLY A 272 0.76 -34.83 17.82
N PHE A 273 -0.49 -35.08 18.16
CA PHE A 273 -1.63 -34.82 17.23
C PHE A 273 -1.57 -35.61 15.89
N ALA A 274 -1.64 -36.94 16.02
CA ALA A 274 -1.88 -37.89 14.91
C ALA A 274 -0.62 -38.19 14.06
N ARG A 275 0.41 -37.38 14.22
CA ARG A 275 1.61 -37.44 13.41
C ARG A 275 2.23 -38.85 13.28
N THR A 276 2.24 -39.62 14.37
CA THR A 276 2.96 -40.90 14.39
C THR A 276 2.03 -42.12 14.24
N GLY A 277 0.78 -41.90 13.85
CA GLY A 277 -0.17 -43.00 13.68
C GLY A 277 -0.82 -43.41 14.99
N ALA A 278 -0.77 -42.51 15.97
CA ALA A 278 -1.54 -42.59 17.19
C ALA A 278 -1.83 -41.13 17.50
N MET A 279 -2.81 -40.85 18.36
CA MET A 279 -3.07 -39.46 18.69
C MET A 279 -1.81 -38.84 19.31
N PHE A 280 -1.19 -39.55 20.24
CA PHE A 280 0.10 -39.15 20.81
C PHE A 280 1.06 -40.31 20.76
N ALA A 281 2.33 -40.00 20.48
CA ALA A 281 3.35 -41.02 20.32
C ALA A 281 3.64 -41.85 21.57
N CYS A 282 3.33 -41.29 22.75
CA CYS A 282 3.42 -42.09 24.00
C CYS A 282 2.54 -43.37 23.99
N GLU A 283 1.48 -43.36 23.18
CA GLU A 283 0.58 -44.50 23.11
C GLU A 283 1.25 -45.75 22.57
N HIS A 284 2.28 -45.62 21.73
CA HIS A 284 2.85 -46.79 21.07
CA HIS A 284 2.87 -46.80 21.07
C HIS A 284 3.36 -47.81 22.10
N GLU A 285 3.96 -47.33 23.20
CA GLU A 285 4.37 -48.23 24.28
C GLU A 285 3.54 -48.12 25.55
N GLY A 286 2.41 -47.42 25.48
CA GLY A 286 1.53 -47.29 26.63
C GLY A 286 2.13 -46.45 27.74
N ILE A 287 2.96 -45.46 27.38
CA ILE A 287 3.61 -44.56 28.34
C ILE A 287 2.60 -43.54 28.81
N ASP A 288 2.43 -43.42 30.12
CA ASP A 288 1.65 -42.33 30.70
C ASP A 288 2.61 -41.34 31.39
N PRO A 289 2.96 -40.26 30.68
CA PRO A 289 3.91 -39.30 31.28
C PRO A 289 3.25 -38.48 32.40
N ASP A 290 4.05 -37.81 33.21
CA ASP A 290 3.54 -36.89 34.22
C ASP A 290 3.03 -35.58 33.58
N LEU A 291 3.82 -35.06 32.64
CA LEU A 291 3.46 -33.86 31.87
C LEU A 291 3.68 -34.19 30.39
N ILE A 292 2.90 -33.57 29.53
CA ILE A 292 3.10 -33.67 28.07
C ILE A 292 3.06 -32.26 27.47
N VAL A 293 4.06 -31.95 26.62
CA VAL A 293 4.17 -30.67 25.93
C VAL A 293 3.68 -30.86 24.51
N THR A 294 2.83 -29.95 24.04
CA THR A 294 2.30 -30.03 22.67
C THR A 294 2.41 -28.67 22.00
N ALA A 295 2.51 -28.70 20.68
CA ALA A 295 2.47 -27.48 19.86
C ALA A 295 2.33 -27.91 18.40
N GLY A 297 1.33 -29.21 15.40
CA GLY A 297 0.07 -29.64 14.76
C GLY A 297 -1.22 -29.30 15.47
N ILE A 298 -1.12 -28.86 16.74
CA ILE A 298 -2.27 -28.60 17.59
C ILE A 298 -3.35 -27.68 16.99
N ALA A 299 -2.93 -26.70 16.22
CA ALA A 299 -3.86 -25.68 15.75
C ALA A 299 -3.80 -25.38 14.25
N GLY A 300 -3.37 -26.35 13.46
CA GLY A 300 -3.51 -26.26 12.00
C GLY A 300 -2.73 -25.13 11.36
N GLY A 301 -1.68 -24.67 12.06
CA GLY A 301 -0.86 -23.57 11.59
C GLY A 301 -0.94 -22.30 12.42
N LEU A 302 -1.95 -22.17 13.28
CA LEU A 302 -2.05 -20.97 14.14
C LEU A 302 -1.09 -21.12 15.33
N PRO A 303 -0.55 -20.01 15.84
CA PRO A 303 0.40 -20.15 16.97
C PRO A 303 -0.25 -20.51 18.30
N LEU A 304 -0.05 -21.76 18.70
CA LEU A 304 -0.55 -22.24 19.97
C LEU A 304 0.34 -23.37 20.47
N SER A 305 0.46 -23.46 21.79
CA SER A 305 1.16 -24.57 22.43
C SER A 305 0.51 -24.83 23.78
N ALA A 306 0.93 -25.92 24.44
CA ALA A 306 0.33 -26.29 25.71
C ALA A 306 1.19 -27.21 26.54
N VAL A 307 0.91 -27.20 27.83
CA VAL A 307 1.38 -28.22 28.77
C VAL A 307 0.12 -28.80 29.39
N THR A 308 0.05 -30.13 29.41
CA THR A 308 -0.99 -30.90 30.07
C THR A 308 -0.36 -31.87 31.03
N GLY A 309 -0.95 -32.07 32.21
CA GLY A 309 -0.35 -32.94 33.22
C GLY A 309 -1.23 -33.31 34.39
N ARG A 310 -0.71 -34.22 35.19
CA ARG A 310 -1.41 -34.63 36.41
C ARG A 310 -1.73 -33.36 37.21
N ALA A 311 -2.96 -33.26 37.70
CA ALA A 311 -3.43 -32.01 38.31
C ALA A 311 -2.56 -31.50 39.43
N GLU A 312 -2.16 -32.40 40.32
CA GLU A 312 -1.37 -32.04 41.51
C GLU A 312 -0.03 -31.44 41.12
N ILE A 313 0.50 -31.83 39.96
CA ILE A 313 1.77 -31.25 39.49
C ILE A 313 1.48 -29.89 38.86
N MET A 314 0.52 -29.88 37.92
CA MET A 314 0.15 -28.64 37.20
C MET A 314 -0.28 -27.47 38.08
N ASP A 315 -0.94 -27.79 39.21
CA ASP A 315 -1.48 -26.78 40.10
C ASP A 315 -0.46 -26.27 41.13
N SER A 316 0.78 -26.74 41.10
CA SER A 316 1.80 -26.27 42.06
C SER A 316 2.14 -24.78 41.90
N PRO A 317 2.39 -24.30 40.67
CA PRO A 317 2.61 -22.86 40.55
C PRO A 317 1.47 -22.04 41.10
N HIS A 318 1.84 -20.98 41.80
CA HIS A 318 0.87 -20.09 42.41
CA HIS A 318 0.89 -20.07 42.42
C HIS A 318 0.07 -19.34 41.35
N VAL A 319 -1.10 -18.84 41.76
CA VAL A 319 -1.96 -18.05 40.89
C VAL A 319 -1.14 -16.92 40.28
N SER A 320 -1.26 -16.74 38.97
CA SER A 320 -0.53 -15.75 38.17
C SER A 320 0.96 -16.07 37.91
N GLY A 321 1.39 -17.25 38.34
CA GLY A 321 2.77 -17.70 38.10
C GLY A 321 2.99 -18.28 36.70
N LEU A 322 1.90 -18.56 36.00
CA LEU A 322 1.98 -19.04 34.62
C LEU A 322 1.22 -18.10 33.72
N GLY A 323 1.69 -17.94 32.52
CA GLY A 323 0.84 -17.26 31.51
C GLY A 323 1.67 -16.55 30.48
N GLY A 324 1.38 -15.27 30.23
CA GLY A 324 1.91 -14.62 29.05
C GLY A 324 0.75 -13.88 28.37
N THR A 325 1.09 -12.86 27.61
CA THR A 325 0.06 -11.97 27.10
C THR A 325 -0.84 -12.65 26.08
N TYR A 326 -0.23 -13.29 25.07
CA TYR A 326 -0.97 -13.79 23.93
C TYR A 326 -1.48 -15.21 24.13
N GLY A 327 -0.85 -15.94 25.06
CA GLY A 327 -1.02 -17.40 25.15
C GLY A 327 -2.48 -17.85 25.10
N GLY A 328 -2.78 -18.89 24.34
CA GLY A 328 -4.15 -19.33 24.21
C GLY A 328 -4.99 -18.31 23.49
N ASN A 329 -4.44 -17.71 22.44
CA ASN A 329 -5.14 -16.69 21.67
C ASN A 329 -6.48 -17.27 21.19
N PRO A 330 -7.57 -16.49 21.25
CA PRO A 330 -8.90 -17.04 20.91
C PRO A 330 -9.05 -17.53 19.48
N ILE A 331 -8.35 -16.92 18.55
CA ILE A 331 -8.37 -17.36 17.17
C ILE A 331 -7.62 -18.70 17.07
N ALA A 332 -6.47 -18.79 17.73
CA ALA A 332 -5.74 -20.03 17.78
C ALA A 332 -6.50 -21.14 18.45
N CYS A 333 -7.25 -20.82 19.50
CA CYS A 333 -8.03 -21.82 20.20
C CYS A 333 -9.14 -22.39 19.30
N ALA A 334 -9.83 -21.49 18.61
CA ALA A 334 -10.85 -21.89 17.62
C ALA A 334 -10.24 -22.84 16.58
N ALA A 335 -9.06 -22.52 16.09
CA ALA A 335 -8.33 -23.35 15.14
C ALA A 335 -7.95 -24.72 15.69
N ALA A 336 -7.53 -24.77 16.95
CA ALA A 336 -7.18 -26.03 17.60
C ALA A 336 -8.39 -26.95 17.76
N LEU A 337 -9.52 -26.41 18.19
CA LEU A 337 -10.74 -27.19 18.28
C LEU A 337 -11.16 -27.72 16.90
N ALA A 338 -11.02 -26.87 15.88
CA ALA A 338 -11.29 -27.27 14.51
C ALA A 338 -10.33 -28.36 14.05
N THR A 339 -9.06 -28.25 14.47
CA THR A 339 -8.05 -29.26 14.14
C THR A 339 -8.36 -30.64 14.76
N ILE A 340 -8.68 -30.64 16.05
CA ILE A 340 -9.06 -31.85 16.76
C ILE A 340 -10.27 -32.51 16.06
N GLU A 341 -11.27 -31.69 15.75
CA GLU A 341 -12.49 -32.19 15.11
C GLU A 341 -12.18 -32.78 13.74
N THR A 342 -11.24 -32.16 13.02
CA THR A 342 -10.79 -32.66 11.72
C THR A 342 -10.08 -34.02 11.87
N ILE A 343 -9.16 -34.13 12.84
CA ILE A 343 -8.50 -35.40 13.06
C ILE A 343 -9.46 -36.53 13.38
N GLU A 344 -10.41 -36.26 14.26
CA GLU A 344 -11.38 -37.26 14.68
C GLU A 344 -12.41 -37.59 13.58
N SER A 345 -12.95 -36.57 12.92
CA SER A 345 -13.98 -36.79 11.90
C SER A 345 -13.46 -37.42 10.62
N GLU A 346 -12.20 -37.17 10.26
CA GLU A 346 -11.66 -37.71 9.02
CA GLU A 346 -11.63 -37.68 9.00
C GLU A 346 -10.72 -38.89 9.23
N GLY A 347 -10.64 -39.36 10.46
CA GLY A 347 -9.86 -40.58 10.76
C GLY A 347 -8.38 -40.41 10.41
N LEU A 348 -7.82 -39.27 10.79
CA LEU A 348 -6.46 -38.95 10.40
C LEU A 348 -5.40 -39.77 11.15
N VAL A 349 -5.71 -40.30 12.32
CA VAL A 349 -4.78 -41.24 12.99
C VAL A 349 -4.57 -42.46 12.08
N ALA A 350 -5.67 -43.00 11.52
CA ALA A 350 -5.58 -44.14 10.61
C ALA A 350 -4.89 -43.71 9.32
N ARG A 351 -5.15 -42.47 8.86
CA ARG A 351 -4.46 -41.99 7.67
C ARG A 351 -2.93 -41.97 7.86
N ALA A 352 -2.47 -41.53 9.03
CA ALA A 352 -1.03 -41.55 9.29
C ALA A 352 -0.47 -42.97 9.20
N GLN A 353 -1.22 -43.95 9.66
CA GLN A 353 -0.85 -45.35 9.55
C GLN A 353 -0.71 -45.81 8.10
N GLN A 354 -1.63 -45.36 7.26
CA GLN A 354 -1.60 -45.66 5.84
C GLN A 354 -0.36 -45.07 5.19
N ILE A 355 -0.04 -43.85 5.61
CA ILE A 355 1.11 -43.13 5.07
C ILE A 355 2.40 -43.81 5.51
N GLU A 356 2.45 -44.29 6.75
CA GLU A 356 3.61 -45.05 7.23
C GLU A 356 3.87 -46.25 6.33
N LYS A 357 2.83 -46.99 6.00
CA LYS A 357 2.99 -48.17 5.16
C LYS A 357 3.60 -47.83 3.79
N ILE A 358 3.05 -46.81 3.14
CA ILE A 358 3.54 -46.37 1.83
C ILE A 358 4.99 -45.92 1.91
N MET A 359 5.30 -45.07 2.89
CA MET A 359 6.64 -44.53 3.00
C MET A 359 7.67 -45.61 3.32
N LYS A 360 7.35 -46.51 4.24
CA LYS A 360 8.32 -47.54 4.62
C LYS A 360 8.52 -48.53 3.50
N ASP A 361 7.47 -48.83 2.73
CA ASP A 361 7.56 -49.68 1.54
CA ASP A 361 7.59 -49.70 1.58
C ASP A 361 8.47 -49.06 0.49
N ARG A 362 8.17 -47.82 0.10
CA ARG A 362 8.92 -47.12 -0.95
C ARG A 362 10.39 -46.94 -0.53
N LEU A 363 10.59 -46.46 0.70
CA LEU A 363 11.96 -46.20 1.19
C LEU A 363 12.77 -47.48 1.43
N GLY A 364 12.12 -48.51 1.94
CA GLY A 364 12.72 -49.83 2.07
C GLY A 364 13.17 -50.41 0.74
N ARG A 365 12.37 -50.26 -0.32
CA ARG A 365 12.75 -50.74 -1.65
C ARG A 365 13.94 -49.92 -2.16
N LEU A 366 13.92 -48.62 -1.87
CA LEU A 366 15.02 -47.74 -2.24
C LEU A 366 16.31 -48.16 -1.51
N GLN A 367 16.22 -48.40 -0.19
CA GLN A 367 17.37 -48.85 0.60
C GLN A 367 17.96 -50.14 0.02
N ALA A 368 17.07 -51.03 -0.44
CA ALA A 368 17.49 -52.29 -1.07
C ALA A 368 18.33 -52.05 -2.32
N GLU A 369 18.06 -50.97 -3.04
CA GLU A 369 18.81 -50.68 -4.27
C GLU A 369 19.98 -49.72 -4.02
N ASP A 370 20.03 -49.05 -2.87
CA ASP A 370 21.07 -48.04 -2.62
C ASP A 370 21.62 -48.15 -1.17
N ASP A 371 22.78 -48.77 -1.02
CA ASP A 371 23.34 -48.97 0.32
C ASP A 371 23.91 -47.67 0.94
N ARG A 372 23.76 -46.53 0.28
CA ARG A 372 24.02 -45.25 0.93
C ARG A 372 22.93 -44.91 1.93
N ILE A 373 21.81 -45.62 1.84
CA ILE A 373 20.74 -45.52 2.83
C ILE A 373 20.99 -46.51 3.97
N GLY A 374 21.49 -46.02 5.09
CA GLY A 374 21.89 -46.87 6.20
C GLY A 374 20.72 -47.34 7.04
N ASP A 375 19.66 -46.53 7.14
CA ASP A 375 18.57 -46.80 8.04
C ASP A 375 17.33 -46.10 7.54
N VAL A 376 16.20 -46.79 7.65
CA VAL A 376 14.88 -46.20 7.43
C VAL A 376 14.09 -46.39 8.73
N ARG A 377 13.52 -45.31 9.25
CA ARG A 377 12.93 -45.34 10.59
C ARG A 377 11.84 -44.30 10.75
N GLY A 378 11.06 -44.46 11.82
CA GLY A 378 10.01 -43.54 12.19
C GLY A 378 8.67 -44.25 12.30
N ARG A 379 7.62 -43.47 12.57
CA ARG A 379 6.26 -44.00 12.68
CA ARG A 379 6.27 -44.01 12.66
C ARG A 379 5.30 -43.02 12.02
N GLY A 380 4.19 -43.55 11.51
CA GLY A 380 3.15 -42.73 10.93
C GLY A 380 3.66 -41.87 9.79
N ALA A 381 3.39 -40.57 9.84
CA ALA A 381 3.89 -39.62 8.83
C ALA A 381 5.10 -38.85 9.35
N MET A 382 5.93 -39.53 10.13
CA MET A 382 7.21 -39.03 10.62
C MET A 382 8.25 -40.13 10.35
N ILE A 383 8.74 -40.16 9.10
CA ILE A 383 9.61 -41.21 8.59
C ILE A 383 10.86 -40.57 8.00
N ALA A 384 12.00 -41.23 8.17
CA ALA A 384 13.24 -40.69 7.69
C ALA A 384 14.17 -41.75 7.19
N MET A 385 15.10 -41.33 6.36
CA MET A 385 16.23 -42.18 5.98
C MET A 385 17.53 -41.48 6.30
N GLU A 386 18.48 -42.25 6.83
CA GLU A 386 19.77 -41.71 7.23
C GLU A 386 20.81 -42.13 6.20
N LEU A 387 21.52 -41.13 5.66
CA LEU A 387 22.48 -41.36 4.57
C LEU A 387 23.91 -41.46 5.09
N VAL A 388 24.61 -42.48 4.60
CA VAL A 388 25.95 -42.82 5.06
C VAL A 388 26.87 -43.20 3.92
N LYS A 389 28.18 -43.18 4.15
CA LYS A 389 29.10 -43.81 3.19
C LYS A 389 28.76 -45.31 3.17
N ALA A 390 28.52 -45.88 2.00
CA ALA A 390 28.07 -47.27 1.89
C ALA A 390 28.93 -48.26 2.67
N GLY A 391 28.28 -49.16 3.41
CA GLY A 391 28.99 -50.16 4.20
C GLY A 391 29.45 -49.70 5.58
N THR A 392 29.16 -48.45 5.94
CA THR A 392 29.62 -47.87 7.21
C THR A 392 28.49 -47.10 7.89
N THR A 393 28.78 -46.54 9.06
CA THR A 393 27.89 -45.55 9.68
C THR A 393 28.47 -44.11 9.59
N GLU A 394 29.43 -43.89 8.68
CA GLU A 394 29.98 -42.54 8.49
C GLU A 394 28.91 -41.67 7.81
N PRO A 395 28.59 -40.51 8.39
CA PRO A 395 27.49 -39.73 7.83
C PRO A 395 27.86 -39.14 6.47
N ASP A 396 26.87 -39.04 5.58
CA ASP A 396 27.07 -38.32 4.33
C ASP A 396 26.13 -37.11 4.25
N ALA A 397 26.52 -36.02 4.90
CA ALA A 397 25.77 -34.76 4.84
C ALA A 397 25.84 -34.12 3.46
N ASP A 398 26.93 -34.37 2.71
CA ASP A 398 27.08 -33.79 1.37
C ASP A 398 25.99 -34.36 0.45
N LEU A 399 25.80 -35.67 0.50
CA LEU A 399 24.78 -36.32 -0.31
C LEU A 399 23.39 -35.85 0.08
N THR A 400 23.17 -35.69 1.38
CA THR A 400 21.92 -35.17 1.92
C THR A 400 21.59 -33.79 1.35
N LYS A 401 22.55 -32.89 1.37
CA LYS A 401 22.38 -31.55 0.80
C LYS A 401 22.09 -31.60 -0.69
N ALA A 402 22.81 -32.45 -1.42
CA ALA A 402 22.62 -32.62 -2.86
C ALA A 402 21.22 -33.14 -3.19
N LEU A 403 20.77 -34.09 -2.41
CA LEU A 403 19.46 -34.69 -2.62
C LEU A 403 18.34 -33.69 -2.40
N CYS A 404 18.43 -32.97 -1.28
CA CYS A 404 17.45 -31.95 -0.98
C CYS A 404 17.44 -30.84 -2.03
N ALA A 405 18.61 -30.37 -2.45
CA ALA A 405 18.69 -29.33 -3.47
C ALA A 405 18.07 -29.80 -4.77
N GLY A 406 18.35 -31.05 -5.16
CA GLY A 406 17.79 -31.56 -6.42
C GLY A 406 16.29 -31.71 -6.34
N ALA A 407 15.80 -32.18 -5.19
CA ALA A 407 14.37 -32.34 -4.98
C ALA A 407 13.67 -30.97 -5.07
N HIS A 408 14.23 -29.96 -4.41
CA HIS A 408 13.66 -28.60 -4.46
C HIS A 408 13.58 -28.07 -5.89
N ALA A 409 14.63 -28.31 -6.66
CA ALA A 409 14.67 -27.85 -8.06
C ALA A 409 13.57 -28.50 -8.90
N ALA A 410 13.16 -29.70 -8.51
CA ALA A 410 12.14 -30.45 -9.20
C ALA A 410 10.77 -30.24 -8.56
N GLY A 411 10.61 -29.21 -7.74
CA GLY A 411 9.31 -28.86 -7.22
C GLY A 411 8.83 -29.76 -6.09
N VAL A 412 9.74 -30.22 -5.24
CA VAL A 412 9.33 -30.99 -4.04
C VAL A 412 9.95 -30.38 -2.79
N ILE A 413 9.10 -30.06 -1.81
CA ILE A 413 9.57 -29.56 -0.52
C ILE A 413 9.93 -30.74 0.34
N VAL A 414 11.23 -30.89 0.65
CA VAL A 414 11.70 -31.96 1.51
C VAL A 414 12.81 -31.41 2.40
N LEU A 415 12.79 -31.84 3.67
CA LEU A 415 13.66 -31.32 4.71
C LEU A 415 14.70 -32.37 5.11
N SER A 416 15.78 -31.89 5.72
CA SER A 416 16.79 -32.74 6.31
C SER A 416 16.81 -32.41 7.78
N CYS A 417 17.61 -33.18 8.50
CA CYS A 417 17.78 -32.99 9.94
C CYS A 417 18.93 -33.86 10.40
N GLY A 418 19.13 -33.98 11.72
CA GLY A 418 20.12 -34.90 12.26
C GLY A 418 21.32 -34.22 12.89
N THR A 419 21.79 -34.83 13.95
CA THR A 419 23.02 -34.38 14.60
C THR A 419 24.17 -34.24 13.61
N TYR A 420 24.22 -35.12 12.61
CA TYR A 420 25.32 -35.12 11.62
C TYR A 420 24.87 -34.61 10.25
N GLY A 421 23.66 -34.07 10.17
CA GLY A 421 23.20 -33.37 8.97
C GLY A 421 22.89 -34.29 7.82
N ASN A 422 22.66 -35.57 8.13
CA ASN A 422 22.62 -36.62 7.10
C ASN A 422 21.32 -37.43 7.13
N VAL A 423 20.24 -36.83 7.60
CA VAL A 423 18.94 -37.49 7.65
C VAL A 423 17.98 -36.72 6.75
N VAL A 424 17.39 -37.40 5.78
CA VAL A 424 16.33 -36.85 4.95
C VAL A 424 15.03 -37.32 5.57
N ARG A 425 14.20 -36.38 5.99
CA ARG A 425 12.97 -36.70 6.69
C ARG A 425 11.75 -36.38 5.85
N PHE A 426 10.65 -37.02 6.20
CA PHE A 426 9.42 -36.91 5.47
C PHE A 426 8.32 -36.60 6.47
N LEU A 427 7.71 -35.43 6.28
CA LEU A 427 6.62 -34.94 7.12
C LEU A 427 5.48 -34.46 6.23
N PRO A 428 4.92 -35.37 5.41
CA PRO A 428 3.80 -34.93 4.60
C PRO A 428 2.62 -34.58 5.50
N PRO A 429 1.77 -33.65 5.06
CA PRO A 429 0.50 -33.44 5.75
C PRO A 429 -0.38 -34.67 5.55
N LEU A 430 -1.31 -34.94 6.46
CA LEU A 430 -2.17 -36.12 6.34
C LEU A 430 -3.26 -35.94 5.25
N SER A 431 -3.41 -34.72 4.74
CA SER A 431 -4.27 -34.40 3.62
C SER A 431 -3.64 -34.70 2.26
N ILE A 432 -2.40 -35.18 2.21
CA ILE A 432 -1.78 -35.48 0.92
C ILE A 432 -2.48 -36.71 0.35
N GLY A 433 -2.71 -36.74 -0.96
CA GLY A 433 -3.22 -37.96 -1.58
C GLY A 433 -2.10 -38.95 -1.86
N ASP A 434 -2.43 -40.23 -1.99
CA ASP A 434 -1.44 -41.26 -2.29
C ASP A 434 -0.66 -40.95 -3.57
N ASP A 435 -1.34 -40.43 -4.60
CA ASP A 435 -0.63 -40.20 -5.86
C ASP A 435 0.46 -39.14 -5.71
N LEU A 436 0.16 -38.02 -5.04
CA LEU A 436 1.17 -36.98 -4.84
C LEU A 436 2.26 -37.45 -3.90
N LEU A 437 1.92 -38.23 -2.88
CA LEU A 437 2.92 -38.77 -1.97
C LEU A 437 3.88 -39.67 -2.75
N ASN A 438 3.33 -40.57 -3.54
CA ASN A 438 4.16 -41.46 -4.37
C ASN A 438 5.00 -40.70 -5.41
N GLU A 439 4.45 -39.61 -5.95
CA GLU A 439 5.19 -38.76 -6.92
C GLU A 439 6.38 -38.04 -6.27
N GLY A 440 6.17 -37.52 -5.06
CA GLY A 440 7.22 -36.89 -4.32
C GLY A 440 8.38 -37.87 -4.10
N LEU A 441 8.03 -39.09 -3.71
CA LEU A 441 9.05 -40.11 -3.49
C LEU A 441 9.73 -40.53 -4.80
N ASP A 442 8.98 -40.55 -5.90
CA ASP A 442 9.57 -40.78 -7.24
C ASP A 442 10.65 -39.76 -7.57
N VAL A 443 10.38 -38.50 -7.25
CA VAL A 443 11.35 -37.43 -7.48
C VAL A 443 12.63 -37.67 -6.65
N LEU A 444 12.46 -37.99 -5.38
CA LEU A 444 13.61 -38.29 -4.55
C LEU A 444 14.42 -39.43 -5.17
N GLU A 445 13.75 -40.48 -5.66
CA GLU A 445 14.48 -41.62 -6.27
C GLU A 445 15.27 -41.20 -7.51
N GLU A 446 14.65 -40.41 -8.36
CA GLU A 446 15.28 -39.93 -9.58
C GLU A 446 16.51 -39.06 -9.27
N VAL A 447 16.38 -38.18 -8.28
CA VAL A 447 17.50 -37.34 -7.88
C VAL A 447 18.63 -38.18 -7.27
N LEU A 448 18.27 -39.14 -6.42
CA LEU A 448 19.27 -39.98 -5.75
C LEU A 448 20.03 -40.84 -6.78
N ARG A 449 19.32 -41.34 -7.78
CA ARG A 449 19.93 -42.10 -8.90
C ARG A 449 20.96 -41.29 -9.70
N GLY A 450 20.75 -39.98 -9.82
CA GLY A 450 21.68 -39.11 -10.53
C GLY A 450 22.62 -38.39 -9.56
N VAL B 6 -17.39 -6.17 9.68
CA VAL B 6 -17.32 -6.47 11.15
C VAL B 6 -18.37 -5.63 11.89
N SER B 7 -19.02 -6.24 12.88
CA SER B 7 -20.06 -5.59 13.67
C SER B 7 -19.71 -5.66 15.17
N HIS B 8 -19.15 -4.58 15.70
CA HIS B 8 -18.73 -4.54 17.11
C HIS B 8 -19.95 -4.49 18.05
N PRO B 9 -19.75 -4.80 19.35
CA PRO B 9 -20.84 -4.68 20.32
C PRO B 9 -21.32 -3.23 20.44
N GLU B 10 -22.52 -3.07 21.00
CA GLU B 10 -23.11 -1.76 21.29
CA GLU B 10 -23.07 -1.73 21.20
C GLU B 10 -22.15 -0.96 22.15
N GLN B 11 -21.91 0.32 21.82
CA GLN B 11 -20.93 1.15 22.52
C GLN B 11 -21.50 1.85 23.75
N SER B 12 -22.01 1.05 24.66
CA SER B 12 -22.52 1.51 25.93
C SER B 12 -22.35 0.45 26.99
N ARG B 13 -22.09 0.90 28.20
CA ARG B 13 -21.95 0.01 29.35
C ARG B 13 -23.34 -0.51 29.71
N HIS B 14 -23.42 -1.78 30.07
CA HIS B 14 -24.71 -2.40 30.39
C HIS B 14 -24.55 -3.54 31.38
N LEU B 15 -25.25 -3.42 32.51
CA LEU B 15 -25.26 -4.47 33.50
C LEU B 15 -26.58 -5.23 33.38
N ALA B 16 -26.55 -6.32 32.61
CA ALA B 16 -27.71 -7.21 32.41
C ALA B 16 -27.91 -8.10 33.63
N THR B 17 -26.81 -8.51 34.23
CA THR B 17 -26.82 -9.40 35.39
C THR B 17 -25.86 -8.89 36.46
N ALA B 18 -25.84 -9.58 37.60
CA ALA B 18 -24.74 -9.46 38.56
C ALA B 18 -23.45 -9.89 37.85
N ILE B 19 -22.32 -9.47 38.40
CA ILE B 19 -21.00 -9.81 37.87
C ILE B 19 -20.29 -10.68 38.90
N PRO B 20 -20.07 -11.97 38.58
CA PRO B 20 -20.39 -12.70 37.34
C PRO B 20 -21.86 -13.11 37.22
N GLY B 21 -22.32 -13.27 35.99
CA GLY B 21 -23.66 -13.80 35.75
C GLY B 21 -23.60 -15.31 35.71
N PRO B 22 -24.75 -15.96 35.46
CA PRO B 22 -24.81 -17.42 35.46
C PRO B 22 -23.96 -18.12 34.42
N ARG B 23 -23.94 -17.61 33.19
CA ARG B 23 -23.15 -18.25 32.14
C ARG B 23 -21.65 -18.13 32.44
N SER B 24 -21.24 -16.96 32.92
CA SER B 24 -19.84 -16.78 33.36
C SER B 24 -19.50 -17.70 34.55
N GLN B 25 -20.42 -17.84 35.50
CA GLN B 25 -20.17 -18.74 36.64
C GLN B 25 -19.96 -20.18 36.17
N ALA B 26 -20.77 -20.64 35.23
CA ALA B 26 -20.61 -21.98 34.67
C ALA B 26 -19.21 -22.15 34.05
N LEU B 27 -18.77 -21.15 33.32
CA LEU B 27 -17.42 -21.14 32.75
C LEU B 27 -16.31 -21.04 33.80
N ILE B 28 -16.52 -20.24 34.85
CA ILE B 28 -15.55 -20.20 35.99
C ILE B 28 -15.38 -21.61 36.57
N ASP B 29 -16.48 -22.33 36.73
CA ASP B 29 -16.45 -23.69 37.28
C ASP B 29 -15.71 -24.65 36.37
N ARG B 30 -15.96 -24.56 35.07
CA ARG B 30 -15.20 -25.35 34.08
C ARG B 30 -13.71 -25.03 34.09
N LYS B 31 -13.37 -23.75 34.16
CA LYS B 31 -11.98 -23.33 34.19
C LYS B 31 -11.28 -23.95 35.39
N GLY B 32 -11.92 -23.94 36.55
CA GLY B 32 -11.30 -24.49 37.75
C GLY B 32 -10.97 -25.96 37.70
N THR B 33 -11.69 -26.73 36.89
CA THR B 33 -11.37 -28.15 36.80
C THR B 33 -10.59 -28.54 35.56
N ALA B 34 -10.29 -27.59 34.67
CA ALA B 34 -9.53 -27.91 33.45
C ALA B 34 -8.23 -27.18 33.29
N VAL B 35 -8.13 -25.98 33.84
CA VAL B 35 -6.98 -25.08 33.66
C VAL B 35 -6.15 -25.04 34.92
N ALA B 36 -4.83 -25.10 34.78
CA ALA B 36 -3.92 -24.98 35.92
C ALA B 36 -4.17 -23.69 36.70
N ARG B 37 -4.13 -23.79 38.03
CA ARG B 37 -4.47 -22.62 38.85
C ARG B 37 -3.50 -21.44 38.64
N GLY B 38 -2.28 -21.75 38.18
CA GLY B 38 -1.31 -20.71 37.96
C GLY B 38 -1.66 -19.72 36.86
N VAL B 39 -2.58 -20.11 35.97
CA VAL B 39 -3.12 -19.17 34.99
C VAL B 39 -4.23 -18.36 35.68
N GLY B 40 -3.88 -17.17 36.14
CA GLY B 40 -4.84 -16.35 36.87
C GLY B 40 -5.76 -15.62 35.92
N THR B 41 -6.92 -15.21 36.39
CA THR B 41 -7.83 -14.36 35.61
C THR B 41 -8.23 -13.14 36.45
N THR B 42 -8.21 -11.96 35.84
CA THR B 42 -8.59 -10.74 36.53
C THR B 42 -10.11 -10.54 36.64
N MET B 43 -10.81 -10.64 35.51
CA MET B 43 -12.25 -10.40 35.45
C MET B 43 -13.03 -11.69 35.64
N PRO B 44 -14.07 -11.63 36.47
CA PRO B 44 -14.93 -12.80 36.62
C PRO B 44 -15.98 -12.94 35.52
N VAL B 45 -15.69 -12.53 34.30
CA VAL B 45 -16.67 -12.65 33.21
C VAL B 45 -15.96 -13.23 32.02
N TYR B 46 -16.72 -13.97 31.22
CA TYR B 46 -16.24 -14.64 30.01
C TYR B 46 -16.68 -13.88 28.76
N ALA B 47 -15.72 -13.52 27.91
CA ALA B 47 -15.97 -12.67 26.72
C ALA B 47 -16.60 -13.43 25.57
N VAL B 48 -17.53 -12.78 24.85
CA VAL B 48 -18.13 -13.29 23.62
CA VAL B 48 -18.11 -13.31 23.61
C VAL B 48 -17.77 -12.44 22.39
N ARG B 49 -17.74 -11.12 22.56
CA ARG B 49 -17.42 -10.17 21.48
C ARG B 49 -16.82 -8.90 22.08
N ALA B 50 -16.04 -8.17 21.28
CA ALA B 50 -15.37 -6.97 21.73
C ALA B 50 -15.07 -6.05 20.55
N GLY B 51 -15.05 -4.75 20.84
CA GLY B 51 -14.73 -3.76 19.81
C GLY B 51 -15.01 -2.37 20.32
N GLY B 52 -14.40 -1.37 19.67
CA GLY B 52 -14.56 0.02 20.11
C GLY B 52 -13.95 0.17 21.48
N GLY B 53 -14.80 0.49 22.46
CA GLY B 53 -14.41 0.53 23.85
C GLY B 53 -15.09 -0.46 24.78
N ILE B 54 -15.62 -1.56 24.22
CA ILE B 54 -16.44 -2.50 24.96
C ILE B 54 -15.99 -3.97 24.84
N VAL B 55 -16.14 -4.72 25.95
CA VAL B 55 -16.13 -6.18 25.91
C VAL B 55 -17.49 -6.65 26.36
N GLU B 56 -18.14 -7.47 25.53
CA GLU B 56 -19.45 -8.03 25.87
C GLU B 56 -19.25 -9.45 26.35
N ASP B 57 -19.94 -9.82 27.43
CA ASP B 57 -19.76 -11.14 28.06
C ASP B 57 -20.90 -12.09 27.71
N VAL B 58 -20.78 -13.34 28.14
CA VAL B 58 -21.72 -14.41 27.81
C VAL B 58 -23.13 -14.19 28.38
N ASP B 59 -23.22 -13.36 29.41
CA ASP B 59 -24.51 -12.99 30.01
C ASP B 59 -25.11 -11.71 29.46
N GLY B 60 -24.46 -11.12 28.46
CA GLY B 60 -24.94 -9.91 27.82
C GLY B 60 -24.53 -8.62 28.49
N ASN B 61 -23.69 -8.69 29.51
CA ASN B 61 -23.14 -7.49 30.09
C ASN B 61 -22.16 -6.85 29.11
N ARG B 62 -22.09 -5.52 29.12
CA ARG B 62 -21.18 -4.79 28.26
C ARG B 62 -20.32 -3.95 29.16
N LEU B 63 -19.02 -4.28 29.19
CA LEU B 63 -18.05 -3.63 30.06
C LEU B 63 -17.15 -2.64 29.31
N ILE B 64 -16.81 -1.55 29.97
CA ILE B 64 -15.89 -0.56 29.41
C ILE B 64 -14.46 -1.11 29.54
N ASP B 65 -13.75 -1.10 28.42
CA ASP B 65 -12.42 -1.69 28.33
C ASP B 65 -11.34 -0.62 28.53
N LEU B 66 -10.77 -0.57 29.73
CA LEU B 66 -9.64 0.31 30.01
C LEU B 66 -8.32 -0.49 30.14
N GLY B 67 -8.32 -1.72 29.63
CA GLY B 67 -7.12 -2.57 29.68
C GLY B 67 -6.52 -2.91 28.34
N SER B 68 -7.32 -2.90 27.27
CA SER B 68 -6.93 -3.40 25.92
C SER B 68 -6.14 -4.70 25.94
N GLY B 69 -6.51 -5.59 26.85
CA GLY B 69 -5.86 -6.89 26.93
C GLY B 69 -4.38 -6.83 27.31
N ILE B 70 -4.08 -5.88 28.21
CA ILE B 70 -2.71 -5.47 28.60
C ILE B 70 -1.98 -4.82 27.39
N ALA B 71 -2.55 -3.72 26.89
CA ALA B 71 -1.91 -2.90 25.87
C ALA B 71 -1.71 -3.56 24.50
N VAL B 72 -2.58 -4.49 24.15
CA VAL B 72 -2.49 -5.25 22.91
C VAL B 72 -3.44 -4.72 21.82
N THR B 73 -4.71 -4.53 22.15
CA THR B 73 -5.69 -4.09 21.17
C THR B 73 -5.79 -2.56 21.09
N THR B 74 -4.61 -1.96 20.91
CA THR B 74 -4.47 -0.51 20.74
C THR B 74 -5.34 0.04 19.63
N VAL B 75 -5.40 -0.68 18.50
CA VAL B 75 -6.23 -0.27 17.35
C VAL B 75 -7.73 -0.62 17.53
N GLY B 76 -8.04 -1.30 18.63
CA GLY B 76 -9.35 -1.81 18.91
C GLY B 76 -9.40 -3.32 18.66
N ASN B 77 -10.26 -3.99 19.42
CA ASN B 77 -10.51 -5.41 19.21
C ASN B 77 -11.19 -5.59 17.85
N SER B 78 -10.80 -6.59 17.08
CA SER B 78 -11.45 -6.89 15.79
C SER B 78 -11.55 -5.61 14.95
N ALA B 79 -10.42 -4.93 14.80
CA ALA B 79 -10.35 -3.71 13.98
C ALA B 79 -10.72 -4.08 12.56
N PRO B 80 -11.55 -3.26 11.87
CA PRO B 80 -12.04 -3.66 10.53
C PRO B 80 -10.96 -4.15 9.55
N LYS B 81 -9.86 -3.42 9.44
CA LYS B 81 -8.82 -3.83 8.48
C LYS B 81 -8.11 -5.12 8.89
N VAL B 82 -7.92 -5.31 10.19
CA VAL B 82 -7.33 -6.51 10.70
C VAL B 82 -8.23 -7.71 10.40
N VAL B 83 -9.53 -7.58 10.67
CA VAL B 83 -10.51 -8.65 10.39
C VAL B 83 -10.45 -9.04 8.89
N GLU B 84 -10.49 -8.05 8.04
CA GLU B 84 -10.43 -8.28 6.61
C GLU B 84 -9.13 -9.00 6.20
N ALA B 85 -8.01 -8.55 6.74
CA ALA B 85 -6.69 -9.13 6.38
C ALA B 85 -6.58 -10.58 6.82
N VAL B 86 -7.03 -10.86 8.05
CA VAL B 86 -7.01 -12.22 8.57
C VAL B 86 -7.90 -13.13 7.73
N ARG B 87 -9.11 -12.69 7.45
CA ARG B 87 -10.04 -13.54 6.70
C ARG B 87 -9.55 -13.85 5.30
N SER B 88 -8.85 -12.90 4.68
CA SER B 88 -8.27 -13.11 3.37
CA SER B 88 -8.26 -13.09 3.37
C SER B 88 -7.11 -14.09 3.41
N GLN B 89 -6.19 -13.86 4.33
CA GLN B 89 -4.99 -14.70 4.43
C GLN B 89 -5.29 -16.15 4.76
N VAL B 90 -6.23 -16.40 5.68
CA VAL B 90 -6.41 -17.75 6.21
C VAL B 90 -6.87 -18.72 5.14
N GLY B 91 -7.61 -18.22 4.16
CA GLY B 91 -8.03 -18.99 3.01
C GLY B 91 -6.91 -19.37 2.05
N ASP B 92 -5.79 -18.64 2.08
CA ASP B 92 -4.67 -18.91 1.21
C ASP B 92 -3.68 -19.90 1.81
N PHE B 93 -3.22 -19.62 3.03
CA PHE B 93 -2.43 -20.55 3.79
C PHE B 93 -2.34 -20.11 5.25
N THR B 94 -2.34 -21.08 6.15
CA THR B 94 -2.29 -20.78 7.57
C THR B 94 -0.84 -20.70 8.08
N HIS B 95 0.06 -21.47 7.47
CA HIS B 95 1.44 -21.59 7.97
C HIS B 95 2.23 -22.38 6.95
N THR B 96 3.39 -21.87 6.57
CA THR B 96 4.34 -22.68 5.82
C THR B 96 5.68 -22.88 6.50
N CYS B 97 5.88 -22.18 7.62
CA CYS B 97 7.17 -21.97 8.32
C CYS B 97 8.06 -21.11 7.47
N PHE B 98 8.26 -19.86 7.87
CA PHE B 98 9.08 -18.96 7.04
C PHE B 98 10.44 -19.59 6.75
N MET B 99 10.97 -20.36 7.73
CA MET B 99 12.29 -21.00 7.56
C MET B 99 12.29 -22.16 6.57
N VAL B 100 11.10 -22.66 6.23
CA VAL B 100 11.00 -23.68 5.21
C VAL B 100 10.64 -23.00 3.85
N THR B 101 9.39 -22.57 3.73
CA THR B 101 8.94 -21.85 2.55
C THR B 101 8.55 -20.42 2.94
N PRO B 102 9.39 -19.44 2.56
CA PRO B 102 9.13 -18.03 2.95
C PRO B 102 7.93 -17.45 2.20
N TYR B 103 7.47 -16.29 2.65
CA TYR B 103 6.30 -15.62 2.08
C TYR B 103 6.46 -14.13 2.24
N GLU B 104 5.83 -13.40 1.34
CA GLU B 104 5.98 -11.95 1.28
C GLU B 104 5.55 -11.22 2.55
N GLY B 105 4.53 -11.71 3.23
CA GLY B 105 4.01 -11.00 4.40
C GLY B 105 5.07 -10.80 5.48
N TYR B 106 5.92 -11.79 5.69
CA TYR B 106 6.99 -11.71 6.67
C TYR B 106 7.98 -10.62 6.27
N VAL B 107 8.43 -10.67 5.02
CA VAL B 107 9.32 -9.67 4.47
C VAL B 107 8.71 -8.28 4.57
N ALA B 108 7.43 -8.14 4.20
CA ALA B 108 6.75 -6.85 4.22
C ALA B 108 6.67 -6.26 5.65
N VAL B 109 6.37 -7.08 6.63
CA VAL B 109 6.35 -6.61 8.02
C VAL B 109 7.76 -6.14 8.43
N CYS B 110 8.79 -6.92 8.07
CA CYS B 110 10.15 -6.50 8.36
C CYS B 110 10.50 -5.17 7.68
N GLU B 111 10.08 -4.98 6.43
CA GLU B 111 10.34 -3.71 5.75
C GLU B 111 9.65 -2.53 6.45
N GLN B 112 8.41 -2.76 6.91
CA GLN B 112 7.64 -1.74 7.60
C GLN B 112 8.25 -1.41 8.97
N LEU B 113 8.68 -2.42 9.71
CA LEU B 113 9.37 -2.17 11.00
C LEU B 113 10.64 -1.36 10.77
N ASN B 114 11.40 -1.76 9.76
CA ASN B 114 12.64 -1.05 9.42
C ASN B 114 12.37 0.41 9.11
N ARG B 115 11.27 0.68 8.42
CA ARG B 115 10.88 2.04 8.08
C ARG B 115 10.40 2.86 9.29
N LEU B 116 9.63 2.24 10.18
CA LEU B 116 8.89 2.99 11.24
C LEU B 116 9.64 3.17 12.55
N THR B 117 10.63 2.31 12.80
CA THR B 117 11.32 2.26 14.09
C THR B 117 12.31 3.41 14.27
N PRO B 118 12.62 3.73 15.53
CA PRO B 118 13.53 4.85 15.85
C PRO B 118 15.03 4.50 15.73
N VAL B 119 15.34 3.23 15.48
CA VAL B 119 16.70 2.87 15.05
C VAL B 119 17.08 3.65 13.79
N ARG B 120 18.35 4.05 13.72
CA ARG B 120 18.84 4.87 12.62
C ARG B 120 19.74 4.05 11.71
N GLY B 121 19.81 4.45 10.45
CA GLY B 121 20.71 3.80 9.49
C GLY B 121 20.09 2.57 8.83
N ASP B 122 20.97 1.69 8.37
CA ASP B 122 20.62 0.45 7.66
C ASP B 122 20.11 -0.52 8.74
N LYS B 123 18.95 -1.10 8.50
CA LYS B 123 18.28 -1.89 9.54
C LYS B 123 17.86 -3.27 9.01
N ARG B 124 17.73 -4.24 9.92
CA ARG B 124 17.11 -5.51 9.60
C ARG B 124 16.16 -5.89 10.72
N SER B 125 15.20 -6.77 10.43
CA SER B 125 14.29 -7.27 11.47
C SER B 125 14.20 -8.79 11.44
N ALA B 126 13.59 -9.35 12.48
CA ALA B 126 13.26 -10.78 12.59
C ALA B 126 11.99 -10.87 13.42
N LEU B 127 11.13 -11.85 13.10
CA LEU B 127 9.80 -11.97 13.70
C LEU B 127 9.67 -13.26 14.50
N PHE B 128 9.00 -13.14 15.66
CA PHE B 128 8.75 -14.26 16.57
C PHE B 128 7.28 -14.24 16.96
N ASN B 129 6.89 -14.89 18.04
CA ASN B 129 5.49 -14.89 18.44
C ASN B 129 5.24 -13.97 19.65
N SER B 130 5.95 -14.16 20.76
CA SER B 130 5.66 -13.41 21.96
C SER B 130 6.71 -12.35 22.24
N GLY B 131 6.36 -11.44 23.13
CA GLY B 131 7.28 -10.42 23.60
C GLY B 131 8.47 -11.07 24.30
N SER B 132 8.22 -12.12 25.09
CA SER B 132 9.33 -12.84 25.77
CA SER B 132 9.34 -12.80 25.77
C SER B 132 10.31 -13.42 24.76
N GLU B 133 9.79 -14.06 23.71
CA GLU B 133 10.64 -14.57 22.64
C GLU B 133 11.45 -13.46 21.95
N ALA B 134 10.84 -12.32 21.73
CA ALA B 134 11.53 -11.24 21.06
C ALA B 134 12.64 -10.67 21.96
N VAL B 135 12.39 -10.50 23.25
CA VAL B 135 13.47 -10.12 24.17
C VAL B 135 14.61 -11.15 24.13
N GLU B 136 14.28 -12.43 24.21
CA GLU B 136 15.29 -13.51 24.17
C GLU B 136 16.14 -13.34 22.92
N ASN B 137 15.48 -13.06 21.80
CA ASN B 137 16.21 -12.86 20.55
C ASN B 137 17.09 -11.67 20.50
N ALA B 138 16.64 -10.55 21.09
CA ALA B 138 17.45 -9.35 21.15
C ALA B 138 18.73 -9.63 21.94
N VAL B 139 18.58 -10.39 23.04
CA VAL B 139 19.73 -10.82 23.83
C VAL B 139 20.69 -11.74 23.08
N LYS B 140 20.16 -12.77 22.41
CA LYS B 140 20.97 -13.69 21.58
C LYS B 140 21.76 -12.89 20.52
N ILE B 141 21.09 -11.94 19.89
CA ILE B 141 21.70 -11.11 18.85
C ILE B 141 22.84 -10.27 19.42
N ALA B 142 22.59 -9.60 20.54
CA ALA B 142 23.61 -8.81 21.20
C ALA B 142 24.83 -9.64 21.61
N ARG B 143 24.60 -10.82 22.18
CA ARG B 143 25.69 -11.72 22.57
C ARG B 143 26.48 -12.21 21.36
N SER B 144 25.77 -12.62 20.33
CA SER B 144 26.41 -13.04 19.09
C SER B 144 27.31 -11.94 18.49
N HIS B 145 26.78 -10.71 18.45
CA HIS B 145 27.48 -9.59 17.85
C HIS B 145 28.70 -9.12 18.65
N THR B 146 28.56 -9.08 19.96
CA THR B 146 29.63 -8.53 20.82
C THR B 146 30.63 -9.59 21.28
N HIS B 147 30.24 -10.85 21.31
CA HIS B 147 31.00 -11.92 21.96
C HIS B 147 31.26 -11.63 23.44
N LYS B 148 30.36 -10.89 24.09
CA LYS B 148 30.38 -10.60 25.51
C LYS B 148 29.16 -11.22 26.16
N PRO B 149 29.27 -11.63 27.44
CA PRO B 149 28.19 -12.46 28.01
C PRO B 149 27.08 -11.74 28.76
N ALA B 150 27.38 -10.65 29.46
CA ALA B 150 26.47 -10.14 30.49
C ALA B 150 25.38 -9.26 29.90
N VAL B 151 24.24 -9.23 30.58
CA VAL B 151 23.17 -8.33 30.21
C VAL B 151 22.70 -7.64 31.50
N VAL B 152 22.42 -6.33 31.43
CA VAL B 152 21.96 -5.59 32.58
C VAL B 152 20.52 -5.15 32.33
N ALA B 153 19.66 -5.38 33.32
CA ALA B 153 18.30 -4.86 33.35
C ALA B 153 18.13 -4.03 34.62
N PHE B 154 16.97 -3.40 34.77
CA PHE B 154 16.77 -2.40 35.80
C PHE B 154 15.81 -2.79 36.90
N ASP B 155 15.96 -2.11 38.03
CA ASP B 155 14.98 -2.18 39.10
CA ASP B 155 14.99 -2.21 39.09
C ASP B 155 13.61 -1.92 38.47
N HIS B 156 12.58 -2.59 38.95
CA HIS B 156 11.20 -2.41 38.45
C HIS B 156 10.94 -2.90 37.03
N ALA B 157 11.93 -3.55 36.41
CA ALA B 157 11.78 -4.06 35.03
C ALA B 157 10.91 -5.30 34.93
N TYR B 158 10.21 -5.41 33.78
CA TYR B 158 9.47 -6.59 33.41
C TYR B 158 9.77 -6.92 31.96
N HIS B 159 10.25 -8.13 31.72
CA HIS B 159 10.60 -8.55 30.36
C HIS B 159 10.05 -9.90 29.87
N GLY B 160 9.38 -10.65 30.74
CA GLY B 160 8.71 -11.89 30.30
C GLY B 160 8.79 -13.05 31.25
N ARG B 161 8.29 -14.19 30.79
CA ARG B 161 8.09 -15.35 31.66
C ARG B 161 8.89 -16.61 31.28
N THR B 162 9.83 -16.48 30.35
CA THR B 162 10.77 -17.58 30.07
C THR B 162 11.90 -17.48 31.08
N ASN B 163 12.76 -18.50 31.15
CA ASN B 163 13.85 -18.49 32.15
C ASN B 163 14.70 -17.23 32.10
N LEU B 164 15.18 -16.86 30.91
CA LEU B 164 16.01 -15.68 30.76
C LEU B 164 15.23 -14.41 30.95
N THR B 165 13.99 -14.32 30.46
CA THR B 165 13.25 -13.07 30.65
C THR B 165 12.75 -12.90 32.12
N MET B 166 12.52 -14.02 32.78
CA MET B 166 12.32 -14.02 34.24
C MET B 166 13.58 -13.49 34.95
N ALA B 167 14.77 -13.93 34.56
CA ALA B 167 16.01 -13.36 35.13
C ALA B 167 16.04 -11.85 34.97
N LEU B 168 15.68 -11.37 33.79
CA LEU B 168 15.73 -9.92 33.49
C LEU B 168 14.66 -9.14 34.27
N THR B 169 13.58 -9.81 34.61
CA THR B 169 12.48 -9.23 35.34
C THR B 169 12.89 -9.06 36.82
N ALA B 170 12.50 -7.94 37.44
CA ALA B 170 12.95 -7.67 38.81
C ALA B 170 12.12 -8.39 39.88
N LYS B 171 10.79 -8.31 39.78
CA LYS B 171 9.90 -8.75 40.87
C LYS B 171 9.66 -10.28 40.85
N VAL B 172 9.82 -10.92 42.00
CA VAL B 172 9.69 -12.38 42.11
C VAL B 172 8.24 -12.87 42.18
N MET B 173 7.38 -12.14 42.88
CA MET B 173 5.98 -12.57 43.06
C MET B 173 5.13 -11.81 42.05
N PRO B 174 4.50 -12.53 41.09
CA PRO B 174 4.44 -13.96 40.85
C PRO B 174 5.36 -14.45 39.74
N TYR B 175 6.15 -13.58 39.14
CA TYR B 175 6.80 -13.87 37.86
C TYR B 175 7.89 -14.93 37.94
N LYS B 176 8.60 -15.00 39.07
CA LYS B 176 9.80 -15.80 39.19
C LYS B 176 9.77 -16.87 40.27
N ASP B 177 8.80 -16.80 41.18
CA ASP B 177 8.88 -17.51 42.45
C ASP B 177 8.92 -19.03 42.26
N GLY B 178 10.04 -19.61 42.67
CA GLY B 178 10.24 -21.06 42.59
C GLY B 178 10.56 -21.62 41.21
N PHE B 179 10.86 -20.76 40.24
CA PHE B 179 11.02 -21.20 38.85
C PHE B 179 12.46 -21.27 38.37
N GLY B 180 13.40 -21.00 39.27
CA GLY B 180 14.80 -21.03 38.92
C GLY B 180 15.42 -22.38 39.07
N PRO B 181 16.76 -22.46 38.95
CA PRO B 181 17.66 -21.34 38.85
C PRO B 181 17.66 -20.65 37.46
N PHE B 182 18.08 -19.38 37.46
CA PHE B 182 17.91 -18.53 36.32
C PHE B 182 19.16 -18.36 35.52
N ALA B 183 18.96 -17.96 34.28
CA ALA B 183 20.00 -17.72 33.29
C ALA B 183 21.13 -16.86 33.86
N PRO B 184 22.39 -17.24 33.58
CA PRO B 184 23.53 -16.60 34.24
C PRO B 184 23.93 -15.27 33.60
N GLU B 185 24.72 -14.49 34.34
CA GLU B 185 25.30 -13.23 33.84
C GLU B 185 24.23 -12.19 33.49
N ILE B 186 23.16 -12.21 34.28
CA ILE B 186 22.14 -11.17 34.24
C ILE B 186 22.29 -10.29 35.49
N TYR B 187 22.36 -8.98 35.33
CA TYR B 187 22.64 -8.07 36.43
C TYR B 187 21.57 -6.98 36.53
N ARG B 188 21.49 -6.34 37.69
CA ARG B 188 20.47 -5.35 38.00
C ARG B 188 21.10 -4.00 38.27
N ALA B 189 20.53 -2.96 37.71
CA ALA B 189 21.01 -1.59 37.88
C ALA B 189 19.86 -0.68 38.33
N PRO B 190 20.19 0.38 39.09
CA PRO B 190 19.18 1.32 39.58
C PRO B 190 18.51 2.14 38.49
N LEU B 191 17.23 2.45 38.72
CA LEU B 191 16.35 3.11 37.77
C LEU B 191 15.94 4.51 38.25
N SER B 192 15.71 5.41 37.33
CA SER B 192 15.09 6.71 37.65
C SER B 192 13.58 6.50 37.87
N TYR B 193 13.11 6.87 39.07
CA TYR B 193 11.70 6.74 39.47
C TYR B 193 11.42 8.01 40.27
N PRO B 194 11.12 9.12 39.57
CA PRO B 194 11.09 10.42 40.24
C PRO B 194 10.25 10.51 41.50
N PHE B 195 9.05 9.93 41.46
CA PHE B 195 8.15 9.97 42.62
C PHE B 195 8.77 9.41 43.90
N ARG B 196 9.41 8.26 43.80
CA ARG B 196 10.02 7.62 44.96
C ARG B 196 11.47 8.11 45.19
N ASP B 197 12.14 8.62 44.16
CA ASP B 197 13.46 9.20 44.36
C ASP B 197 13.43 10.55 45.11
N ALA B 198 12.32 11.25 45.06
CA ALA B 198 12.24 12.62 45.58
C ALA B 198 12.51 12.71 47.08
N GLU B 199 12.21 11.63 47.81
CA GLU B 199 12.48 11.55 49.27
C GLU B 199 13.96 11.77 49.57
N PHE B 200 14.82 11.43 48.63
CA PHE B 200 16.25 11.52 48.78
C PHE B 200 16.87 12.77 48.14
N GLY B 201 16.04 13.68 47.62
CA GLY B 201 16.51 14.92 47.00
C GLY B 201 15.60 15.28 45.85
N LYS B 202 14.86 16.40 45.96
CA LYS B 202 13.87 16.76 44.93
C LYS B 202 14.52 17.09 43.60
N GLU B 203 15.68 17.73 43.68
CA GLU B 203 16.38 18.15 42.48
C GLU B 203 17.05 16.96 41.79
N LEU B 204 17.71 16.15 42.58
CA LEU B 204 18.31 14.92 42.10
C LEU B 204 17.24 14.05 41.41
N ALA B 205 16.03 14.01 41.97
CA ALA B 205 14.97 13.12 41.45
C ALA B 205 14.57 13.38 40.03
N THR B 206 14.67 14.63 39.58
CA THR B 206 14.34 14.96 38.20
C THR B 206 15.58 15.09 37.32
N ASP B 207 16.77 14.82 37.84
CA ASP B 207 18.01 14.89 37.02
C ASP B 207 18.30 13.51 36.45
N GLY B 208 17.74 13.23 35.28
CA GLY B 208 17.93 11.93 34.66
C GLY B 208 19.36 11.66 34.25
N GLU B 209 20.10 12.69 33.84
CA GLU B 209 21.52 12.50 33.50
CA GLU B 209 21.52 12.52 33.51
C GLU B 209 22.31 11.99 34.71
N LEU B 210 22.12 12.59 35.88
CA LEU B 210 22.80 12.15 37.06
C LEU B 210 22.30 10.75 37.52
N ALA B 211 21.01 10.47 37.35
CA ALA B 211 20.48 9.13 37.62
C ALA B 211 21.17 8.09 36.76
N ALA B 212 21.37 8.43 35.49
CA ALA B 212 22.08 7.54 34.57
C ALA B 212 23.52 7.33 34.99
N LYS B 213 24.16 8.40 35.45
CA LYS B 213 25.56 8.31 35.88
C LYS B 213 25.68 7.35 37.08
N ARG B 214 24.69 7.36 37.97
CA ARG B 214 24.69 6.41 39.08
C ARG B 214 24.52 4.98 38.58
N ALA B 215 23.60 4.75 37.64
CA ALA B 215 23.45 3.42 37.07
C ALA B 215 24.73 2.96 36.33
N ILE B 216 25.38 3.87 35.64
CA ILE B 216 26.60 3.56 34.86
C ILE B 216 27.73 3.17 35.83
N THR B 217 27.78 3.83 36.99
CA THR B 217 28.77 3.45 37.99
C THR B 217 28.59 2.02 38.49
N VAL B 218 27.33 1.63 38.72
CA VAL B 218 27.01 0.25 39.09
C VAL B 218 27.45 -0.70 37.99
N ILE B 219 27.12 -0.34 36.76
CA ILE B 219 27.42 -1.19 35.61
C ILE B 219 28.92 -1.34 35.40
N ASP B 220 29.62 -0.21 35.43
CA ASP B 220 31.07 -0.21 35.30
C ASP B 220 31.74 -1.07 36.38
N LYS B 221 31.41 -0.81 37.63
CA LYS B 221 32.10 -1.48 38.73
C LYS B 221 31.73 -2.95 38.89
N GLN B 222 30.47 -3.29 38.69
CA GLN B 222 29.98 -4.63 39.00
C GLN B 222 29.92 -5.59 37.82
N ILE B 223 30.03 -5.05 36.61
CA ILE B 223 30.05 -5.87 35.38
C ILE B 223 31.27 -5.58 34.51
N GLY B 224 31.44 -4.30 34.13
CA GLY B 224 32.49 -3.85 33.26
C GLY B 224 32.04 -3.92 31.81
N ALA B 225 32.23 -2.83 31.07
CA ALA B 225 31.82 -2.80 29.64
C ALA B 225 32.42 -3.93 28.82
N ASP B 226 33.67 -4.32 29.09
CA ASP B 226 34.28 -5.38 28.32
C ASP B 226 33.73 -6.79 28.58
N ASN B 227 32.82 -6.92 29.55
CA ASN B 227 32.10 -8.16 29.85
C ASN B 227 30.59 -8.08 29.53
N LEU B 228 30.15 -6.93 29.04
CA LEU B 228 28.74 -6.62 28.89
C LEU B 228 28.29 -6.59 27.42
N ALA B 229 27.34 -7.44 27.06
CA ALA B 229 26.78 -7.47 25.72
C ALA B 229 25.74 -6.38 25.53
N ALA B 230 24.95 -6.10 26.55
CA ALA B 230 23.76 -5.28 26.35
C ALA B 230 23.18 -4.69 27.62
N VAL B 231 22.54 -3.54 27.45
CA VAL B 231 21.65 -2.94 28.46
C VAL B 231 20.26 -3.04 27.85
N VAL B 232 19.30 -3.58 28.59
CA VAL B 232 17.92 -3.62 28.13
CA VAL B 232 17.91 -3.67 28.16
C VAL B 232 17.03 -2.81 29.06
N ILE B 233 16.21 -1.93 28.48
CA ILE B 233 15.37 -1.05 29.28
C ILE B 233 14.09 -0.69 28.57
N GLU B 234 13.01 -0.62 29.33
CA GLU B 234 11.72 -0.13 28.85
C GLU B 234 11.74 1.39 28.89
N PRO B 235 11.26 2.04 27.83
CA PRO B 235 11.24 3.53 27.93
C PRO B 235 10.31 4.06 29.03
N ILE B 236 9.22 3.34 29.28
CA ILE B 236 8.34 3.52 30.43
C ILE B 236 8.12 2.12 30.99
N GLN B 237 8.44 1.90 32.27
CA GLN B 237 8.32 0.57 32.84
C GLN B 237 6.87 0.27 32.96
N GLY B 238 6.44 -0.86 32.42
CA GLY B 238 5.01 -1.25 32.30
C GLY B 238 4.49 -1.92 33.56
N GLU B 239 4.76 -3.21 33.71
CA GLU B 239 4.26 -3.97 34.85
C GLU B 239 4.84 -3.44 36.16
N GLY B 240 6.01 -2.83 36.08
CA GLY B 240 6.66 -2.23 37.22
C GLY B 240 6.05 -0.94 37.74
N GLY B 241 5.09 -0.38 37.01
CA GLY B 241 4.31 0.72 37.54
C GLY B 241 4.12 1.97 36.69
N PHE B 242 4.25 1.83 35.35
CA PHE B 242 4.16 2.98 34.45
C PHE B 242 5.12 4.06 34.92
N ILE B 243 6.35 3.66 35.20
CA ILE B 243 7.36 4.59 35.65
C ILE B 243 8.01 5.29 34.46
N VAL B 244 7.96 6.61 34.46
CA VAL B 244 8.54 7.40 33.38
C VAL B 244 9.85 7.97 33.94
N PRO B 245 11.01 7.60 33.34
CA PRO B 245 12.27 8.09 33.87
C PRO B 245 12.38 9.59 33.71
N ALA B 246 13.12 10.22 34.63
CA ALA B 246 13.45 11.65 34.48
C ALA B 246 14.11 11.87 33.12
N ASP B 247 13.90 13.03 32.52
CA ASP B 247 14.54 13.35 31.27
C ASP B 247 16.06 13.29 31.41
N GLY B 248 16.74 12.77 30.39
CA GLY B 248 18.19 12.69 30.37
C GLY B 248 18.70 11.30 30.76
N PHE B 249 17.86 10.46 31.37
CA PHE B 249 18.29 9.09 31.79
C PHE B 249 18.58 8.21 30.58
N LEU B 250 17.58 8.06 29.71
CA LEU B 250 17.77 7.20 28.54
C LEU B 250 18.84 7.75 27.60
N PRO B 251 18.85 9.07 27.27
CA PRO B 251 19.92 9.58 26.40
C PRO B 251 21.35 9.34 26.94
N THR B 252 21.52 9.48 28.24
CA THR B 252 22.83 9.31 28.83
C THR B 252 23.29 7.85 28.85
N LEU B 253 22.36 6.94 29.16
CA LEU B 253 22.62 5.51 29.02
C LEU B 253 22.98 5.14 27.62
N LEU B 254 22.23 5.64 26.63
CA LEU B 254 22.54 5.37 25.23
C LEU B 254 23.94 5.85 24.86
N ASP B 255 24.26 7.08 25.24
CA ASP B 255 25.59 7.64 24.98
C ASP B 255 26.71 6.74 25.56
N TRP B 256 26.56 6.29 26.79
CA TRP B 256 27.57 5.43 27.40
C TRP B 256 27.73 4.13 26.61
N CYS B 257 26.61 3.53 26.21
CA CYS B 257 26.66 2.27 25.47
C CYS B 257 27.40 2.45 24.14
N ARG B 258 27.15 3.58 23.49
CA ARG B 258 27.75 3.83 22.19
C ARG B 258 29.24 4.06 22.36
N LYS B 259 29.66 4.66 23.46
CA LYS B 259 31.07 4.91 23.76
C LYS B 259 31.81 3.62 24.20
N ASN B 260 31.05 2.62 24.63
CA ASN B 260 31.63 1.41 25.23
C ASN B 260 31.33 0.09 24.52
N ASP B 261 30.84 0.17 23.29
CA ASP B 261 30.58 -1.04 22.49
CA ASP B 261 30.52 -1.00 22.46
C ASP B 261 29.58 -1.99 23.18
N VAL B 262 28.53 -1.43 23.74
CA VAL B 262 27.48 -2.22 24.41
C VAL B 262 26.21 -1.97 23.66
N VAL B 263 25.45 -3.03 23.42
CA VAL B 263 24.18 -2.90 22.68
C VAL B 263 23.10 -2.32 23.58
N PHE B 264 22.52 -1.20 23.15
CA PHE B 264 21.40 -0.61 23.87
C PHE B 264 20.11 -1.14 23.28
N ILE B 265 19.38 -1.92 24.09
CA ILE B 265 18.14 -2.54 23.68
C ILE B 265 16.95 -1.85 24.32
N ALA B 266 16.11 -1.20 23.50
CA ALA B 266 14.85 -0.61 23.96
C ALA B 266 13.77 -1.70 23.90
N ASP B 267 13.21 -2.05 25.05
CA ASP B 267 12.10 -2.98 25.11
C ASP B 267 10.80 -2.19 24.99
N GLU B 268 10.26 -2.15 23.78
CA GLU B 268 9.03 -1.39 23.50
C GLU B 268 7.87 -2.34 23.29
N VAL B 269 7.93 -3.51 23.93
CA VAL B 269 6.80 -4.43 23.85
C VAL B 269 5.51 -3.79 24.27
N GLN B 270 5.52 -3.06 25.39
CA GLN B 270 4.30 -2.42 25.82
C GLN B 270 4.14 -0.99 25.30
N THR B 271 5.25 -0.24 25.15
CA THR B 271 5.17 1.17 24.77
C THR B 271 5.00 1.39 23.25
N GLY B 272 5.33 0.38 22.45
CA GLY B 272 5.40 0.55 21.00
C GLY B 272 4.04 0.67 20.32
N PHE B 273 4.06 1.14 19.09
CA PHE B 273 2.90 1.19 18.20
C PHE B 273 1.78 2.11 18.72
N ALA B 274 2.11 3.40 18.80
CA ALA B 274 1.19 4.49 19.05
C ALA B 274 0.74 4.67 20.51
N ARG B 275 1.02 3.68 21.35
CA ARG B 275 0.52 3.63 22.72
C ARG B 275 0.82 4.92 23.50
N THR B 276 2.01 5.48 23.32
CA THR B 276 2.44 6.62 24.13
C THR B 276 2.29 8.00 23.48
N GLY B 277 1.53 8.07 22.40
CA GLY B 277 1.37 9.34 21.68
C GLY B 277 2.52 9.68 20.75
N ALA B 278 3.31 8.67 20.44
CA ALA B 278 4.30 8.69 19.37
C ALA B 278 4.29 7.28 18.83
N MET B 279 4.76 7.04 17.60
CA MET B 279 4.75 5.69 17.09
C MET B 279 5.54 4.79 18.02
N PHE B 280 6.72 5.26 18.46
CA PHE B 280 7.54 4.55 19.43
C PHE B 280 7.97 5.53 20.53
N ALA B 281 7.98 5.03 21.76
CA ALA B 281 8.25 5.87 22.92
C ALA B 281 9.67 6.42 22.91
N CYS B 282 10.60 5.75 22.21
CA CYS B 282 11.96 6.28 22.06
C CYS B 282 11.93 7.66 21.40
N GLU B 283 10.87 7.97 20.67
CA GLU B 283 10.80 9.25 19.99
C GLU B 283 10.67 10.47 20.92
N HIS B 284 10.12 10.30 22.13
CA HIS B 284 9.87 11.46 22.99
CA HIS B 284 9.88 11.45 23.04
C HIS B 284 11.17 12.21 23.36
N GLU B 285 12.25 11.49 23.63
CA GLU B 285 13.55 12.12 23.84
C GLU B 285 14.51 11.96 22.66
N GLY B 286 14.03 11.46 21.53
CA GLY B 286 14.85 11.31 20.34
C GLY B 286 15.94 10.27 20.44
N ILE B 287 15.64 9.22 21.19
CA ILE B 287 16.55 8.08 21.39
C ILE B 287 16.57 7.22 20.13
N ASP B 288 17.77 6.90 19.64
CA ASP B 288 17.94 5.91 18.56
C ASP B 288 18.63 4.67 19.14
N PRO B 289 17.83 3.66 19.52
CA PRO B 289 18.48 2.51 20.15
C PRO B 289 19.22 1.66 19.11
N ASP B 290 20.05 0.72 19.56
CA ASP B 290 20.74 -0.20 18.70
C ASP B 290 19.74 -1.28 18.23
N LEU B 291 18.98 -1.84 19.17
CA LEU B 291 17.89 -2.76 18.87
C LEU B 291 16.60 -2.30 19.55
N ILE B 292 15.44 -2.62 18.95
CA ILE B 292 14.16 -2.36 19.56
C ILE B 292 13.32 -3.62 19.48
N VAL B 293 12.73 -3.98 20.61
CA VAL B 293 11.85 -5.12 20.73
C VAL B 293 10.40 -4.63 20.69
N THR B 294 9.59 -5.30 19.87
CA THR B 294 8.18 -5.02 19.77
C THR B 294 7.33 -6.28 19.86
N ALA B 295 6.09 -6.09 20.31
CA ALA B 295 5.08 -7.13 20.35
C ALA B 295 3.74 -6.47 20.66
N GLY B 297 0.88 -4.54 20.70
CA GLY B 297 0.02 -3.80 19.75
C GLY B 297 0.32 -4.01 18.28
N ILE B 298 1.47 -4.64 17.99
CA ILE B 298 1.95 -4.82 16.61
C ILE B 298 0.93 -5.42 15.66
N ALA B 299 0.11 -6.35 16.13
CA ALA B 299 -0.73 -7.06 15.19
C ALA B 299 -2.18 -7.15 15.62
N GLY B 300 -2.64 -6.18 16.40
CA GLY B 300 -4.06 -6.00 16.60
C GLY B 300 -4.70 -7.12 17.39
N GLY B 301 -3.87 -7.87 18.11
CA GLY B 301 -4.30 -9.03 18.89
C GLY B 301 -3.80 -10.38 18.44
N LEU B 302 -3.28 -10.48 17.22
CA LEU B 302 -2.71 -11.74 16.71
C LEU B 302 -1.31 -11.94 17.32
N PRO B 303 -0.90 -13.21 17.55
CA PRO B 303 0.42 -13.39 18.17
C PRO B 303 1.59 -13.13 17.21
N LEU B 304 2.31 -12.02 17.47
CA LEU B 304 3.47 -11.63 16.69
C LEU B 304 4.35 -10.76 17.58
N SER B 305 5.66 -10.88 17.36
CA SER B 305 6.64 -10.03 18.00
C SER B 305 7.83 -9.88 17.06
N ALA B 306 8.75 -8.99 17.42
CA ALA B 306 9.84 -8.66 16.56
C ALA B 306 11.03 -8.06 17.26
N VAL B 307 12.19 -8.16 16.60
CA VAL B 307 13.37 -7.37 16.94
C VAL B 307 13.80 -6.65 15.67
N THR B 308 14.05 -5.36 15.78
CA THR B 308 14.56 -4.55 14.70
C THR B 308 15.82 -3.89 15.18
N GLY B 309 16.80 -3.76 14.30
CA GLY B 309 18.02 -3.11 14.73
C GLY B 309 19.00 -2.79 13.66
N ARG B 310 20.11 -2.19 14.07
CA ARG B 310 21.16 -1.86 13.13
C ARG B 310 21.60 -3.12 12.42
N ALA B 311 21.80 -3.03 11.10
CA ALA B 311 22.04 -4.21 10.28
C ALA B 311 23.28 -4.97 10.70
N GLU B 312 24.37 -4.26 11.02
CA GLU B 312 25.60 -4.91 11.42
CA GLU B 312 25.62 -4.92 11.44
C GLU B 312 25.45 -5.73 12.72
N ILE B 313 24.55 -5.32 13.60
CA ILE B 313 24.29 -6.08 14.83
C ILE B 313 23.35 -7.29 14.50
N MET B 314 22.22 -6.99 13.84
CA MET B 314 21.22 -7.99 13.48
C MET B 314 21.76 -9.15 12.67
N ASP B 315 22.73 -8.87 11.80
CA ASP B 315 23.26 -9.90 10.90
C ASP B 315 24.40 -10.72 11.51
N SER B 316 24.77 -10.43 12.77
CA SER B 316 25.82 -11.21 13.40
C SER B 316 25.51 -12.70 13.56
N PRO B 317 24.35 -13.04 14.07
CA PRO B 317 24.05 -14.49 14.12
C PRO B 317 24.15 -15.20 12.78
N HIS B 318 24.74 -16.38 12.78
CA HIS B 318 24.88 -17.16 11.55
CA HIS B 318 24.89 -17.21 11.59
C HIS B 318 23.52 -17.58 10.99
N VAL B 319 23.52 -17.91 9.70
CA VAL B 319 22.31 -18.43 9.05
C VAL B 319 21.74 -19.62 9.82
N SER B 320 20.44 -19.55 10.07
CA SER B 320 19.65 -20.51 10.83
C SER B 320 19.83 -20.42 12.35
N GLY B 321 20.60 -19.44 12.81
CA GLY B 321 20.73 -19.20 14.25
C GLY B 321 19.53 -18.52 14.89
N LEU B 322 18.68 -17.92 14.09
CA LEU B 322 17.47 -17.26 14.61
C LEU B 322 16.23 -17.92 14.01
N GLY B 323 15.16 -17.97 14.77
CA GLY B 323 13.86 -18.33 14.19
C GLY B 323 12.94 -19.03 15.17
N GLY B 324 12.37 -20.15 14.75
CA GLY B 324 11.30 -20.77 15.52
C GLY B 324 10.22 -21.13 14.51
N THR B 325 9.42 -22.13 14.86
CA THR B 325 8.54 -22.72 13.89
C THR B 325 7.48 -21.74 13.45
N TYR B 326 6.78 -21.17 14.41
CA TYR B 326 5.63 -20.34 14.06
C TYR B 326 5.97 -18.90 13.71
N GLY B 327 7.15 -18.41 14.13
CA GLY B 327 7.40 -16.98 14.15
C GLY B 327 7.05 -16.27 12.86
N GLY B 328 6.43 -15.11 12.96
CA GLY B 328 6.04 -14.38 11.75
C GLY B 328 4.94 -15.12 11.00
N ASN B 329 4.01 -15.69 11.75
CA ASN B 329 2.92 -16.44 11.12
C ASN B 329 2.24 -15.55 10.06
N PRO B 330 1.89 -16.11 8.88
CA PRO B 330 1.35 -15.27 7.80
C PRO B 330 0.02 -14.57 8.10
N ILE B 331 -0.81 -15.18 8.93
CA ILE B 331 -2.05 -14.55 9.37
C ILE B 331 -1.76 -13.36 10.31
N ALA B 332 -0.84 -13.55 11.23
CA ALA B 332 -0.39 -12.48 12.11
C ALA B 332 0.29 -11.36 11.31
N CYS B 333 1.09 -11.70 10.28
CA CYS B 333 1.72 -10.67 9.45
C CYS B 333 0.68 -9.83 8.73
N ALA B 334 -0.35 -10.48 8.19
CA ALA B 334 -1.41 -9.73 7.51
C ALA B 334 -2.09 -8.77 8.49
N ALA B 335 -2.31 -9.25 9.70
CA ALA B 335 -2.88 -8.42 10.76
C ALA B 335 -1.98 -7.23 11.13
N ALA B 336 -0.66 -7.48 11.22
CA ALA B 336 0.31 -6.39 11.49
C ALA B 336 0.28 -5.31 10.41
N LEU B 337 0.30 -5.71 9.15
CA LEU B 337 0.21 -4.76 8.05
C LEU B 337 -1.07 -3.95 8.15
N ALA B 338 -2.17 -4.61 8.48
CA ALA B 338 -3.46 -3.90 8.67
C ALA B 338 -3.45 -2.97 9.88
N THR B 339 -2.77 -3.38 10.95
CA THR B 339 -2.66 -2.59 12.16
C THR B 339 -1.90 -1.31 11.88
N ILE B 340 -0.78 -1.44 11.15
CA ILE B 340 0.01 -0.27 10.75
C ILE B 340 -0.84 0.65 9.89
N GLU B 341 -1.52 0.08 8.91
CA GLU B 341 -2.38 0.89 8.03
CA GLU B 341 -2.38 0.88 8.04
C GLU B 341 -3.44 1.62 8.86
N THR B 342 -3.99 0.96 9.87
CA THR B 342 -5.05 1.55 10.73
C THR B 342 -4.52 2.74 11.56
N ILE B 343 -3.35 2.55 12.14
CA ILE B 343 -2.74 3.59 12.91
C ILE B 343 -2.55 4.83 12.05
N GLU B 344 -2.10 4.63 10.80
CA GLU B 344 -1.91 5.76 9.89
C GLU B 344 -3.25 6.34 9.43
N SER B 345 -4.17 5.48 8.98
CA SER B 345 -5.45 5.95 8.43
C SER B 345 -6.38 6.60 9.46
N GLU B 346 -6.42 6.09 10.68
CA GLU B 346 -7.29 6.65 11.71
C GLU B 346 -6.60 7.71 12.60
N GLY B 347 -5.37 8.07 12.29
CA GLY B 347 -4.59 9.06 13.05
C GLY B 347 -4.44 8.69 14.52
N LEU B 348 -4.02 7.46 14.78
CA LEU B 348 -4.03 6.95 16.15
C LEU B 348 -2.95 7.51 17.05
N VAL B 349 -1.84 7.95 16.49
CA VAL B 349 -0.82 8.59 17.30
C VAL B 349 -1.38 9.88 17.89
N ALA B 350 -2.04 10.69 17.06
CA ALA B 350 -2.69 11.90 17.56
C ALA B 350 -3.83 11.52 18.55
N ARG B 351 -4.55 10.45 18.28
CA ARG B 351 -5.62 10.04 19.18
C ARG B 351 -5.07 9.71 20.56
N ALA B 352 -3.93 9.04 20.61
CA ALA B 352 -3.27 8.75 21.88
C ALA B 352 -2.93 10.05 22.62
N GLN B 353 -2.55 11.09 21.89
CA GLN B 353 -2.26 12.38 22.53
C GLN B 353 -3.51 13.00 23.11
N GLN B 354 -4.63 12.84 22.42
CA GLN B 354 -5.90 13.36 22.92
C GLN B 354 -6.29 12.66 24.22
N ILE B 355 -6.12 11.34 24.25
CA ILE B 355 -6.47 10.54 25.41
C ILE B 355 -5.58 10.88 26.61
N GLU B 356 -4.30 11.09 26.36
CA GLU B 356 -3.40 11.59 27.40
C GLU B 356 -3.97 12.81 28.10
N LYS B 357 -4.43 13.78 27.32
CA LYS B 357 -4.95 15.04 27.88
C LYS B 357 -6.17 14.79 28.73
N ILE B 358 -7.09 13.97 28.23
CA ILE B 358 -8.32 13.67 28.97
C ILE B 358 -7.98 12.98 30.29
N MET B 359 -7.12 11.96 30.22
CA MET B 359 -6.84 11.15 31.40
C MET B 359 -6.04 11.97 32.42
N LYS B 360 -5.05 12.74 31.97
CA LYS B 360 -4.25 13.50 32.92
C LYS B 360 -5.07 14.63 33.55
N ASP B 361 -6.00 15.21 32.80
CA ASP B 361 -6.83 16.28 33.33
CA ASP B 361 -6.87 16.27 33.32
C ASP B 361 -7.79 15.69 34.39
N ARG B 362 -8.46 14.58 34.05
CA ARG B 362 -9.38 13.93 35.00
C ARG B 362 -8.65 13.48 36.27
N LEU B 363 -7.52 12.81 36.12
CA LEU B 363 -6.82 12.25 37.25
C LEU B 363 -6.14 13.34 38.08
N GLY B 364 -5.69 14.41 37.42
CA GLY B 364 -5.08 15.54 38.12
C GLY B 364 -6.12 16.25 38.98
N ARG B 365 -7.36 16.36 38.50
CA ARG B 365 -8.46 16.93 39.31
C ARG B 365 -8.78 16.03 40.49
N LEU B 366 -8.83 14.73 40.23
CA LEU B 366 -9.04 13.77 41.30
C LEU B 366 -7.94 13.86 42.37
N GLN B 367 -6.69 13.98 41.95
CA GLN B 367 -5.54 14.09 42.87
C GLN B 367 -5.63 15.34 43.75
N ALA B 368 -6.12 16.44 43.17
CA ALA B 368 -6.31 17.68 43.92
C ALA B 368 -7.35 17.50 45.05
N GLU B 369 -8.32 16.62 44.83
CA GLU B 369 -9.37 16.35 45.80
C GLU B 369 -9.10 15.16 46.72
N ASP B 370 -8.09 14.33 46.43
CA ASP B 370 -7.87 13.09 47.19
C ASP B 370 -6.37 12.81 47.39
N ASP B 371 -5.90 13.08 48.62
CA ASP B 371 -4.48 12.97 48.97
C ASP B 371 -3.94 11.54 49.01
N ARG B 372 -4.79 10.54 48.70
CA ARG B 372 -4.33 9.15 48.56
C ARG B 372 -3.72 8.87 47.19
N ILE B 373 -3.95 9.77 46.24
CA ILE B 373 -3.29 9.71 44.93
C ILE B 373 -1.96 10.43 45.04
N GLY B 374 -0.87 9.66 45.12
CA GLY B 374 0.45 10.26 45.30
C GLY B 374 1.05 10.81 44.02
N ASP B 375 0.76 10.15 42.91
CA ASP B 375 1.39 10.49 41.64
C ASP B 375 0.45 10.14 40.49
N VAL B 376 0.45 10.97 39.45
CA VAL B 376 -0.25 10.68 38.18
C VAL B 376 0.82 10.82 37.10
N ARG B 377 1.02 9.81 36.29
CA ARG B 377 2.15 9.79 35.35
C ARG B 377 1.88 8.95 34.11
N GLY B 378 2.75 9.07 33.10
CA GLY B 378 2.62 8.31 31.88
C GLY B 378 2.54 9.22 30.66
N ARG B 379 2.31 8.61 29.49
CA ARG B 379 2.16 9.33 28.22
C ARG B 379 1.15 8.59 27.36
N GLY B 380 0.46 9.35 26.52
CA GLY B 380 -0.51 8.77 25.60
C GLY B 380 -1.62 8.07 26.31
N ALA B 381 -1.90 6.86 25.85
CA ALA B 381 -2.87 6.02 26.44
C ALA B 381 -2.21 4.98 27.35
N MET B 382 -1.11 5.38 28.01
CA MET B 382 -0.41 4.59 29.02
C MET B 382 -0.26 5.49 30.24
N ILE B 383 -1.33 5.59 31.03
CA ILE B 383 -1.39 6.52 32.15
C ILE B 383 -1.72 5.76 33.43
N ALA B 384 -1.18 6.22 34.55
CA ALA B 384 -1.40 5.56 35.83
C ALA B 384 -1.46 6.52 36.97
N MET B 385 -2.08 6.06 38.06
CA MET B 385 -2.01 6.78 39.32
C MET B 385 -1.51 5.83 40.39
N GLU B 386 -0.60 6.35 41.20
CA GLU B 386 -0.02 5.56 42.29
C GLU B 386 -0.68 5.94 43.62
N LEU B 387 -1.21 4.93 44.33
CA LEU B 387 -1.99 5.12 45.54
C LEU B 387 -1.15 4.92 46.78
N VAL B 388 -1.25 5.86 47.72
CA VAL B 388 -0.38 5.87 48.89
C VAL B 388 -1.20 6.22 50.11
N LYS B 389 -0.68 5.89 51.30
CA LYS B 389 -1.28 6.40 52.54
C LYS B 389 -1.12 7.92 52.54
N ALA B 390 -2.20 8.60 52.89
CA ALA B 390 -2.29 10.05 52.77
C ALA B 390 -1.13 10.73 53.48
N GLY B 391 -0.45 11.62 52.78
CA GLY B 391 0.66 12.40 53.34
C GLY B 391 2.01 11.74 53.25
N THR B 392 2.06 10.53 52.69
CA THR B 392 3.28 9.73 52.66
C THR B 392 3.51 9.15 51.27
N THR B 393 4.60 8.40 51.13
CA THR B 393 4.78 7.55 49.96
C THR B 393 4.62 6.08 50.36
N GLU B 394 3.97 5.80 51.49
CA GLU B 394 3.75 4.40 51.86
C GLU B 394 2.73 3.80 50.90
N PRO B 395 3.05 2.68 50.26
CA PRO B 395 2.08 2.14 49.28
C PRO B 395 0.75 1.70 49.91
N ASP B 396 -0.34 1.82 49.15
CA ASP B 396 -1.61 1.26 49.58
C ASP B 396 -2.14 0.28 48.55
N ALA B 397 -1.62 -0.94 48.59
CA ALA B 397 -2.10 -2.02 47.72
C ALA B 397 -3.54 -2.45 48.06
N ASP B 398 -3.92 -2.33 49.33
CA ASP B 398 -5.29 -2.69 49.75
C ASP B 398 -6.34 -1.82 49.05
N LEU B 399 -6.08 -0.52 49.00
CA LEU B 399 -7.00 0.41 48.37
C LEU B 399 -7.04 0.10 46.87
N THR B 400 -5.87 -0.11 46.28
CA THR B 400 -5.78 -0.44 44.86
C THR B 400 -6.66 -1.63 44.50
N LYS B 401 -6.56 -2.69 45.30
CA LYS B 401 -7.33 -3.90 45.06
C LYS B 401 -8.82 -3.63 45.18
N ALA B 402 -9.20 -2.83 46.17
CA ALA B 402 -10.61 -2.56 46.43
C ALA B 402 -11.18 -1.72 45.29
N LEU B 403 -10.38 -0.77 44.83
CA LEU B 403 -10.77 0.10 43.73
C LEU B 403 -10.97 -0.72 42.45
N CYS B 404 -10.04 -1.62 42.16
CA CYS B 404 -10.17 -2.44 40.97
C CYS B 404 -11.40 -3.36 41.08
N ALA B 405 -11.59 -3.97 42.25
CA ALA B 405 -12.73 -4.87 42.48
C ALA B 405 -14.05 -4.14 42.30
N GLY B 406 -14.12 -2.93 42.83
CA GLY B 406 -15.33 -2.10 42.73
C GLY B 406 -15.62 -1.73 41.29
N ALA B 407 -14.57 -1.37 40.55
CA ALA B 407 -14.70 -1.05 39.13
C ALA B 407 -15.21 -2.25 38.32
N HIS B 408 -14.67 -3.43 38.59
CA HIS B 408 -15.06 -4.64 37.88
C HIS B 408 -16.55 -4.97 38.09
N ALA B 409 -16.98 -4.85 39.34
CA ALA B 409 -18.38 -5.06 39.71
C ALA B 409 -19.35 -4.08 39.02
N ALA B 410 -18.85 -2.89 38.64
CA ALA B 410 -19.65 -1.89 37.97
C ALA B 410 -19.47 -1.93 36.45
N GLY B 411 -18.83 -2.97 35.95
CA GLY B 411 -18.73 -3.22 34.50
C GLY B 411 -17.60 -2.45 33.84
N VAL B 412 -16.49 -2.26 34.55
CA VAL B 412 -15.31 -1.60 33.96
C VAL B 412 -14.07 -2.49 34.14
N ILE B 413 -13.38 -2.78 33.03
CA ILE B 413 -12.19 -3.59 33.03
C ILE B 413 -11.05 -2.63 33.29
N VAL B 414 -10.46 -2.73 34.49
CA VAL B 414 -9.32 -1.89 34.82
C VAL B 414 -8.28 -2.73 35.55
N LEU B 415 -7.01 -2.46 35.27
CA LEU B 415 -5.90 -3.24 35.78
C LEU B 415 -5.05 -2.47 36.79
N SER B 416 -4.30 -3.21 37.60
CA SER B 416 -3.30 -2.65 38.48
C SER B 416 -1.92 -3.15 38.05
N CYS B 417 -0.89 -2.63 38.71
CA CYS B 417 0.49 -3.04 38.46
C CYS B 417 1.34 -2.45 39.57
N GLY B 418 2.65 -2.60 39.42
CA GLY B 418 3.57 -2.00 40.36
C GLY B 418 4.33 -2.97 41.21
N THR B 419 5.57 -2.60 41.46
CA THR B 419 6.41 -3.33 42.40
C THR B 419 5.75 -3.50 43.76
N TYR B 420 5.01 -2.51 44.22
CA TYR B 420 4.31 -2.56 45.51
C TYR B 420 2.78 -2.76 45.41
N GLY B 421 2.31 -3.11 44.20
CA GLY B 421 0.90 -3.44 43.96
C GLY B 421 -0.09 -2.31 44.17
N ASN B 422 0.38 -1.08 44.03
CA ASN B 422 -0.39 0.10 44.40
C ASN B 422 -0.54 1.10 43.26
N VAL B 423 -0.46 0.60 42.03
CA VAL B 423 -0.64 1.44 40.84
C VAL B 423 -1.86 0.99 40.06
N VAL B 424 -2.80 1.92 39.86
CA VAL B 424 -3.93 1.70 38.96
C VAL B 424 -3.59 2.25 37.60
N ARG B 425 -3.61 1.38 36.59
CA ARG B 425 -3.16 1.81 35.24
C ARG B 425 -4.35 1.89 34.31
N PHE B 426 -4.19 2.71 33.29
CA PHE B 426 -5.21 2.87 32.27
C PHE B 426 -4.58 2.61 30.93
N LEU B 427 -5.06 1.56 30.25
CA LEU B 427 -4.65 1.20 28.91
C LEU B 427 -5.85 1.06 27.99
N PRO B 428 -6.59 2.14 27.81
CA PRO B 428 -7.74 2.04 26.89
C PRO B 428 -7.26 1.78 25.46
N PRO B 429 -8.09 1.11 24.65
CA PRO B 429 -7.80 1.06 23.22
C PRO B 429 -7.97 2.44 22.61
N LEU B 430 -7.23 2.73 21.54
CA LEU B 430 -7.31 4.07 20.90
C LEU B 430 -8.62 4.23 20.14
N SER B 431 -9.39 3.16 20.09
CA SER B 431 -10.71 3.18 19.47
C SER B 431 -11.83 3.54 20.43
N ILE B 432 -11.53 3.82 21.69
CA ILE B 432 -12.56 4.16 22.68
C ILE B 432 -13.05 5.57 22.37
N GLY B 433 -14.35 5.79 22.52
CA GLY B 433 -14.90 7.13 22.36
C GLY B 433 -14.63 7.94 23.61
N ASP B 434 -14.58 9.26 23.48
CA ASP B 434 -14.43 10.12 24.64
C ASP B 434 -15.48 9.87 25.72
N ASP B 435 -16.72 9.63 25.30
CA ASP B 435 -17.81 9.48 26.27
C ASP B 435 -17.65 8.20 27.13
N LEU B 436 -17.26 7.09 26.52
CA LEU B 436 -17.04 5.86 27.28
C LEU B 436 -15.82 5.96 28.19
N LEU B 437 -14.77 6.61 27.71
CA LEU B 437 -13.55 6.78 28.51
C LEU B 437 -13.84 7.62 29.74
N ASN B 438 -14.59 8.71 29.54
CA ASN B 438 -15.00 9.55 30.64
C ASN B 438 -15.94 8.81 31.59
N GLU B 439 -16.83 7.98 31.03
CA GLU B 439 -17.69 7.13 31.87
C GLU B 439 -16.90 6.11 32.69
N GLY B 440 -15.94 5.44 32.07
CA GLY B 440 -15.06 4.58 32.84
C GLY B 440 -14.35 5.31 33.98
N LEU B 441 -13.84 6.51 33.71
CA LEU B 441 -13.16 7.29 34.75
C LEU B 441 -14.13 7.71 35.86
N ASP B 442 -15.36 8.05 35.47
CA ASP B 442 -16.44 8.34 36.43
C ASP B 442 -16.68 7.17 37.38
N VAL B 443 -16.69 5.96 36.85
CA VAL B 443 -16.84 4.78 37.69
C VAL B 443 -15.72 4.68 38.73
N LEU B 444 -14.47 4.86 38.29
CA LEU B 444 -13.33 4.78 39.20
C LEU B 444 -13.44 5.84 40.28
N GLU B 445 -13.79 7.06 39.88
CA GLU B 445 -14.06 8.16 40.82
C GLU B 445 -15.09 7.79 41.87
N GLU B 446 -16.23 7.29 41.41
CA GLU B 446 -17.33 6.93 42.30
C GLU B 446 -16.90 5.84 43.30
N VAL B 447 -16.15 4.85 42.82
CA VAL B 447 -15.69 3.77 43.69
C VAL B 447 -14.69 4.29 44.71
N LEU B 448 -13.81 5.18 44.26
CA LEU B 448 -12.78 5.77 45.12
C LEU B 448 -13.38 6.63 46.23
N ARG B 449 -14.41 7.41 45.91
CA ARG B 449 -15.17 8.20 46.90
C ARG B 449 -15.82 7.32 47.94
N GLY B 450 -16.48 6.27 47.47
CA GLY B 450 -17.08 5.28 48.36
C GLY B 450 -15.97 4.46 49.01
N SER C 4 21.15 18.49 -34.11
CA SER C 4 19.78 18.78 -34.64
C SER C 4 19.83 19.53 -35.95
N MET C 5 18.86 19.26 -36.80
CA MET C 5 18.74 20.00 -38.06
C MET C 5 17.87 21.26 -37.97
N VAL C 6 17.46 21.65 -36.78
CA VAL C 6 16.52 22.78 -36.67
C VAL C 6 17.17 24.12 -37.03
N SER C 7 16.40 24.96 -37.72
CA SER C 7 16.86 26.30 -38.12
C SER C 7 15.80 27.33 -37.77
N HIS C 8 15.95 27.96 -36.63
CA HIS C 8 15.03 28.99 -36.18
C HIS C 8 15.07 30.21 -37.12
N PRO C 9 14.02 31.05 -37.09
CA PRO C 9 14.06 32.26 -37.92
C PRO C 9 15.24 33.17 -37.61
N GLU C 10 15.48 34.12 -38.49
CA GLU C 10 16.43 35.19 -38.29
C GLU C 10 16.07 35.89 -36.98
N GLN C 11 17.09 36.26 -36.21
CA GLN C 11 16.87 36.80 -34.86
C GLN C 11 16.89 38.33 -34.88
N SER C 12 15.94 38.87 -35.64
CA SER C 12 15.77 40.28 -35.78
C SER C 12 14.31 40.55 -36.06
N ARG C 13 13.81 41.65 -35.51
CA ARG C 13 12.47 42.14 -35.83
C ARG C 13 12.43 42.63 -37.26
N HIS C 14 11.34 42.37 -37.95
CA HIS C 14 11.25 42.73 -39.36
C HIS C 14 9.79 42.93 -39.73
N LEU C 15 9.48 44.10 -40.26
CA LEU C 15 8.13 44.45 -40.69
C LEU C 15 8.12 44.52 -42.20
N ALA C 16 7.81 43.39 -42.81
CA ALA C 16 7.69 43.26 -44.25
C ALA C 16 6.40 43.89 -44.75
N THR C 17 5.36 43.80 -43.93
CA THR C 17 4.03 44.30 -44.31
C THR C 17 3.42 45.04 -43.15
N ALA C 18 2.27 45.67 -43.38
CA ALA C 18 1.43 46.12 -42.26
C ALA C 18 1.02 44.88 -41.44
N ILE C 19 0.65 45.08 -40.19
CA ILE C 19 0.21 44.00 -39.30
C ILE C 19 -1.28 44.23 -39.07
N PRO C 20 -2.16 43.34 -39.55
CA PRO C 20 -1.88 42.10 -40.30
C PRO C 20 -1.54 42.35 -41.74
N GLY C 21 -0.73 41.45 -42.27
CA GLY C 21 -0.45 41.39 -43.69
C GLY C 21 -1.56 40.63 -44.42
N PRO C 22 -1.50 40.61 -45.76
CA PRO C 22 -2.58 39.99 -46.54
C PRO C 22 -2.77 38.47 -46.32
N ARG C 23 -1.67 37.73 -46.19
CA ARG C 23 -1.79 36.27 -45.92
C ARG C 23 -2.41 36.03 -44.55
N SER C 24 -2.03 36.84 -43.56
CA SER C 24 -2.65 36.74 -42.26
C SER C 24 -4.12 37.12 -42.35
N GLN C 25 -4.47 38.16 -43.11
CA GLN C 25 -5.90 38.54 -43.23
C GLN C 25 -6.73 37.41 -43.85
N ALA C 26 -6.21 36.72 -44.87
CA ALA C 26 -6.96 35.60 -45.45
C ALA C 26 -7.22 34.51 -44.38
N LEU C 27 -6.24 34.31 -43.52
CA LEU C 27 -6.36 33.30 -42.43
C LEU C 27 -7.31 33.76 -41.36
N ILE C 28 -7.32 35.07 -41.05
CA ILE C 28 -8.30 35.61 -40.08
C ILE C 28 -9.71 35.37 -40.63
N ASP C 29 -9.89 35.59 -41.93
CA ASP C 29 -11.19 35.37 -42.59
C ASP C 29 -11.60 33.91 -42.50
N ARG C 30 -10.66 33.01 -42.76
CA ARG C 30 -10.94 31.56 -42.58
C ARG C 30 -11.28 31.19 -41.15
N LYS C 31 -10.51 31.71 -40.19
CA LYS C 31 -10.76 31.47 -38.76
C LYS C 31 -12.19 31.87 -38.39
N GLY C 32 -12.63 33.05 -38.87
CA GLY C 32 -13.96 33.55 -38.60
C GLY C 32 -15.10 32.66 -39.04
N THR C 33 -14.91 31.88 -40.10
CA THR C 33 -15.99 31.05 -40.61
C THR C 33 -15.83 29.57 -40.24
N ALA C 34 -14.75 29.20 -39.56
CA ALA C 34 -14.52 27.79 -39.15
C ALA C 34 -14.39 27.54 -37.66
N VAL C 35 -13.92 28.53 -36.91
CA VAL C 35 -13.60 28.35 -35.49
C VAL C 35 -14.62 29.14 -34.68
N ALA C 36 -15.10 28.53 -33.60
CA ALA C 36 -16.03 29.18 -32.70
C ALA C 36 -15.48 30.51 -32.19
N ARG C 37 -16.32 31.53 -32.05
CA ARG C 37 -15.81 32.84 -31.65
C ARG C 37 -15.23 32.84 -30.26
N GLY C 38 -15.68 31.88 -29.42
CA GLY C 38 -15.19 31.74 -28.06
C GLY C 38 -13.69 31.51 -27.95
N VAL C 39 -13.06 30.98 -29.01
CA VAL C 39 -11.62 30.88 -29.05
C VAL C 39 -11.07 32.21 -29.53
N GLY C 40 -10.61 33.04 -28.59
CA GLY C 40 -10.10 34.38 -28.92
C GLY C 40 -8.67 34.30 -29.38
N THR C 41 -8.23 35.29 -30.14
CA THR C 41 -6.84 35.38 -30.56
C THR C 41 -6.29 36.76 -30.18
N THR C 42 -5.11 36.78 -29.63
CA THR C 42 -4.45 38.05 -29.24
C THR C 42 -3.83 38.75 -30.43
N MET C 43 -3.00 38.02 -31.19
CA MET C 43 -2.22 38.61 -32.29
C MET C 43 -2.97 38.49 -33.61
N PRO C 44 -2.95 39.55 -34.43
CA PRO C 44 -3.56 39.46 -35.75
C PRO C 44 -2.61 38.93 -36.84
N VAL C 45 -1.68 38.06 -36.48
CA VAL C 45 -0.81 37.43 -37.44
C VAL C 45 -0.83 35.92 -37.22
N TYR C 46 -0.57 35.20 -38.31
CA TYR C 46 -0.55 33.75 -38.33
C TYR C 46 0.92 33.23 -38.38
N ALA C 47 1.29 32.43 -37.38
CA ALA C 47 2.66 31.92 -37.23
C ALA C 47 3.03 30.85 -38.25
N VAL C 48 4.23 30.92 -38.80
CA VAL C 48 4.78 29.85 -39.63
C VAL C 48 5.99 29.15 -39.03
N ARG C 49 6.85 29.88 -38.33
CA ARG C 49 8.07 29.36 -37.72
C ARG C 49 8.41 30.21 -36.52
N ALA C 50 9.16 29.65 -35.57
CA ALA C 50 9.45 30.36 -34.36
C ALA C 50 10.66 29.73 -33.68
N GLY C 51 11.41 30.55 -32.93
CA GLY C 51 12.56 30.04 -32.20
C GLY C 51 13.41 31.21 -31.75
N GLY C 52 14.30 30.95 -30.81
CA GLY C 52 15.10 32.01 -30.20
C GLY C 52 14.19 33.02 -29.52
N GLY C 53 14.19 34.25 -30.04
CA GLY C 53 13.31 35.31 -29.54
C GLY C 53 12.23 35.79 -30.50
N ILE C 54 11.95 35.00 -31.54
CA ILE C 54 11.14 35.44 -32.69
C ILE C 54 9.99 34.50 -33.03
N VAL C 55 8.91 35.07 -33.54
CA VAL C 55 7.85 34.31 -34.19
C VAL C 55 7.77 34.93 -35.55
N GLU C 56 7.92 34.13 -36.59
CA GLU C 56 7.76 34.60 -37.98
C GLU C 56 6.38 34.29 -38.49
N ASP C 57 5.75 35.24 -39.20
CA ASP C 57 4.40 35.06 -39.67
C ASP C 57 4.35 34.72 -41.16
N VAL C 58 3.14 34.40 -41.63
CA VAL C 58 2.88 34.00 -42.99
C VAL C 58 3.25 35.09 -44.05
N ASP C 59 3.35 36.34 -43.63
CA ASP C 59 3.70 37.42 -44.54
C ASP C 59 5.19 37.74 -44.49
N GLY C 60 5.94 36.95 -43.73
CA GLY C 60 7.39 37.19 -43.56
C GLY C 60 7.77 38.22 -42.49
N ASN C 61 6.81 38.73 -41.74
CA ASN C 61 7.16 39.58 -40.59
C ASN C 61 7.80 38.71 -39.49
N ARG C 62 8.71 39.30 -38.75
CA ARG C 62 9.37 38.65 -37.64
C ARG C 62 9.10 39.51 -36.41
N LEU C 63 8.39 38.89 -35.45
CA LEU C 63 7.96 39.57 -34.27
C LEU C 63 8.74 39.11 -33.06
N ILE C 64 9.04 40.04 -32.18
CA ILE C 64 9.74 39.75 -30.94
C ILE C 64 8.75 39.08 -29.98
N ASP C 65 9.15 37.91 -29.47
CA ASP C 65 8.31 37.08 -28.61
C ASP C 65 8.51 37.37 -27.12
N LEU C 66 7.64 38.17 -26.53
CA LEU C 66 7.66 38.46 -25.08
C LEU C 66 6.57 37.70 -24.32
N GLY C 67 5.98 36.71 -25.00
CA GLY C 67 4.89 35.91 -24.46
C GLY C 67 5.17 34.44 -24.17
N SER C 68 6.10 33.85 -24.90
CA SER C 68 6.41 32.40 -24.90
C SER C 68 5.14 31.51 -24.91
N GLY C 69 4.13 31.93 -25.65
CA GLY C 69 2.87 31.16 -25.77
C GLY C 69 2.16 31.00 -24.43
N ILE C 70 2.23 32.03 -23.61
CA ILE C 70 1.81 32.02 -22.20
C ILE C 70 2.69 31.13 -21.30
N ALA C 71 3.98 31.41 -21.31
CA ALA C 71 4.95 30.84 -20.37
C ALA C 71 5.19 29.33 -20.66
N VAL C 72 5.01 28.91 -21.92
CA VAL C 72 5.19 27.52 -22.31
C VAL C 72 6.58 27.26 -22.92
N THR C 73 6.97 28.06 -23.92
CA THR C 73 8.23 27.83 -24.62
C THR C 73 9.41 28.49 -23.90
N THR C 74 9.54 28.19 -22.62
CA THR C 74 10.58 28.73 -21.75
C THR C 74 11.98 28.42 -22.29
N VAL C 75 12.13 27.21 -22.82
CA VAL C 75 13.41 26.78 -23.39
C VAL C 75 13.62 27.27 -24.83
N GLY C 76 12.62 27.99 -25.36
CA GLY C 76 12.57 28.42 -26.75
C GLY C 76 11.66 27.53 -27.57
N ASN C 77 11.06 28.10 -28.60
CA ASN C 77 10.29 27.33 -29.57
C ASN C 77 11.21 26.39 -30.32
N SER C 78 10.78 25.15 -30.54
CA SER C 78 11.55 24.16 -31.29
C SER C 78 13.01 24.10 -30.83
N ALA C 79 13.19 23.94 -29.52
CA ALA C 79 14.55 23.82 -28.93
C ALA C 79 15.23 22.58 -29.53
N PRO C 80 16.52 22.67 -29.85
CA PRO C 80 17.11 21.58 -30.62
C PRO C 80 16.98 20.19 -30.00
N LYS C 81 17.24 20.08 -28.69
CA LYS C 81 17.09 18.78 -28.04
C LYS C 81 15.66 18.26 -28.09
N VAL C 82 14.72 19.20 -28.02
CA VAL C 82 13.30 18.85 -28.05
C VAL C 82 12.95 18.34 -29.43
N VAL C 83 13.40 19.05 -30.46
CA VAL C 83 13.19 18.63 -31.83
C VAL C 83 13.76 17.22 -32.08
N GLU C 84 14.98 16.99 -31.64
CA GLU C 84 15.57 15.68 -31.85
CA GLU C 84 15.66 15.70 -31.77
C GLU C 84 14.83 14.58 -31.14
N ALA C 85 14.39 14.85 -29.91
CA ALA C 85 13.69 13.85 -29.10
C ALA C 85 12.36 13.48 -29.73
N VAL C 86 11.65 14.51 -30.19
CA VAL C 86 10.36 14.30 -30.85
C VAL C 86 10.53 13.53 -32.15
N ARG C 87 11.49 13.95 -32.99
CA ARG C 87 11.70 13.29 -34.25
C ARG C 87 12.05 11.84 -34.10
N SER C 88 12.85 11.52 -33.09
CA SER C 88 13.26 10.15 -32.86
C SER C 88 12.06 9.31 -32.36
N GLN C 89 11.37 9.81 -31.34
CA GLN C 89 10.28 9.02 -30.73
C GLN C 89 9.12 8.72 -31.69
N VAL C 90 8.73 9.72 -32.49
CA VAL C 90 7.58 9.56 -33.33
C VAL C 90 7.72 8.40 -34.33
N GLY C 91 8.94 8.10 -34.75
CA GLY C 91 9.18 6.94 -35.63
C GLY C 91 9.06 5.56 -34.99
N ASP C 92 9.09 5.53 -33.66
CA ASP C 92 9.06 4.31 -32.88
C ASP C 92 7.65 3.97 -32.44
N PHE C 93 6.97 4.96 -31.83
CA PHE C 93 5.52 4.89 -31.60
C PHE C 93 4.96 6.22 -31.20
N THR C 94 3.73 6.50 -31.59
CA THR C 94 3.08 7.76 -31.25
C THR C 94 2.34 7.66 -29.91
N HIS C 95 1.85 6.46 -29.58
CA HIS C 95 0.92 6.30 -28.48
C HIS C 95 0.68 4.84 -28.28
N THR C 96 0.82 4.38 -27.04
CA THR C 96 0.32 3.04 -26.68
C THR C 96 -0.76 3.07 -25.57
N CYS C 97 -1.01 4.24 -24.99
CA CYS C 97 -1.74 4.46 -23.72
C CYS C 97 -0.95 3.85 -22.59
N PHE C 98 -0.36 4.69 -21.74
CA PHE C 98 0.45 4.13 -20.62
C PHE C 98 -0.35 3.12 -19.79
N MET C 99 -1.64 3.38 -19.62
CA MET C 99 -2.54 2.48 -18.89
C MET C 99 -2.78 1.15 -19.56
N VAL C 100 -2.44 1.03 -20.85
CA VAL C 100 -2.55 -0.24 -21.56
C VAL C 100 -1.15 -0.86 -21.63
N THR C 101 -0.27 -0.27 -22.43
CA THR C 101 1.11 -0.78 -22.56
C THR C 101 2.07 0.35 -22.16
N PRO C 102 2.69 0.19 -20.98
CA PRO C 102 3.54 1.25 -20.49
C PRO C 102 4.85 1.37 -21.28
N TYR C 103 5.56 2.45 -21.01
CA TYR C 103 6.82 2.78 -21.70
C TYR C 103 7.74 3.58 -20.77
N GLU C 104 9.04 3.45 -21.04
CA GLU C 104 10.08 4.00 -20.17
C GLU C 104 10.02 5.52 -20.02
N GLY C 105 9.65 6.22 -21.10
CA GLY C 105 9.61 7.69 -21.09
C GLY C 105 8.71 8.27 -20.01
N TYR C 106 7.58 7.62 -19.78
CA TYR C 106 6.64 8.07 -18.72
C TYR C 106 7.30 7.89 -17.35
N VAL C 107 7.87 6.73 -17.13
CA VAL C 107 8.55 6.43 -15.86
C VAL C 107 9.73 7.40 -15.65
N ALA C 108 10.51 7.62 -16.70
CA ALA C 108 11.69 8.49 -16.62
C ALA C 108 11.28 9.94 -16.29
N VAL C 109 10.22 10.44 -16.91
CA VAL C 109 9.74 11.80 -16.60
C VAL C 109 9.35 11.86 -15.11
N CYS C 110 8.63 10.87 -14.64
CA CYS C 110 8.22 10.84 -13.24
C CYS C 110 9.42 10.82 -12.30
N GLU C 111 10.42 10.01 -12.62
CA GLU C 111 11.69 9.99 -11.87
C GLU C 111 12.36 11.37 -11.83
N GLN C 112 12.36 12.10 -12.95
CA GLN C 112 12.98 13.43 -13.00
C GLN C 112 12.16 14.44 -12.18
N LEU C 113 10.84 14.36 -12.28
CA LEU C 113 10.00 15.20 -11.46
C LEU C 113 10.25 14.92 -9.98
N ASN C 114 10.35 13.65 -9.62
CA ASN C 114 10.57 13.31 -8.20
C ASN C 114 11.91 13.90 -7.72
N ARG C 115 12.91 13.87 -8.59
CA ARG C 115 14.25 14.37 -8.26
C ARG C 115 14.26 15.89 -8.11
N LEU C 116 13.60 16.59 -9.02
CA LEU C 116 13.76 18.05 -9.19
C LEU C 116 12.84 18.95 -8.33
N THR C 117 11.73 18.36 -7.84
CA THR C 117 10.67 19.16 -7.25
C THR C 117 10.97 19.48 -5.78
N PRO C 118 10.30 20.53 -5.26
CA PRO C 118 10.56 21.00 -3.90
C PRO C 118 9.83 20.23 -2.81
N VAL C 119 9.03 19.25 -3.21
CA VAL C 119 8.44 18.32 -2.24
C VAL C 119 9.57 17.53 -1.58
N ARG C 120 9.51 17.30 -0.27
CA ARG C 120 10.55 16.57 0.44
C ARG C 120 10.17 15.11 0.67
N GLY C 121 11.18 14.26 0.85
CA GLY C 121 10.96 12.88 1.24
C GLY C 121 10.62 11.99 0.05
N ASP C 122 10.00 10.85 0.32
CA ASP C 122 9.65 9.88 -0.73
C ASP C 122 8.51 10.46 -1.57
N LYS C 123 8.66 10.40 -2.88
CA LYS C 123 7.73 11.04 -3.81
C LYS C 123 7.23 10.08 -4.90
N ARG C 124 6.07 10.40 -5.45
CA ARG C 124 5.59 9.77 -6.68
C ARG C 124 4.99 10.84 -7.58
N SER C 125 4.86 10.54 -8.86
CA SER C 125 4.24 11.44 -9.80
C SER C 125 3.21 10.71 -10.67
N ALA C 126 2.38 11.49 -11.35
CA ALA C 126 1.49 10.97 -12.41
C ALA C 126 1.38 12.04 -13.50
N LEU C 127 1.18 11.64 -14.74
CA LEU C 127 1.25 12.55 -15.88
C LEU C 127 -0.11 12.65 -16.60
N PHE C 128 -0.43 13.85 -17.06
CA PHE C 128 -1.69 14.10 -17.74
C PHE C 128 -1.34 14.96 -18.95
N ASN C 129 -2.31 15.65 -19.55
CA ASN C 129 -2.01 16.50 -20.73
C ASN C 129 -1.97 17.99 -20.42
N SER C 130 -3.03 18.51 -19.83
CA SER C 130 -3.14 19.94 -19.60
C SER C 130 -2.96 20.35 -18.14
N GLY C 131 -2.68 21.62 -17.92
CA GLY C 131 -2.60 22.14 -16.59
C GLY C 131 -3.91 21.96 -15.83
N SER C 132 -5.06 22.17 -16.50
CA SER C 132 -6.37 21.99 -15.87
CA SER C 132 -6.34 22.00 -15.83
C SER C 132 -6.52 20.55 -15.40
N GLU C 133 -6.16 19.61 -16.26
CA GLU C 133 -6.19 18.19 -15.87
C GLU C 133 -5.33 17.89 -14.64
N ALA C 134 -4.14 18.44 -14.61
CA ALA C 134 -3.23 18.18 -13.49
C ALA C 134 -3.75 18.78 -12.19
N VAL C 135 -4.32 20.00 -12.24
CA VAL C 135 -4.96 20.57 -11.07
C VAL C 135 -6.12 19.66 -10.60
N GLU C 136 -6.95 19.24 -11.53
CA GLU C 136 -8.06 18.31 -11.25
C GLU C 136 -7.54 17.06 -10.52
N ASN C 137 -6.44 16.52 -11.00
CA ASN C 137 -5.90 15.33 -10.40
C ASN C 137 -5.29 15.58 -9.03
N ALA C 138 -4.65 16.71 -8.82
CA ALA C 138 -4.13 17.03 -7.49
C ALA C 138 -5.29 17.10 -6.49
N VAL C 139 -6.43 17.65 -6.93
CA VAL C 139 -7.64 17.71 -6.04
C VAL C 139 -8.18 16.32 -5.74
N LYS C 140 -8.29 15.48 -6.78
CA LYS C 140 -8.72 14.10 -6.63
C LYS C 140 -7.85 13.35 -5.62
N ILE C 141 -6.52 13.54 -5.74
CA ILE C 141 -5.56 12.88 -4.89
C ILE C 141 -5.72 13.33 -3.44
N ALA C 142 -5.89 14.64 -3.24
CA ALA C 142 -6.04 15.18 -1.91
C ALA C 142 -7.33 14.68 -1.24
N ARG C 143 -8.43 14.64 -1.98
CA ARG C 143 -9.72 14.18 -1.46
C ARG C 143 -9.64 12.69 -1.13
N SER C 144 -9.05 11.92 -2.03
CA SER C 144 -8.89 10.50 -1.82
C SER C 144 -8.06 10.20 -0.56
N HIS C 145 -6.97 10.93 -0.41
CA HIS C 145 -6.07 10.77 0.73
C HIS C 145 -6.69 11.15 2.06
N THR C 146 -7.38 12.29 2.08
CA THR C 146 -7.87 12.85 3.32
C THR C 146 -9.26 12.38 3.70
N HIS C 147 -10.03 11.95 2.72
CA HIS C 147 -11.46 11.62 2.86
C HIS C 147 -12.24 12.87 3.34
N LYS C 148 -11.74 14.05 3.00
CA LYS C 148 -12.41 15.33 3.32
C LYS C 148 -12.81 16.00 1.98
N PRO C 149 -13.91 16.77 1.98
CA PRO C 149 -14.42 17.26 0.68
C PRO C 149 -13.90 18.63 0.17
N ALA C 150 -13.68 19.59 1.05
CA ALA C 150 -13.55 20.99 0.63
C ALA C 150 -12.20 21.31 0.06
N VAL C 151 -12.17 22.27 -0.87
CA VAL C 151 -10.88 22.79 -1.36
C VAL C 151 -10.98 24.32 -1.30
N VAL C 152 -9.91 24.97 -0.86
CA VAL C 152 -9.90 26.42 -0.81
C VAL C 152 -8.87 26.99 -1.79
N ALA C 153 -9.31 27.99 -2.55
CA ALA C 153 -8.45 28.70 -3.47
C ALA C 153 -8.55 30.19 -3.14
N PHE C 154 -7.77 31.00 -3.83
CA PHE C 154 -7.60 32.39 -3.42
C PHE C 154 -8.17 33.44 -4.34
N ASP C 155 -8.40 34.62 -3.79
CA ASP C 155 -8.69 35.81 -4.62
CA ASP C 155 -8.71 35.76 -4.64
C ASP C 155 -7.60 35.91 -5.67
N HIS C 156 -7.98 36.35 -6.89
CA HIS C 156 -7.05 36.52 -8.01
C HIS C 156 -6.45 35.21 -8.56
N ALA C 157 -6.96 34.04 -8.13
CA ALA C 157 -6.41 32.76 -8.58
C ALA C 157 -6.91 32.41 -9.96
N TYR C 158 -6.07 31.69 -10.70
CA TYR C 158 -6.46 31.09 -11.98
C TYR C 158 -5.92 29.64 -11.99
N HIS C 159 -6.78 28.67 -12.28
CA HIS C 159 -6.44 27.26 -12.24
C HIS C 159 -6.93 26.44 -13.43
N GLY C 160 -7.70 27.03 -14.34
CA GLY C 160 -8.09 26.39 -15.57
C GLY C 160 -9.54 26.55 -16.01
N ARG C 161 -9.91 25.80 -17.06
CA ARG C 161 -11.16 26.00 -17.75
C ARG C 161 -12.12 24.77 -17.74
N THR C 162 -11.81 23.74 -16.95
CA THR C 162 -12.79 22.66 -16.71
C THR C 162 -13.75 23.16 -15.64
N ASN C 163 -14.83 22.41 -15.41
CA ASN C 163 -15.81 22.86 -14.45
C ASN C 163 -15.19 23.08 -13.06
N LEU C 164 -14.43 22.12 -12.55
CA LEU C 164 -13.84 22.26 -11.21
C LEU C 164 -12.74 23.30 -11.21
N THR C 165 -11.96 23.40 -12.29
CA THR C 165 -10.90 24.41 -12.29
C THR C 165 -11.43 25.84 -12.50
N MET C 166 -12.55 25.97 -13.22
CA MET C 166 -13.32 27.20 -13.26
C MET C 166 -13.80 27.57 -11.87
N ALA C 167 -14.33 26.60 -11.13
CA ALA C 167 -14.70 26.83 -9.72
C ALA C 167 -13.56 27.42 -8.90
N LEU C 168 -12.38 26.83 -9.04
CA LEU C 168 -11.19 27.31 -8.34
C LEU C 168 -10.69 28.67 -8.79
N THR C 169 -10.94 29.01 -10.03
CA THR C 169 -10.57 30.30 -10.61
C THR C 169 -11.47 31.41 -10.06
N ALA C 170 -10.90 32.58 -9.74
CA ALA C 170 -11.66 33.66 -9.12
C ALA C 170 -12.49 34.47 -10.14
N LYS C 171 -11.88 34.87 -11.24
CA LYS C 171 -12.54 35.81 -12.15
C LYS C 171 -13.52 35.15 -13.14
N VAL C 172 -14.73 35.70 -13.23
CA VAL C 172 -15.79 35.14 -14.08
C VAL C 172 -15.65 35.52 -15.56
N MET C 173 -15.22 36.76 -15.86
CA MET C 173 -15.09 37.21 -17.24
CA MET C 173 -15.09 37.21 -17.26
C MET C 173 -13.63 37.08 -17.70
N PRO C 174 -13.37 36.21 -18.70
CA PRO C 174 -14.23 35.39 -19.52
C PRO C 174 -14.31 33.92 -19.07
N TYR C 175 -13.59 33.56 -18.02
CA TYR C 175 -13.31 32.15 -17.73
C TYR C 175 -14.52 31.32 -17.29
N LYS C 176 -15.48 31.94 -16.61
CA LYS C 176 -16.56 31.18 -15.95
C LYS C 176 -17.97 31.56 -16.43
N ASP C 177 -18.11 32.67 -17.14
CA ASP C 177 -19.41 33.30 -17.32
C ASP C 177 -20.38 32.41 -18.09
N GLY C 178 -21.51 32.11 -17.46
CA GLY C 178 -22.55 31.27 -18.03
C GLY C 178 -22.26 29.79 -18.13
N PHE C 179 -21.13 29.33 -17.58
CA PHE C 179 -20.72 27.93 -17.76
C PHE C 179 -21.01 27.00 -16.57
N GLY C 180 -21.63 27.53 -15.52
CA GLY C 180 -21.94 26.71 -14.35
C GLY C 180 -23.27 25.98 -14.49
N PRO C 181 -23.75 25.40 -13.40
CA PRO C 181 -23.23 25.45 -12.03
C PRO C 181 -21.93 24.73 -11.80
N PHE C 182 -21.17 25.23 -10.83
CA PHE C 182 -19.83 24.75 -10.59
C PHE C 182 -19.70 23.70 -9.47
N ALA C 183 -18.65 22.89 -9.61
CA ALA C 183 -18.28 21.87 -8.65
C ALA C 183 -18.41 22.40 -7.20
N PRO C 184 -19.04 21.62 -6.32
CA PRO C 184 -19.34 22.06 -4.96
C PRO C 184 -18.16 21.98 -4.00
N GLU C 185 -18.32 22.62 -2.84
CA GLU C 185 -17.32 22.60 -1.76
C GLU C 185 -15.96 23.22 -2.17
N ILE C 186 -16.05 24.24 -3.02
CA ILE C 186 -14.92 25.08 -3.38
C ILE C 186 -15.12 26.44 -2.70
N TYR C 187 -14.12 26.90 -1.96
CA TYR C 187 -14.19 28.12 -1.16
C TYR C 187 -13.07 29.09 -1.55
N ARG C 188 -13.28 30.37 -1.20
CA ARG C 188 -12.38 31.44 -1.57
C ARG C 188 -11.79 32.10 -0.34
N ALA C 189 -10.48 32.30 -0.35
CA ALA C 189 -9.79 33.00 0.76
C ALA C 189 -9.05 34.24 0.26
N PRO C 190 -8.82 35.21 1.16
CA PRO C 190 -8.10 36.42 0.79
C PRO C 190 -6.60 36.19 0.56
N LEU C 191 -6.04 36.96 -0.38
CA LEU C 191 -4.66 36.86 -0.84
C LEU C 191 -3.80 38.02 -0.37
N SER C 192 -2.51 37.75 -0.13
CA SER C 192 -1.51 38.83 -0.03
C SER C 192 -1.24 39.42 -1.42
N TYR C 193 -1.55 40.70 -1.58
CA TYR C 193 -1.40 41.47 -2.80
C TYR C 193 -0.83 42.84 -2.39
N PRO C 194 0.49 42.90 -2.21
CA PRO C 194 1.13 44.03 -1.55
C PRO C 194 0.72 45.40 -2.08
N PHE C 195 0.70 45.55 -3.40
CA PHE C 195 0.37 46.82 -4.03
C PHE C 195 -0.99 47.35 -3.59
N ARG C 196 -2.01 46.49 -3.55
CA ARG C 196 -3.36 46.91 -3.17
C ARG C 196 -3.59 46.82 -1.67
N ASP C 197 -2.84 45.96 -0.98
CA ASP C 197 -2.93 45.86 0.48
C ASP C 197 -2.35 47.12 1.18
N ALA C 198 -1.41 47.78 0.51
CA ALA C 198 -0.71 48.94 1.10
C ALA C 198 -1.66 50.08 1.47
N GLU C 199 -2.77 50.20 0.76
CA GLU C 199 -3.79 51.19 1.07
C GLU C 199 -4.32 51.06 2.51
N PHE C 200 -4.23 49.87 3.10
CA PHE C 200 -4.79 49.57 4.43
C PHE C 200 -3.70 49.47 5.50
N GLY C 201 -2.47 49.79 5.14
CA GLY C 201 -1.33 49.76 6.06
C GLY C 201 -0.08 49.24 5.35
N LYS C 202 1.05 49.93 5.54
CA LYS C 202 2.32 49.44 4.99
C LYS C 202 2.72 48.06 5.56
N GLU C 203 2.22 47.73 6.76
CA GLU C 203 2.41 46.40 7.39
C GLU C 203 1.66 45.25 6.71
N LEU C 204 0.40 45.46 6.35
CA LEU C 204 -0.32 44.47 5.55
C LEU C 204 0.44 44.14 4.25
N ALA C 205 1.07 45.16 3.66
CA ALA C 205 1.73 45.01 2.36
C ALA C 205 3.06 44.26 2.41
N THR C 206 3.70 44.23 3.58
CA THR C 206 4.99 43.54 3.73
C THR C 206 5.00 42.39 4.75
N ASP C 207 4.01 42.36 5.63
CA ASP C 207 3.91 41.35 6.68
C ASP C 207 3.06 40.17 6.18
N GLY C 208 3.70 39.27 5.46
CA GLY C 208 2.97 38.14 4.88
C GLY C 208 2.36 37.20 5.90
N GLU C 209 2.99 37.10 7.08
CA GLU C 209 2.45 36.27 8.13
C GLU C 209 1.06 36.78 8.52
N LEU C 210 0.93 38.10 8.60
CA LEU C 210 -0.37 38.70 8.94
C LEU C 210 -1.46 38.41 7.90
N ALA C 211 -1.13 38.56 6.61
CA ALA C 211 -2.06 38.22 5.52
C ALA C 211 -2.45 36.73 5.58
N ALA C 212 -1.48 35.87 5.90
CA ALA C 212 -1.79 34.42 6.01
C ALA C 212 -2.74 34.14 7.18
N LYS C 213 -2.55 34.83 8.30
CA LYS C 213 -3.45 34.67 9.44
C LYS C 213 -4.87 35.11 9.12
N ARG C 214 -5.02 36.17 8.35
CA ARG C 214 -6.35 36.56 7.86
C ARG C 214 -6.99 35.47 7.00
N ALA C 215 -6.19 34.86 6.11
CA ALA C 215 -6.72 33.78 5.28
C ALA C 215 -7.07 32.56 6.12
N ILE C 216 -6.22 32.28 7.10
CA ILE C 216 -6.43 31.14 7.99
C ILE C 216 -7.71 31.30 8.82
N THR C 217 -8.00 32.52 9.26
CA THR C 217 -9.25 32.75 10.01
C THR C 217 -10.46 32.45 9.14
N VAL C 218 -10.40 32.90 7.90
CA VAL C 218 -11.47 32.62 6.97
C VAL C 218 -11.67 31.09 6.81
N ILE C 219 -10.56 30.39 6.58
CA ILE C 219 -10.59 28.93 6.33
C ILE C 219 -11.11 28.15 7.55
N ASP C 220 -10.59 28.52 8.72
CA ASP C 220 -11.01 27.91 9.98
C ASP C 220 -12.49 28.13 10.23
N LYS C 221 -12.93 29.38 10.09
CA LYS C 221 -14.31 29.70 10.47
C LYS C 221 -15.34 29.22 9.46
N GLN C 222 -15.03 29.31 8.17
CA GLN C 222 -16.01 29.10 7.12
C GLN C 222 -15.94 27.73 6.50
N ILE C 223 -14.87 26.97 6.80
CA ILE C 223 -14.74 25.62 6.29
C ILE C 223 -14.45 24.63 7.41
N GLY C 224 -13.39 24.89 8.18
CA GLY C 224 -12.93 23.99 9.23
C GLY C 224 -11.97 22.96 8.68
N ALA C 225 -10.83 22.80 9.35
CA ALA C 225 -9.80 21.85 8.90
C ALA C 225 -10.32 20.44 8.71
N ASP C 226 -11.25 20.03 9.57
CA ASP C 226 -11.78 18.67 9.53
C ASP C 226 -12.69 18.39 8.33
N ASN C 227 -13.04 19.43 7.57
CA ASN C 227 -13.81 19.32 6.38
C ASN C 227 -13.02 19.69 5.13
N LEU C 228 -11.72 20.00 5.28
CA LEU C 228 -10.93 20.57 4.22
C LEU C 228 -9.85 19.60 3.71
N ALA C 229 -9.94 19.23 2.44
CA ALA C 229 -8.95 18.35 1.84
C ALA C 229 -7.67 19.11 1.51
N ALA C 230 -7.80 20.33 0.98
CA ALA C 230 -6.65 20.99 0.43
C ALA C 230 -6.75 22.49 0.33
N VAL C 231 -5.60 23.12 0.37
CA VAL C 231 -5.40 24.52 0.01
C VAL C 231 -4.58 24.49 -1.27
N VAL C 232 -5.08 25.16 -2.31
CA VAL C 232 -4.38 25.25 -3.58
C VAL C 232 -3.98 26.70 -3.86
N ILE C 233 -2.72 26.92 -4.20
CA ILE C 233 -2.23 28.28 -4.42
C ILE C 233 -1.06 28.31 -5.39
N GLU C 234 -1.07 29.33 -6.24
CA GLU C 234 0.07 29.66 -7.13
C GLU C 234 1.10 30.47 -6.34
N PRO C 235 2.38 30.09 -6.41
CA PRO C 235 3.38 30.85 -5.64
C PRO C 235 3.42 32.30 -6.08
N ILE C 236 3.17 32.55 -7.37
CA ILE C 236 2.97 33.87 -7.95
C ILE C 236 1.72 33.74 -8.83
N GLN C 237 0.67 34.51 -8.53
CA GLN C 237 -0.55 34.43 -9.32
C GLN C 237 -0.25 34.87 -10.76
N GLY C 238 -0.60 34.02 -11.72
CA GLY C 238 -0.32 34.28 -13.11
C GLY C 238 -1.34 35.16 -13.82
N GLU C 239 -2.41 34.55 -14.29
CA GLU C 239 -3.44 35.28 -14.99
C GLU C 239 -4.06 36.39 -14.10
N GLY C 240 -3.97 36.19 -12.77
CA GLY C 240 -4.47 37.14 -11.80
C GLY C 240 -3.65 38.41 -11.65
N GLY C 241 -2.47 38.47 -12.28
CA GLY C 241 -1.73 39.71 -12.34
C GLY C 241 -0.26 39.70 -11.97
N PHE C 242 0.38 38.52 -11.97
CA PHE C 242 1.79 38.37 -11.59
C PHE C 242 2.00 38.91 -10.16
N ILE C 243 1.14 38.47 -9.26
CA ILE C 243 1.14 38.95 -7.90
C ILE C 243 2.11 38.10 -7.08
N VAL C 244 3.10 38.76 -6.50
CA VAL C 244 4.05 38.09 -5.62
C VAL C 244 3.63 38.35 -4.16
N PRO C 245 3.41 37.29 -3.37
CA PRO C 245 2.94 37.52 -2.01
C PRO C 245 4.03 38.14 -1.14
N ALA C 246 3.62 38.85 -0.10
CA ALA C 246 4.58 39.31 0.88
C ALA C 246 5.28 38.13 1.52
N ASP C 247 6.57 38.31 1.82
CA ASP C 247 7.30 37.27 2.53
C ASP C 247 6.57 36.82 3.81
N GLY C 248 6.55 35.52 4.06
CA GLY C 248 5.90 34.94 5.22
C GLY C 248 4.51 34.39 4.96
N PHE C 249 3.87 34.79 3.86
CA PHE C 249 2.50 34.33 3.55
C PHE C 249 2.48 32.82 3.27
N LEU C 250 3.24 32.36 2.28
CA LEU C 250 3.26 30.96 1.89
C LEU C 250 3.80 30.07 3.04
N PRO C 251 4.94 30.40 3.67
CA PRO C 251 5.41 29.59 4.82
C PRO C 251 4.35 29.43 5.95
N THR C 252 3.56 30.47 6.22
CA THR C 252 2.58 30.42 7.30
C THR C 252 1.38 29.53 6.90
N LEU C 253 0.92 29.68 5.67
CA LEU C 253 -0.13 28.79 5.15
C LEU C 253 0.33 27.32 5.16
N LEU C 254 1.55 27.06 4.74
CA LEU C 254 2.06 25.69 4.74
C LEU C 254 2.10 25.15 6.18
N ASP C 255 2.63 25.94 7.11
CA ASP C 255 2.72 25.50 8.51
C ASP C 255 1.32 25.13 9.06
N TRP C 256 0.32 25.96 8.78
CA TRP C 256 -1.05 25.68 9.21
C TRP C 256 -1.55 24.37 8.61
N CYS C 257 -1.29 24.16 7.32
CA CYS C 257 -1.72 22.94 6.67
C CYS C 257 -1.11 21.70 7.33
N ARG C 258 0.18 21.78 7.62
CA ARG C 258 0.89 20.68 8.26
C ARG C 258 0.39 20.35 9.68
N LYS C 259 0.00 21.38 10.43
CA LYS C 259 -0.57 21.19 11.77
C LYS C 259 -2.02 20.67 11.78
N ASN C 260 -2.71 20.82 10.66
CA ASN C 260 -4.12 20.55 10.57
C ASN C 260 -4.49 19.44 9.58
N ASP C 261 -3.49 18.69 9.11
CA ASP C 261 -3.71 17.58 8.21
CA ASP C 261 -3.75 17.55 8.23
C ASP C 261 -4.52 17.98 6.97
N VAL C 262 -4.09 19.09 6.37
CA VAL C 262 -4.66 19.59 5.10
C VAL C 262 -3.55 19.56 4.04
N VAL C 263 -3.88 19.14 2.81
CA VAL C 263 -2.88 19.01 1.76
C VAL C 263 -2.60 20.39 1.16
N PHE C 264 -1.33 20.80 1.20
CA PHE C 264 -0.92 22.10 0.64
C PHE C 264 -0.47 21.79 -0.79
N ILE C 265 -1.21 22.35 -1.76
CA ILE C 265 -0.98 22.13 -3.19
C ILE C 265 -0.43 23.41 -3.80
N ALA C 266 0.82 23.36 -4.28
CA ALA C 266 1.39 24.44 -5.02
C ALA C 266 1.08 24.26 -6.48
N ASP C 267 0.34 25.21 -7.06
CA ASP C 267 0.08 25.21 -8.51
C ASP C 267 1.17 25.98 -9.22
N GLU C 268 2.15 25.23 -9.74
CA GLU C 268 3.32 25.77 -10.46
C GLU C 268 3.20 25.52 -11.96
N VAL C 269 1.97 25.43 -12.45
CA VAL C 269 1.76 25.30 -13.88
C VAL C 269 2.48 26.44 -14.65
N GLN C 270 2.34 27.68 -14.18
CA GLN C 270 2.97 28.83 -14.85
C GLN C 270 4.36 29.15 -14.30
N THR C 271 4.54 29.03 -12.99
CA THR C 271 5.82 29.40 -12.36
C THR C 271 6.92 28.35 -12.50
N GLY C 272 6.56 27.09 -12.76
CA GLY C 272 7.55 26.03 -12.71
C GLY C 272 8.52 25.96 -13.89
N PHE C 273 9.54 25.12 -13.73
CA PHE C 273 10.54 24.88 -14.77
C PHE C 273 11.29 26.14 -15.20
N ALA C 274 12.03 26.70 -14.24
CA ALA C 274 13.03 27.74 -14.45
C ALA C 274 12.50 29.16 -14.66
N ARG C 275 11.20 29.29 -14.84
CA ARG C 275 10.57 30.54 -15.23
C ARG C 275 10.90 31.68 -14.26
N THR C 276 10.96 31.39 -12.96
CA THR C 276 11.12 32.44 -11.95
C THR C 276 12.55 32.63 -11.44
N GLY C 277 13.53 32.02 -12.09
CA GLY C 277 14.95 32.15 -11.66
C GLY C 277 15.30 31.15 -10.58
N ALA C 278 14.46 30.13 -10.43
CA ALA C 278 14.72 28.96 -9.63
C ALA C 278 14.05 27.84 -10.43
N MET C 279 14.44 26.59 -10.22
CA MET C 279 13.79 25.50 -10.97
C MET C 279 12.26 25.54 -10.69
N PHE C 280 11.90 25.70 -9.41
CA PHE C 280 10.52 25.89 -9.00
C PHE C 280 10.38 27.08 -8.06
N ALA C 281 9.28 27.83 -8.21
CA ALA C 281 9.11 29.06 -7.43
C ALA C 281 8.97 28.84 -5.93
N CYS C 282 8.54 27.65 -5.52
CA CYS C 282 8.55 27.31 -4.10
C CYS C 282 9.96 27.46 -3.47
N GLU C 283 11.01 27.37 -4.28
CA GLU C 283 12.35 27.46 -3.75
C GLU C 283 12.67 28.84 -3.15
N HIS C 284 12.02 29.90 -3.62
CA HIS C 284 12.43 31.25 -3.22
CA HIS C 284 12.37 31.28 -3.21
C HIS C 284 12.28 31.45 -1.71
N GLU C 285 11.21 30.90 -1.11
CA GLU C 285 11.06 30.91 0.36
C GLU C 285 11.25 29.56 1.04
N GLY C 286 11.80 28.61 0.30
CA GLY C 286 12.09 27.30 0.86
C GLY C 286 10.84 26.52 1.24
N ILE C 287 9.76 26.73 0.49
CA ILE C 287 8.47 26.04 0.70
C ILE C 287 8.58 24.61 0.17
N ASP C 288 8.22 23.63 0.99
CA ASP C 288 8.13 22.24 0.56
C ASP C 288 6.66 21.83 0.56
N PRO C 289 5.97 21.93 -0.60
CA PRO C 289 4.56 21.62 -0.61
C PRO C 289 4.28 20.13 -0.45
N ASP C 290 3.02 19.79 -0.23
CA ASP C 290 2.61 18.40 -0.17
C ASP C 290 2.49 17.81 -1.57
N LEU C 291 1.86 18.57 -2.45
CA LEU C 291 1.75 18.27 -3.88
C LEU C 291 2.15 19.50 -4.68
N ILE C 292 2.73 19.27 -5.86
CA ILE C 292 3.04 20.34 -6.79
C ILE C 292 2.48 19.95 -8.16
N VAL C 293 1.79 20.91 -8.78
CA VAL C 293 1.21 20.76 -10.12
C VAL C 293 2.12 21.46 -11.12
N THR C 294 2.46 20.77 -12.21
CA THR C 294 3.28 21.35 -13.28
C THR C 294 2.63 21.15 -14.65
N ALA C 295 2.96 22.02 -15.60
CA ALA C 295 2.57 21.88 -17.01
C ALA C 295 3.34 22.94 -17.77
N GLY C 297 5.71 24.82 -19.25
CA GLY C 297 7.12 24.74 -19.71
C GLY C 297 7.76 23.37 -19.64
N ILE C 298 7.05 22.43 -19.00
CA ILE C 298 7.58 21.11 -18.76
C ILE C 298 8.11 20.38 -20.02
N ALA C 299 7.45 20.57 -21.16
CA ALA C 299 7.74 19.80 -22.35
C ALA C 299 8.00 20.65 -23.60
N GLY C 300 8.45 21.88 -23.39
CA GLY C 300 8.93 22.69 -24.51
C GLY C 300 7.91 22.98 -25.58
N GLY C 301 6.62 22.94 -25.23
CA GLY C 301 5.53 23.16 -26.16
C GLY C 301 4.65 21.96 -26.41
N LEU C 302 5.12 20.76 -26.03
CA LEU C 302 4.30 19.55 -26.25
C LEU C 302 3.29 19.43 -25.12
N PRO C 303 2.11 18.87 -25.40
CA PRO C 303 1.10 18.79 -24.34
C PRO C 303 1.40 17.75 -23.25
N LEU C 304 1.81 18.22 -22.09
CA LEU C 304 2.09 17.39 -20.95
C LEU C 304 1.84 18.19 -19.65
N SER C 305 1.41 17.48 -18.61
CA SER C 305 1.29 18.06 -17.29
C SER C 305 1.52 16.98 -16.24
N ALA C 306 1.62 17.35 -14.97
CA ALA C 306 1.94 16.41 -13.95
C ALA C 306 1.51 16.85 -12.57
N VAL C 307 1.34 15.85 -11.70
CA VAL C 307 1.29 16.08 -10.27
C VAL C 307 2.40 15.25 -9.65
N THR C 308 3.14 15.87 -8.74
CA THR C 308 4.20 15.21 -7.98
C THR C 308 3.92 15.48 -6.51
N GLY C 309 4.13 14.50 -5.65
CA GLY C 309 3.83 14.71 -4.24
C GLY C 309 4.38 13.67 -3.32
N ARG C 310 4.20 13.91 -2.03
CA ARG C 310 4.60 12.96 -1.00
C ARG C 310 3.95 11.60 -1.32
N ALA C 311 4.74 10.53 -1.29
CA ALA C 311 4.31 9.21 -1.74
C ALA C 311 3.01 8.74 -1.11
N GLU C 312 2.90 8.89 0.21
CA GLU C 312 1.75 8.44 0.95
C GLU C 312 0.46 9.17 0.58
N ILE C 313 0.57 10.42 0.12
CA ILE C 313 -0.59 11.13 -0.42
C ILE C 313 -0.92 10.64 -1.84
N MET C 314 0.08 10.68 -2.72
CA MET C 314 -0.07 10.28 -4.13
C MET C 314 -0.61 8.87 -4.31
N ASP C 315 -0.24 7.96 -3.41
CA ASP C 315 -0.62 6.54 -3.51
C ASP C 315 -2.00 6.23 -2.94
N SER C 316 -2.70 7.25 -2.42
CA SER C 316 -4.02 6.99 -1.86
C SER C 316 -5.06 6.53 -2.90
N PRO C 317 -5.17 7.22 -4.06
CA PRO C 317 -6.11 6.65 -5.06
C PRO C 317 -5.83 5.19 -5.40
N HIS C 318 -6.93 4.45 -5.54
CA HIS C 318 -6.86 3.04 -5.90
CA HIS C 318 -6.90 3.03 -5.91
C HIS C 318 -6.29 2.86 -7.30
N VAL C 319 -5.78 1.67 -7.57
CA VAL C 319 -5.25 1.33 -8.88
C VAL C 319 -6.32 1.59 -9.94
N SER C 320 -5.92 2.27 -11.02
CA SER C 320 -6.80 2.69 -12.12
C SER C 320 -7.70 3.89 -11.82
N GLY C 321 -7.56 4.45 -10.64
CA GLY C 321 -8.31 5.65 -10.28
C GLY C 321 -7.78 6.95 -10.87
N LEU C 322 -6.54 6.93 -11.36
CA LEU C 322 -5.96 8.08 -12.02
C LEU C 322 -5.60 7.72 -13.46
N GLY C 323 -5.66 8.70 -14.34
CA GLY C 323 -5.06 8.53 -15.68
C GLY C 323 -5.82 9.25 -16.75
N GLY C 324 -6.20 8.54 -17.80
CA GLY C 324 -6.73 9.19 -18.98
C GLY C 324 -5.99 8.65 -20.21
N THR C 325 -6.60 8.76 -21.38
CA THR C 325 -6.09 8.06 -22.56
C THR C 325 -4.69 8.53 -23.00
N TYR C 326 -4.55 9.82 -23.19
CA TYR C 326 -3.36 10.40 -23.80
C TYR C 326 -2.27 10.71 -22.80
N GLY C 327 -2.62 10.84 -21.52
CA GLY C 327 -1.71 11.44 -20.54
C GLY C 327 -0.32 10.83 -20.56
N GLY C 328 0.71 11.65 -20.41
CA GLY C 328 2.07 11.17 -20.51
C GLY C 328 2.42 10.60 -21.87
N ASN C 329 1.96 11.27 -22.92
CA ASN C 329 2.19 10.82 -24.29
C ASN C 329 3.68 10.65 -24.51
N PRO C 330 4.10 9.58 -25.21
CA PRO C 330 5.54 9.28 -25.26
C PRO C 330 6.35 10.31 -26.02
N ILE C 331 5.74 10.99 -26.99
CA ILE C 331 6.41 12.06 -27.71
C ILE C 331 6.59 13.26 -26.77
N ALA C 332 5.53 13.60 -26.03
CA ALA C 332 5.60 14.63 -25.01
C ALA C 332 6.60 14.31 -23.91
N CYS C 333 6.67 13.03 -23.48
CA CYS C 333 7.66 12.63 -22.49
C CYS C 333 9.09 12.80 -23.00
N ALA C 334 9.34 12.40 -24.25
CA ALA C 334 10.67 12.62 -24.85
C ALA C 334 11.01 14.09 -24.86
N ALA C 335 10.04 14.94 -25.23
CA ALA C 335 10.22 16.38 -25.20
C ALA C 335 10.53 16.91 -23.81
N ALA C 336 9.82 16.40 -22.79
CA ALA C 336 10.07 16.82 -21.39
C ALA C 336 11.48 16.45 -20.92
N LEU C 337 11.94 15.24 -21.21
CA LEU C 337 13.29 14.84 -20.84
C LEU C 337 14.31 15.79 -21.50
N ALA C 338 14.09 16.10 -22.77
CA ALA C 338 14.97 17.00 -23.50
C ALA C 338 14.89 18.44 -22.94
N THR C 339 13.72 18.84 -22.48
CA THR C 339 13.52 20.20 -21.90
C THR C 339 14.33 20.35 -20.60
N ILE C 340 14.23 19.32 -19.76
CA ILE C 340 14.98 19.29 -18.53
C ILE C 340 16.49 19.29 -18.80
N GLU C 341 16.91 18.51 -19.78
CA GLU C 341 18.33 18.45 -20.15
C GLU C 341 18.79 19.81 -20.67
N THR C 342 17.94 20.52 -21.41
CA THR C 342 18.23 21.86 -21.95
C THR C 342 18.39 22.88 -20.82
N ILE C 343 17.46 22.86 -19.87
CA ILE C 343 17.54 23.75 -18.71
C ILE C 343 18.89 23.59 -17.97
N GLU C 344 19.28 22.35 -17.74
CA GLU C 344 20.54 22.05 -17.07
C GLU C 344 21.75 22.41 -17.94
N SER C 345 21.77 21.95 -19.19
CA SER C 345 22.95 22.15 -20.05
C SER C 345 23.20 23.61 -20.45
N GLU C 346 22.13 24.40 -20.61
CA GLU C 346 22.25 25.79 -21.03
C GLU C 346 22.17 26.76 -19.83
N GLY C 347 22.15 26.24 -18.60
CA GLY C 347 22.11 27.06 -17.40
C GLY C 347 20.95 28.03 -17.38
N LEU C 348 19.76 27.52 -17.66
CA LEU C 348 18.62 28.40 -17.88
C LEU C 348 18.02 29.00 -16.61
N VAL C 349 18.24 28.38 -15.45
CA VAL C 349 17.82 29.01 -14.21
C VAL C 349 18.58 30.34 -14.00
N ALA C 350 19.90 30.29 -14.15
CA ALA C 350 20.70 31.51 -14.13
C ALA C 350 20.30 32.50 -15.20
N ARG C 351 19.98 32.01 -16.40
CA ARG C 351 19.53 32.89 -17.47
C ARG C 351 18.28 33.66 -17.09
N ALA C 352 17.34 32.99 -16.42
CA ALA C 352 16.13 33.66 -15.95
C ALA C 352 16.44 34.77 -14.94
N GLN C 353 17.43 34.53 -14.09
CA GLN C 353 17.90 35.57 -13.15
C GLN C 353 18.49 36.76 -13.88
N GLN C 354 19.20 36.52 -14.96
CA GLN C 354 19.79 37.60 -15.76
C GLN C 354 18.69 38.44 -16.38
N ILE C 355 17.62 37.75 -16.82
CA ILE C 355 16.50 38.40 -17.48
C ILE C 355 15.71 39.23 -16.45
N GLU C 356 15.62 38.76 -15.22
CA GLU C 356 14.96 39.52 -14.16
C GLU C 356 15.66 40.87 -13.98
N LYS C 357 16.98 40.83 -13.95
CA LYS C 357 17.77 42.05 -13.72
C LYS C 357 17.52 43.05 -14.85
N ILE C 358 17.52 42.56 -16.09
CA ILE C 358 17.30 43.42 -17.22
C ILE C 358 15.92 44.08 -17.20
N MET C 359 14.89 43.26 -16.97
CA MET C 359 13.52 43.73 -17.05
C MET C 359 13.18 44.65 -15.89
N LYS C 360 13.61 44.31 -14.68
CA LYS C 360 13.32 45.17 -13.53
C LYS C 360 14.09 46.50 -13.59
N ASP C 361 15.32 46.46 -14.11
CA ASP C 361 16.06 47.70 -14.36
C ASP C 361 15.34 48.59 -15.36
N ARG C 362 14.96 48.06 -16.51
CA ARG C 362 14.30 48.84 -17.54
C ARG C 362 12.95 49.36 -17.03
N LEU C 363 12.11 48.49 -16.46
CA LEU C 363 10.78 48.90 -16.03
C LEU C 363 10.84 49.83 -14.81
N GLY C 364 11.85 49.64 -13.96
CA GLY C 364 12.10 50.53 -12.83
C GLY C 364 12.42 51.96 -13.27
N ARG C 365 13.27 52.09 -14.29
CA ARG C 365 13.61 53.40 -14.88
C ARG C 365 12.37 54.03 -15.52
N LEU C 366 11.59 53.20 -16.19
CA LEU C 366 10.32 53.62 -16.77
C LEU C 366 9.39 54.15 -15.66
N GLN C 367 9.28 53.41 -14.56
CA GLN C 367 8.41 53.80 -13.47
C GLN C 367 8.79 55.17 -12.88
N ALA C 368 10.09 55.42 -12.77
CA ALA C 368 10.60 56.68 -12.25
C ALA C 368 10.21 57.86 -13.12
N GLU C 369 10.01 57.64 -14.41
CA GLU C 369 9.64 58.71 -15.34
C GLU C 369 8.13 58.77 -15.60
N ASP C 370 7.36 57.76 -15.18
CA ASP C 370 5.96 57.68 -15.58
C ASP C 370 5.10 57.18 -14.42
N ASP C 371 4.35 58.09 -13.81
CA ASP C 371 3.59 57.76 -12.60
C ASP C 371 2.33 56.91 -12.88
N ARG C 372 2.06 56.64 -14.15
CA ARG C 372 1.01 55.67 -14.53
C ARG C 372 1.41 54.23 -14.28
N ILE C 373 2.71 53.99 -14.06
CA ILE C 373 3.15 52.65 -13.70
C ILE C 373 3.14 52.56 -12.18
N GLY C 374 2.17 51.81 -11.65
CA GLY C 374 1.92 51.76 -10.21
C GLY C 374 2.84 50.82 -9.47
N ASP C 375 3.16 49.70 -10.12
CA ASP C 375 3.94 48.64 -9.49
C ASP C 375 4.72 47.89 -10.58
N VAL C 376 5.93 47.46 -10.23
CA VAL C 376 6.75 46.60 -11.08
C VAL C 376 7.08 45.42 -10.20
N ARG C 377 6.76 44.21 -10.66
CA ARG C 377 6.84 43.02 -9.79
C ARG C 377 7.08 41.75 -10.57
N GLY C 378 7.48 40.71 -9.84
CA GLY C 378 7.65 39.37 -10.38
C GLY C 378 9.03 38.86 -10.08
N ARG C 379 9.36 37.71 -10.64
CA ARG C 379 10.68 37.11 -10.49
C ARG C 379 11.10 36.45 -11.79
N GLY C 380 12.42 36.36 -12.02
CA GLY C 380 12.92 35.66 -13.17
C GLY C 380 12.43 36.27 -14.48
N ALA C 381 11.90 35.41 -15.33
CA ALA C 381 11.31 35.83 -16.59
C ALA C 381 9.80 35.86 -16.50
N MET C 382 9.29 36.20 -15.32
CA MET C 382 7.86 36.39 -15.06
C MET C 382 7.69 37.75 -14.36
N ILE C 383 7.71 38.81 -15.18
CA ILE C 383 7.74 40.18 -14.70
C ILE C 383 6.58 40.95 -15.26
N ALA C 384 6.02 41.87 -14.46
CA ALA C 384 4.89 42.66 -14.93
C ALA C 384 4.93 44.08 -14.40
N MET C 385 4.19 44.97 -15.08
CA MET C 385 3.90 46.28 -14.54
C MET C 385 2.39 46.45 -14.49
N GLU C 386 1.93 47.05 -13.39
CA GLU C 386 0.53 47.35 -13.21
C GLU C 386 0.27 48.83 -13.50
N LEU C 387 -0.66 49.09 -14.43
CA LEU C 387 -0.97 50.45 -14.88
C LEU C 387 -2.18 51.01 -14.18
N VAL C 388 -2.05 52.26 -13.74
CA VAL C 388 -3.07 52.92 -12.90
C VAL C 388 -3.21 54.38 -13.32
N LYS C 389 -4.30 55.01 -12.90
CA LYS C 389 -4.41 56.47 -13.05
C LYS C 389 -3.36 57.11 -12.16
N ALA C 390 -2.61 58.06 -12.71
CA ALA C 390 -1.50 58.71 -11.98
C ALA C 390 -1.90 59.12 -10.57
N GLY C 391 -1.09 58.71 -9.60
CA GLY C 391 -1.25 59.11 -8.20
C GLY C 391 -2.29 58.33 -7.42
N THR C 392 -2.82 57.27 -8.02
CA THR C 392 -3.88 56.47 -7.43
C THR C 392 -3.60 54.98 -7.66
N THR C 393 -4.46 54.14 -7.10
CA THR C 393 -4.44 52.72 -7.42
C THR C 393 -5.62 52.34 -8.33
N GLU C 394 -6.23 53.33 -8.99
CA GLU C 394 -7.34 53.06 -9.90
C GLU C 394 -6.80 52.40 -11.16
N PRO C 395 -7.31 51.20 -11.48
CA PRO C 395 -6.82 50.51 -12.68
C PRO C 395 -7.00 51.28 -13.97
N ASP C 396 -6.05 51.17 -14.89
CA ASP C 396 -6.22 51.72 -16.24
C ASP C 396 -6.07 50.61 -17.29
N ALA C 397 -7.16 49.86 -17.47
CA ALA C 397 -7.24 48.82 -18.47
C ALA C 397 -7.23 49.39 -19.90
N ASP C 398 -7.72 50.62 -20.06
CA ASP C 398 -7.71 51.28 -21.39
C ASP C 398 -6.28 51.53 -21.88
N LEU C 399 -5.43 52.06 -21.00
CA LEU C 399 -4.03 52.28 -21.34
C LEU C 399 -3.35 50.94 -21.62
N THR C 400 -3.69 49.93 -20.83
CA THR C 400 -3.14 48.57 -21.01
C THR C 400 -3.45 48.05 -22.39
N LYS C 401 -4.70 48.17 -22.79
CA LYS C 401 -5.12 47.72 -24.12
C LYS C 401 -4.42 48.51 -25.22
N ALA C 402 -4.28 49.83 -25.03
CA ALA C 402 -3.61 50.66 -26.05
C ALA C 402 -2.14 50.32 -26.20
N LEU C 403 -1.46 50.09 -25.09
CA LEU C 403 -0.05 49.69 -25.09
C LEU C 403 0.18 48.36 -25.81
N CYS C 404 -0.66 47.38 -25.50
CA CYS C 404 -0.53 46.09 -26.14
C CYS C 404 -0.82 46.18 -27.64
N ALA C 405 -1.89 46.89 -28.03
CA ALA C 405 -2.21 47.07 -29.45
C ALA C 405 -1.09 47.76 -30.23
N GLY C 406 -0.51 48.77 -29.62
CA GLY C 406 0.60 49.49 -30.22
C GLY C 406 1.84 48.63 -30.41
N ALA C 407 2.17 47.86 -29.38
CA ALA C 407 3.28 46.92 -29.44
C ALA C 407 3.04 45.90 -30.56
N HIS C 408 1.84 45.34 -30.66
CA HIS C 408 1.54 44.33 -31.69
C HIS C 408 1.72 44.90 -33.09
N ALA C 409 1.21 46.11 -33.30
CA ALA C 409 1.33 46.80 -34.57
C ALA C 409 2.80 47.02 -34.96
N ALA C 410 3.68 47.11 -33.97
CA ALA C 410 5.08 47.30 -34.18
C ALA C 410 5.87 45.98 -34.15
N GLY C 411 5.20 44.84 -34.24
CA GLY C 411 5.90 43.54 -34.29
C GLY C 411 6.44 43.03 -32.97
N VAL C 412 5.71 43.28 -31.89
CA VAL C 412 6.09 42.73 -30.58
C VAL C 412 4.89 41.98 -30.00
N ILE C 413 5.07 40.70 -29.72
CA ILE C 413 4.07 39.92 -29.00
C ILE C 413 4.22 40.21 -27.51
N VAL C 414 3.23 40.90 -26.95
CA VAL C 414 3.19 41.17 -25.51
C VAL C 414 1.75 40.92 -25.01
N LEU C 415 1.64 40.36 -23.81
CA LEU C 415 0.35 40.01 -23.25
C LEU C 415 -0.02 40.90 -22.06
N SER C 416 -1.31 40.92 -21.74
CA SER C 416 -1.80 41.54 -20.54
C SER C 416 -2.45 40.48 -19.65
N CYS C 417 -2.80 40.89 -18.44
CA CYS C 417 -3.46 40.02 -17.48
C CYS C 417 -4.08 40.88 -16.36
N GLY C 418 -4.61 40.21 -15.35
CA GLY C 418 -5.02 40.87 -14.12
C GLY C 418 -6.51 40.87 -13.90
N THR C 419 -6.89 40.83 -12.63
CA THR C 419 -8.29 40.92 -12.24
C THR C 419 -8.97 42.14 -12.81
N TYR C 420 -8.24 43.26 -12.92
CA TYR C 420 -8.78 44.53 -13.44
C TYR C 420 -8.29 44.87 -14.85
N GLY C 421 -7.63 43.90 -15.50
CA GLY C 421 -7.25 44.01 -16.90
C GLY C 421 -6.20 45.08 -17.18
N ASN C 422 -5.39 45.38 -16.15
CA ASN C 422 -4.48 46.53 -16.21
C ASN C 422 -3.03 46.14 -15.92
N VAL C 423 -2.67 44.90 -16.22
CA VAL C 423 -1.28 44.46 -16.00
C VAL C 423 -0.69 44.06 -17.32
N VAL C 424 0.45 44.65 -17.68
CA VAL C 424 1.21 44.25 -18.84
C VAL C 424 2.27 43.31 -18.34
N ARG C 425 2.28 42.08 -18.84
CA ARG C 425 3.20 41.06 -18.37
C ARG C 425 4.26 40.74 -19.43
N PHE C 426 5.38 40.27 -18.94
CA PHE C 426 6.53 39.89 -19.75
C PHE C 426 6.90 38.45 -19.43
N LEU C 427 6.79 37.59 -20.45
CA LEU C 427 7.11 36.17 -20.41
C LEU C 427 8.00 35.82 -21.59
N PRO C 428 9.16 36.45 -21.69
CA PRO C 428 10.00 36.05 -22.80
C PRO C 428 10.49 34.60 -22.64
N PRO C 429 10.78 33.92 -23.76
CA PRO C 429 11.53 32.69 -23.60
C PRO C 429 12.96 32.95 -23.10
N LEU C 430 13.55 31.98 -22.41
CA LEU C 430 14.90 32.15 -21.88
C LEU C 430 15.95 32.11 -22.98
N SER C 431 15.54 31.71 -24.18
CA SER C 431 16.38 31.68 -25.37
C SER C 431 16.51 33.05 -26.04
N ILE C 432 15.74 34.04 -25.59
CA ILE C 432 15.84 35.39 -26.15
C ILE C 432 17.22 35.98 -25.87
N GLY C 433 17.79 36.64 -26.87
CA GLY C 433 19.03 37.39 -26.66
C GLY C 433 18.81 38.71 -25.94
N ASP C 434 19.83 39.22 -25.25
CA ASP C 434 19.69 40.50 -24.54
C ASP C 434 19.25 41.62 -25.47
N ASP C 435 19.82 41.64 -26.67
CA ASP C 435 19.56 42.77 -27.58
C ASP C 435 18.10 42.77 -28.02
N LEU C 436 17.58 41.59 -28.39
CA LEU C 436 16.17 41.47 -28.77
C LEU C 436 15.21 41.77 -27.61
N LEU C 437 15.53 41.32 -26.40
CA LEU C 437 14.73 41.67 -25.22
C LEU C 437 14.69 43.17 -25.00
N ASN C 438 15.87 43.79 -25.01
CA ASN C 438 15.94 45.22 -24.91
C ASN C 438 15.17 45.94 -26.03
N GLU C 439 15.21 45.42 -27.25
CA GLU C 439 14.50 46.06 -28.34
C GLU C 439 12.99 45.96 -28.11
N GLY C 440 12.52 44.80 -27.65
CA GLY C 440 11.10 44.66 -27.28
C GLY C 440 10.66 45.66 -26.23
N LEU C 441 11.47 45.85 -25.21
CA LEU C 441 11.19 46.83 -24.16
C LEU C 441 11.22 48.28 -24.67
N ASP C 442 12.13 48.57 -25.60
CA ASP C 442 12.17 49.85 -26.31
C ASP C 442 10.87 50.16 -27.02
N VAL C 443 10.32 49.15 -27.71
CA VAL C 443 9.05 49.32 -28.41
C VAL C 443 7.94 49.65 -27.40
N LEU C 444 7.89 48.93 -26.28
CA LEU C 444 6.90 49.24 -25.24
C LEU C 444 7.09 50.66 -24.71
N GLU C 445 8.33 51.03 -24.41
CA GLU C 445 8.66 52.41 -24.03
C GLU C 445 8.13 53.44 -25.01
N GLU C 446 8.42 53.26 -26.30
CA GLU C 446 7.98 54.18 -27.35
C GLU C 446 6.47 54.32 -27.41
N VAL C 447 5.78 53.18 -27.35
CA VAL C 447 4.33 53.21 -27.44
C VAL C 447 3.74 53.92 -26.23
N LEU C 448 4.28 53.64 -25.05
CA LEU C 448 3.80 54.20 -23.77
C LEU C 448 4.05 55.69 -23.71
N ARG C 449 5.21 56.13 -24.18
CA ARG C 449 5.61 57.54 -24.03
C ARG C 449 4.75 58.41 -24.94
N GLY C 450 4.52 57.89 -26.15
CA GLY C 450 3.59 58.48 -27.09
C GLY C 450 2.28 57.74 -26.96
N SER D 4 15.37 8.81 -40.31
CA SER D 4 14.20 9.30 -41.13
C SER D 4 13.27 8.20 -41.72
N MET D 5 13.86 7.13 -42.24
CA MET D 5 13.11 5.96 -42.73
C MET D 5 12.27 5.31 -41.61
N VAL D 6 10.96 5.16 -41.80
CA VAL D 6 10.11 4.48 -40.80
C VAL D 6 10.17 2.97 -41.07
N SER D 7 10.46 2.25 -40.00
CA SER D 7 10.58 0.83 -40.01
C SER D 7 9.74 0.29 -38.86
N HIS D 8 8.71 -0.49 -39.15
CA HIS D 8 7.89 -1.07 -38.12
C HIS D 8 8.43 -2.41 -37.63
N PRO D 9 7.95 -2.86 -36.47
CA PRO D 9 8.45 -4.20 -36.07
C PRO D 9 7.95 -5.26 -37.03
N GLU D 10 8.58 -6.43 -36.99
CA GLU D 10 8.15 -7.55 -37.79
C GLU D 10 6.70 -7.86 -37.45
N GLN D 11 5.93 -8.20 -38.47
CA GLN D 11 4.47 -8.36 -38.35
C GLN D 11 4.07 -9.81 -38.01
N SER D 12 4.78 -10.35 -37.02
CA SER D 12 4.49 -11.69 -36.51
C SER D 12 4.57 -11.63 -35.01
N ARG D 13 3.74 -12.41 -34.36
CA ARG D 13 3.79 -12.58 -32.93
C ARG D 13 5.04 -13.34 -32.58
N HIS D 14 5.68 -12.97 -31.47
CA HIS D 14 6.97 -13.60 -31.10
C HIS D 14 7.17 -13.58 -29.58
N LEU D 15 7.33 -14.75 -28.99
CA LEU D 15 7.63 -14.86 -27.56
C LEU D 15 9.10 -15.19 -27.38
N ALA D 16 9.91 -14.13 -27.31
CA ALA D 16 11.33 -14.23 -26.98
C ALA D 16 11.58 -14.66 -25.52
N THR D 17 10.71 -14.21 -24.62
CA THR D 17 10.85 -14.46 -23.18
C THR D 17 9.50 -14.78 -22.61
N ALA D 18 9.46 -15.10 -21.32
CA ALA D 18 8.21 -15.09 -20.57
C ALA D 18 7.67 -13.68 -20.58
N ILE D 19 6.36 -13.55 -20.36
CA ILE D 19 5.72 -12.25 -20.25
C ILE D 19 5.24 -12.05 -18.81
N PRO D 20 5.86 -11.11 -18.06
CA PRO D 20 6.93 -10.17 -18.42
C PRO D 20 8.28 -10.78 -18.54
N GLY D 21 9.09 -10.18 -19.38
CA GLY D 21 10.50 -10.50 -19.48
C GLY D 21 11.30 -9.70 -18.47
N PRO D 22 12.61 -9.98 -18.37
CA PRO D 22 13.38 -9.32 -17.33
C PRO D 22 13.56 -7.81 -17.54
N ARG D 23 13.71 -7.35 -18.77
CA ARG D 23 13.83 -5.89 -19.00
C ARG D 23 12.51 -5.19 -18.68
N SER D 24 11.38 -5.81 -19.04
CA SER D 24 10.10 -5.25 -18.63
C SER D 24 9.98 -5.26 -17.09
N GLN D 25 10.41 -6.32 -16.41
CA GLN D 25 10.25 -6.36 -14.96
C GLN D 25 11.10 -5.26 -14.30
N ALA D 26 12.30 -5.02 -14.83
CA ALA D 26 13.12 -3.90 -14.31
C ALA D 26 12.36 -2.56 -14.40
N LEU D 27 11.63 -2.36 -15.48
CA LEU D 27 10.84 -1.13 -15.62
C LEU D 27 9.58 -1.14 -14.74
N ILE D 28 8.95 -2.31 -14.57
CA ILE D 28 7.83 -2.43 -13.65
C ILE D 28 8.31 -1.99 -12.25
N ASP D 29 9.50 -2.42 -11.85
CA ASP D 29 10.06 -2.07 -10.56
C ASP D 29 10.30 -0.55 -10.45
N ARG D 30 10.83 0.04 -11.50
CA ARG D 30 11.04 1.49 -11.52
C ARG D 30 9.68 2.19 -11.44
N LYS D 31 8.70 1.68 -12.17
CA LYS D 31 7.37 2.31 -12.16
C LYS D 31 6.80 2.33 -10.74
N GLY D 32 6.95 1.21 -10.01
CA GLY D 32 6.44 1.07 -8.65
C GLY D 32 6.98 2.07 -7.65
N THR D 33 8.20 2.55 -7.88
CA THR D 33 8.83 3.49 -6.93
C THR D 33 8.76 4.95 -7.44
N ALA D 34 8.27 5.17 -8.65
CA ALA D 34 8.21 6.55 -9.21
C ALA D 34 6.82 7.05 -9.55
N VAL D 35 5.91 6.14 -9.91
CA VAL D 35 4.60 6.51 -10.40
C VAL D 35 3.57 6.13 -9.37
N ALA D 36 2.60 7.03 -9.16
CA ALA D 36 1.50 6.82 -8.21
C ALA D 36 0.78 5.54 -8.57
N ARG D 37 0.40 4.75 -7.56
CA ARG D 37 -0.23 3.47 -7.85
C ARG D 37 -1.58 3.61 -8.59
N GLY D 38 -2.22 4.77 -8.44
CA GLY D 38 -3.50 5.10 -9.14
C GLY D 38 -3.42 4.95 -10.66
N VAL D 39 -2.24 5.11 -11.22
CA VAL D 39 -2.01 4.90 -12.65
C VAL D 39 -1.80 3.40 -12.88
N GLY D 40 -2.88 2.71 -13.26
CA GLY D 40 -2.86 1.28 -13.43
C GLY D 40 -2.33 0.93 -14.81
N THR D 41 -1.76 -0.25 -14.97
CA THR D 41 -1.27 -0.69 -16.28
C THR D 41 -1.84 -2.06 -16.59
N THR D 42 -2.34 -2.25 -17.81
CA THR D 42 -2.96 -3.52 -18.17
C THR D 42 -1.92 -4.58 -18.49
N MET D 43 -0.95 -4.23 -19.37
CA MET D 43 0.06 -5.16 -19.83
C MET D 43 1.31 -5.10 -18.97
N PRO D 44 1.89 -6.25 -18.63
CA PRO D 44 3.16 -6.26 -17.89
C PRO D 44 4.37 -6.22 -18.82
N VAL D 45 4.31 -5.45 -19.91
CA VAL D 45 5.47 -5.29 -20.76
C VAL D 45 5.64 -3.83 -21.08
N TYR D 46 6.87 -3.44 -21.40
CA TYR D 46 7.21 -2.05 -21.73
C TYR D 46 7.52 -1.94 -23.21
N ALA D 47 6.83 -1.02 -23.87
CA ALA D 47 6.88 -0.87 -25.33
C ALA D 47 8.17 -0.19 -25.77
N VAL D 48 8.73 -0.65 -26.88
CA VAL D 48 9.84 0.08 -27.52
C VAL D 48 9.51 0.56 -28.95
N ARG D 49 8.68 -0.20 -29.65
CA ARG D 49 8.36 0.10 -31.06
CA ARG D 49 8.35 0.13 -31.02
C ARG D 49 6.99 -0.44 -31.35
N ALA D 50 6.29 0.18 -32.29
CA ALA D 50 4.97 -0.31 -32.65
C ALA D 50 4.59 0.08 -34.05
N GLY D 51 3.73 -0.73 -34.67
CA GLY D 51 3.24 -0.41 -36.01
C GLY D 51 2.60 -1.62 -36.65
N GLY D 52 1.75 -1.38 -37.65
CA GLY D 52 1.03 -2.45 -38.27
C GLY D 52 0.08 -3.07 -37.28
N GLY D 53 0.24 -4.35 -36.96
CA GLY D 53 -0.57 -5.00 -35.96
C GLY D 53 0.18 -5.40 -34.70
N ILE D 54 1.36 -4.81 -34.51
CA ILE D 54 2.30 -5.29 -33.47
C ILE D 54 2.77 -4.17 -32.50
N VAL D 55 2.94 -4.55 -31.24
CA VAL D 55 3.71 -3.80 -30.29
C VAL D 55 4.90 -4.68 -29.87
N GLU D 56 6.11 -4.15 -30.03
CA GLU D 56 7.34 -4.82 -29.64
C GLU D 56 7.83 -4.28 -28.32
N ASP D 57 8.22 -5.18 -27.41
CA ASP D 57 8.62 -4.78 -26.07
C ASP D 57 10.14 -4.74 -25.90
N VAL D 58 10.60 -4.34 -24.70
CA VAL D 58 11.99 -4.14 -24.42
C VAL D 58 12.80 -5.45 -24.39
N ASP D 59 12.10 -6.58 -24.23
CA ASP D 59 12.72 -7.91 -24.25
C ASP D 59 12.69 -8.57 -25.65
N GLY D 60 12.16 -7.88 -26.66
CA GLY D 60 12.09 -8.42 -28.01
C GLY D 60 10.84 -9.24 -28.32
N ASN D 61 9.88 -9.32 -27.41
CA ASN D 61 8.62 -9.94 -27.70
C ASN D 61 7.85 -9.05 -28.66
N ARG D 62 7.03 -9.66 -29.49
CA ARG D 62 6.17 -8.94 -30.40
C ARG D 62 4.75 -9.41 -30.13
N LEU D 63 3.92 -8.48 -29.68
CA LEU D 63 2.57 -8.77 -29.22
C LEU D 63 1.56 -8.25 -30.26
N ILE D 64 0.50 -9.05 -30.48
CA ILE D 64 -0.56 -8.65 -31.38
C ILE D 64 -1.42 -7.56 -30.72
N ASP D 65 -1.63 -6.45 -31.43
CA ASP D 65 -2.29 -5.28 -30.87
C ASP D 65 -3.77 -5.31 -31.18
N LEU D 66 -4.59 -5.74 -30.23
CA LEU D 66 -6.06 -5.70 -30.39
C LEU D 66 -6.70 -4.60 -29.55
N GLY D 67 -5.88 -3.64 -29.08
CA GLY D 67 -6.35 -2.52 -28.26
C GLY D 67 -6.24 -1.15 -28.91
N SER D 68 -5.33 -0.98 -29.88
CA SER D 68 -4.98 0.34 -30.44
C SER D 68 -4.88 1.47 -29.40
N GLY D 69 -4.36 1.16 -28.23
CA GLY D 69 -4.16 2.18 -27.21
C GLY D 69 -5.46 2.78 -26.72
N ILE D 70 -6.46 1.93 -26.61
CA ILE D 70 -7.88 2.26 -26.38
C ILE D 70 -8.47 3.09 -27.54
N ALA D 71 -8.43 2.54 -28.74
CA ALA D 71 -9.11 3.09 -29.89
C ALA D 71 -8.49 4.40 -30.43
N VAL D 72 -7.18 4.59 -30.22
CA VAL D 72 -6.49 5.80 -30.62
C VAL D 72 -5.70 5.64 -31.91
N THR D 73 -4.86 4.61 -32.00
CA THR D 73 -4.03 4.39 -33.18
C THR D 73 -4.73 3.61 -34.30
N THR D 74 -5.92 4.11 -34.62
CA THR D 74 -6.78 3.55 -35.64
C THR D 74 -6.05 3.45 -36.98
N VAL D 75 -5.26 4.46 -37.32
CA VAL D 75 -4.53 4.45 -38.60
C VAL D 75 -3.22 3.68 -38.48
N GLY D 76 -2.96 3.10 -37.32
CA GLY D 76 -1.72 2.39 -37.04
C GLY D 76 -0.76 3.24 -36.23
N ASN D 77 0.04 2.59 -35.39
CA ASN D 77 1.08 3.28 -34.67
C ASN D 77 2.16 3.72 -35.64
N SER D 78 2.73 4.92 -35.42
CA SER D 78 3.78 5.45 -36.31
C SER D 78 3.40 5.29 -37.79
N ALA D 79 2.19 5.78 -38.13
CA ALA D 79 1.72 5.77 -39.50
C ALA D 79 2.60 6.76 -40.28
N PRO D 80 3.14 6.37 -41.44
CA PRO D 80 4.15 7.28 -42.03
C PRO D 80 3.70 8.71 -42.30
N LYS D 81 2.45 8.93 -42.70
CA LYS D 81 2.01 10.31 -42.95
C LYS D 81 2.02 11.13 -41.66
N VAL D 82 1.64 10.47 -40.56
CA VAL D 82 1.68 11.10 -39.23
C VAL D 82 3.10 11.40 -38.79
N VAL D 83 3.99 10.44 -38.96
CA VAL D 83 5.40 10.59 -38.61
C VAL D 83 6.00 11.77 -39.40
N GLU D 84 5.76 11.80 -40.71
CA GLU D 84 6.23 12.86 -41.60
CA GLU D 84 6.31 12.86 -41.53
C GLU D 84 5.75 14.23 -41.13
N ALA D 85 4.45 14.31 -40.86
CA ALA D 85 3.82 15.56 -40.45
C ALA D 85 4.40 16.08 -39.13
N VAL D 86 4.56 15.20 -38.16
CA VAL D 86 5.12 15.57 -36.86
C VAL D 86 6.58 16.03 -37.00
N ARG D 87 7.35 15.26 -37.76
CA ARG D 87 8.77 15.60 -37.93
C ARG D 87 8.96 16.93 -38.60
N SER D 88 8.12 17.24 -39.58
CA SER D 88 8.15 18.52 -40.26
C SER D 88 7.76 19.67 -39.32
N GLN D 89 6.61 19.52 -38.65
CA GLN D 89 6.11 20.60 -37.84
C GLN D 89 6.98 20.92 -36.64
N VAL D 90 7.54 19.89 -35.98
CA VAL D 90 8.34 20.16 -34.76
C VAL D 90 9.54 21.06 -35.08
N GLY D 91 10.03 21.02 -36.34
CA GLY D 91 11.14 21.87 -36.76
C GLY D 91 10.73 23.31 -37.02
N ASP D 92 9.43 23.56 -37.14
CA ASP D 92 8.95 24.90 -37.42
C ASP D 92 8.58 25.63 -36.12
N PHE D 93 7.67 25.04 -35.36
CA PHE D 93 7.36 25.50 -34.01
C PHE D 93 6.65 24.39 -33.25
N THR D 94 6.96 24.29 -31.96
CA THR D 94 6.27 23.35 -31.08
C THR D 94 4.94 23.89 -30.54
N HIS D 95 4.82 25.20 -30.37
CA HIS D 95 3.70 25.81 -29.65
C HIS D 95 3.80 27.33 -29.74
N THR D 96 2.69 27.99 -30.10
CA THR D 96 2.58 29.44 -29.96
C THR D 96 1.40 29.86 -29.06
N CYS D 97 0.61 28.87 -28.64
CA CYS D 97 -0.74 29.05 -28.08
C CYS D 97 -1.66 29.71 -29.11
N PHE D 98 -2.66 28.97 -29.57
CA PHE D 98 -3.53 29.50 -30.62
C PHE D 98 -4.19 30.81 -30.18
N MET D 99 -4.52 30.89 -28.90
CA MET D 99 -5.10 32.12 -28.31
C MET D 99 -4.17 33.32 -28.24
N VAL D 100 -2.86 33.10 -28.42
CA VAL D 100 -1.89 34.17 -28.49
C VAL D 100 -1.59 34.43 -29.96
N THR D 101 -0.82 33.56 -30.61
CA THR D 101 -0.54 33.74 -32.05
C THR D 101 -1.13 32.54 -32.81
N PRO D 102 -2.19 32.76 -33.59
CA PRO D 102 -2.84 31.62 -34.23
C PRO D 102 -1.99 31.06 -35.39
N TYR D 103 -2.39 29.92 -35.95
CA TYR D 103 -1.65 29.25 -37.00
C TYR D 103 -2.63 28.46 -37.84
N GLU D 104 -2.23 28.23 -39.07
CA GLU D 104 -3.14 27.65 -40.08
C GLU D 104 -3.59 26.24 -39.71
N GLY D 105 -2.75 25.47 -39.05
CA GLY D 105 -3.09 24.07 -38.80
C GLY D 105 -4.34 23.89 -37.96
N TYR D 106 -4.49 24.78 -36.98
CA TYR D 106 -5.69 24.79 -36.13
C TYR D 106 -6.93 25.08 -36.97
N VAL D 107 -6.86 26.15 -37.74
CA VAL D 107 -7.96 26.52 -38.66
C VAL D 107 -8.27 25.38 -39.64
N ALA D 108 -7.22 24.78 -40.20
CA ALA D 108 -7.40 23.66 -41.16
C ALA D 108 -8.10 22.45 -40.53
N VAL D 109 -7.69 22.07 -39.33
CA VAL D 109 -8.33 20.94 -38.63
C VAL D 109 -9.80 21.28 -38.39
N CYS D 110 -10.10 22.53 -38.00
CA CYS D 110 -11.50 22.91 -37.77
C CYS D 110 -12.28 22.83 -39.09
N GLU D 111 -11.68 23.31 -40.18
CA GLU D 111 -12.34 23.23 -41.49
C GLU D 111 -12.61 21.74 -41.87
N GLN D 112 -11.66 20.86 -41.60
CA GLN D 112 -11.82 19.44 -41.94
C GLN D 112 -12.93 18.82 -41.07
N LEU D 113 -12.95 19.13 -39.78
CA LEU D 113 -14.02 18.63 -38.93
C LEU D 113 -15.37 19.12 -39.41
N ASN D 114 -15.45 20.38 -39.81
CA ASN D 114 -16.72 20.94 -40.26
C ASN D 114 -17.18 20.21 -41.49
N ARG D 115 -16.24 19.84 -42.34
CA ARG D 115 -16.52 19.10 -43.56
C ARG D 115 -17.01 17.67 -43.29
N LEU D 116 -16.32 17.00 -42.38
CA LEU D 116 -16.43 15.54 -42.22
C LEU D 116 -17.54 15.08 -41.27
N THR D 117 -17.99 15.96 -40.37
CA THR D 117 -18.85 15.56 -39.26
C THR D 117 -20.31 15.46 -39.71
N PRO D 118 -21.13 14.73 -38.94
CA PRO D 118 -22.54 14.49 -39.33
C PRO D 118 -23.49 15.60 -38.91
N VAL D 119 -22.97 16.60 -38.21
CA VAL D 119 -23.76 17.81 -37.94
C VAL D 119 -24.12 18.44 -39.31
N ARG D 120 -25.33 19.00 -39.42
CA ARG D 120 -25.82 19.58 -40.65
C ARG D 120 -25.83 21.11 -40.62
N GLY D 121 -25.71 21.74 -41.78
CA GLY D 121 -25.82 23.20 -41.88
C GLY D 121 -24.48 23.88 -41.61
N ASP D 122 -24.52 25.16 -41.24
CA ASP D 122 -23.30 25.94 -40.97
C ASP D 122 -22.73 25.47 -39.64
N LYS D 123 -21.41 25.28 -39.58
CA LYS D 123 -20.75 24.67 -38.44
C LYS D 123 -19.53 25.47 -38.02
N ARG D 124 -19.14 25.33 -36.75
CA ARG D 124 -17.87 25.81 -36.23
C ARG D 124 -17.27 24.72 -35.35
N SER D 125 -15.96 24.78 -35.15
CA SER D 125 -15.29 23.84 -34.28
C SER D 125 -14.37 24.60 -33.31
N ALA D 126 -13.91 23.89 -32.29
CA ALA D 126 -12.90 24.35 -31.32
C ALA D 126 -12.09 23.17 -30.90
N LEU D 127 -10.78 23.37 -30.65
CA LEU D 127 -9.85 22.28 -30.38
C LEU D 127 -9.30 22.33 -28.96
N PHE D 128 -9.14 21.15 -28.37
CA PHE D 128 -8.58 20.97 -27.03
C PHE D 128 -7.58 19.84 -27.05
N ASN D 129 -7.25 19.27 -25.89
CA ASN D 129 -6.25 18.20 -25.82
C ASN D 129 -6.88 16.83 -25.64
N SER D 130 -7.70 16.65 -24.61
CA SER D 130 -8.18 15.35 -24.22
C SER D 130 -9.66 15.20 -24.50
N GLY D 131 -10.12 13.98 -24.61
CA GLY D 131 -11.58 13.74 -24.71
C GLY D 131 -12.34 14.39 -23.58
N SER D 132 -11.84 14.26 -22.34
CA SER D 132 -12.50 14.85 -21.18
CA SER D 132 -12.53 14.84 -21.19
C SER D 132 -12.67 16.37 -21.36
N GLU D 133 -11.61 17.04 -21.80
CA GLU D 133 -11.69 18.50 -22.05
C GLU D 133 -12.74 18.83 -23.11
N ALA D 134 -12.79 18.02 -24.15
CA ALA D 134 -13.72 18.30 -25.23
C ALA D 134 -15.16 18.09 -24.71
N VAL D 135 -15.40 17.04 -23.94
CA VAL D 135 -16.77 16.86 -23.39
C VAL D 135 -17.13 18.06 -22.47
N GLU D 136 -16.17 18.46 -21.63
CA GLU D 136 -16.34 19.64 -20.78
C GLU D 136 -16.76 20.86 -21.60
N ASN D 137 -16.09 21.07 -22.73
CA ASN D 137 -16.39 22.20 -23.57
C ASN D 137 -17.74 22.10 -24.29
N ALA D 138 -18.13 20.90 -24.71
CA ALA D 138 -19.47 20.70 -25.31
C ALA D 138 -20.53 21.11 -24.28
N VAL D 139 -20.31 20.74 -23.02
CA VAL D 139 -21.25 21.11 -21.97
C VAL D 139 -21.30 22.63 -21.72
N LYS D 140 -20.13 23.27 -21.65
CA LYS D 140 -20.03 24.73 -21.48
C LYS D 140 -20.75 25.43 -22.59
N ILE D 141 -20.52 24.96 -23.82
CA ILE D 141 -21.17 25.52 -25.02
C ILE D 141 -22.71 25.39 -24.92
N ALA D 142 -23.19 24.21 -24.56
CA ALA D 142 -24.65 23.98 -24.49
C ALA D 142 -25.28 24.86 -23.41
N ARG D 143 -24.61 24.97 -22.27
CA ARG D 143 -25.11 25.80 -21.16
C ARG D 143 -25.14 27.28 -21.56
N SER D 144 -24.07 27.73 -22.19
CA SER D 144 -23.96 29.11 -22.62
C SER D 144 -25.06 29.44 -23.63
N HIS D 145 -25.31 28.51 -24.54
CA HIS D 145 -26.28 28.70 -25.62
C HIS D 145 -27.71 28.74 -25.10
N THR D 146 -28.07 27.79 -24.24
CA THR D 146 -29.45 27.60 -23.80
C THR D 146 -29.83 28.42 -22.57
N HIS D 147 -28.83 28.82 -21.78
CA HIS D 147 -29.00 29.40 -20.45
C HIS D 147 -29.79 28.47 -19.50
N LYS D 148 -29.71 27.16 -19.72
CA LYS D 148 -30.35 26.16 -18.87
C LYS D 148 -29.24 25.34 -18.22
N PRO D 149 -29.45 24.87 -16.99
CA PRO D 149 -28.33 24.27 -16.22
C PRO D 149 -28.05 22.76 -16.40
N ALA D 150 -29.09 21.94 -16.52
CA ALA D 150 -28.90 20.50 -16.33
C ALA D 150 -28.36 19.79 -17.58
N VAL D 151 -27.63 18.71 -17.35
CA VAL D 151 -27.20 17.81 -18.40
C VAL D 151 -27.57 16.42 -17.98
N VAL D 152 -28.08 15.63 -18.93
CA VAL D 152 -28.43 14.25 -18.70
C VAL D 152 -27.49 13.34 -19.47
N ALA D 153 -27.00 12.30 -18.80
CA ALA D 153 -26.17 11.25 -19.39
C ALA D 153 -26.85 9.93 -19.09
N PHE D 154 -26.33 8.82 -19.60
CA PHE D 154 -27.05 7.56 -19.56
C PHE D 154 -26.41 6.53 -18.65
N ASP D 155 -27.19 5.55 -18.28
CA ASP D 155 -26.65 4.33 -17.68
CA ASP D 155 -26.64 4.36 -17.68
C ASP D 155 -25.54 3.81 -18.60
N HIS D 156 -24.51 3.22 -17.99
CA HIS D 156 -23.37 2.63 -18.70
C HIS D 156 -22.49 3.66 -19.48
N ALA D 157 -22.70 4.97 -19.27
CA ALA D 157 -21.95 5.98 -19.99
C ALA D 157 -20.58 6.18 -19.40
N TYR D 158 -19.67 6.62 -20.25
CA TYR D 158 -18.34 7.00 -19.85
C TYR D 158 -17.96 8.22 -20.63
N HIS D 159 -17.49 9.24 -19.91
CA HIS D 159 -17.17 10.52 -20.52
C HIS D 159 -15.86 11.18 -20.07
N GLY D 160 -15.20 10.64 -19.06
CA GLY D 160 -13.89 11.11 -18.67
C GLY D 160 -13.62 11.18 -17.18
N ARG D 161 -12.46 11.74 -16.86
CA ARG D 161 -11.91 11.69 -15.49
C ARG D 161 -11.73 13.06 -14.79
N THR D 162 -12.26 14.13 -15.37
CA THR D 162 -12.36 15.41 -14.65
C THR D 162 -13.60 15.36 -13.76
N ASN D 163 -13.77 16.35 -12.89
CA ASN D 163 -14.92 16.35 -11.97
C ASN D 163 -16.26 16.25 -12.71
N LEU D 164 -16.49 17.11 -13.68
CA LEU D 164 -17.76 17.07 -14.40
C LEU D 164 -17.89 15.83 -15.30
N THR D 165 -16.81 15.36 -15.91
CA THR D 165 -16.93 14.16 -16.73
C THR D 165 -17.02 12.88 -15.87
N MET D 166 -16.47 12.89 -14.66
CA MET D 166 -16.74 11.83 -13.69
C MET D 166 -18.21 11.87 -13.33
N ALA D 167 -18.75 13.06 -13.10
CA ALA D 167 -20.20 13.17 -12.84
C ALA D 167 -21.04 12.52 -13.96
N LEU D 168 -20.68 12.81 -15.20
CA LEU D 168 -21.37 12.27 -16.35
C LEU D 168 -21.20 10.77 -16.52
N THR D 169 -20.08 10.27 -16.05
CA THR D 169 -19.76 8.85 -16.12
C THR D 169 -20.58 8.08 -15.09
N ALA D 170 -21.10 6.92 -15.49
CA ALA D 170 -22.00 6.13 -14.64
C ALA D 170 -21.28 5.30 -13.58
N LYS D 171 -20.21 4.62 -13.93
CA LYS D 171 -19.59 3.66 -13.01
C LYS D 171 -18.60 4.33 -12.05
N VAL D 172 -18.73 3.99 -10.77
CA VAL D 172 -17.86 4.59 -9.72
C VAL D 172 -16.46 3.93 -9.61
N MET D 173 -16.36 2.60 -9.71
CA MET D 173 -15.05 1.88 -9.55
C MET D 173 -14.48 1.58 -10.94
N PRO D 174 -13.34 2.20 -11.31
CA PRO D 174 -12.46 3.06 -10.51
C PRO D 174 -12.59 4.56 -10.78
N TYR D 175 -13.44 4.95 -11.71
CA TYR D 175 -13.45 6.33 -12.29
C TYR D 175 -13.79 7.47 -11.33
N LYS D 176 -14.61 7.19 -10.33
CA LYS D 176 -15.20 8.24 -9.47
C LYS D 176 -14.94 8.06 -7.97
N ASP D 177 -14.49 6.88 -7.54
CA ASP D 177 -14.54 6.47 -6.14
C ASP D 177 -13.72 7.40 -5.25
N GLY D 178 -14.38 8.10 -4.33
CA GLY D 178 -13.69 8.98 -3.36
C GLY D 178 -13.24 10.33 -3.92
N PHE D 179 -13.66 10.69 -5.13
CA PHE D 179 -13.15 11.91 -5.82
C PHE D 179 -14.12 13.09 -5.86
N GLY D 180 -15.30 12.89 -5.29
CA GLY D 180 -16.30 13.96 -5.23
C GLY D 180 -16.07 14.96 -4.09
N PRO D 181 -17.05 15.84 -3.85
CA PRO D 181 -18.36 15.91 -4.50
C PRO D 181 -18.34 16.34 -5.98
N PHE D 182 -19.35 15.96 -6.73
CA PHE D 182 -19.34 16.13 -8.18
C PHE D 182 -20.17 17.28 -8.65
N ALA D 183 -19.85 17.74 -9.86
CA ALA D 183 -20.53 18.85 -10.51
C ALA D 183 -22.04 18.68 -10.43
N PRO D 184 -22.75 19.75 -10.08
CA PRO D 184 -24.19 19.65 -9.89
C PRO D 184 -25.02 19.67 -11.17
N GLU D 185 -26.29 19.33 -10.99
CA GLU D 185 -27.28 19.30 -12.07
C GLU D 185 -26.91 18.36 -13.20
N ILE D 186 -26.28 17.24 -12.84
CA ILE D 186 -26.00 16.15 -13.77
C ILE D 186 -26.96 14.99 -13.37
N TYR D 187 -27.68 14.47 -14.37
CA TYR D 187 -28.69 13.47 -14.17
C TYR D 187 -28.47 12.23 -15.03
N ARG D 188 -29.11 11.13 -14.62
CA ARG D 188 -28.95 9.82 -15.26
C ARG D 188 -30.26 9.33 -15.88
N ALA D 189 -30.19 8.83 -17.10
CA ALA D 189 -31.36 8.27 -17.80
C ALA D 189 -31.10 6.81 -18.23
N PRO D 190 -32.15 6.01 -18.37
CA PRO D 190 -31.99 4.60 -18.78
C PRO D 190 -31.62 4.48 -20.27
N LEU D 191 -30.87 3.43 -20.58
CA LEU D 191 -30.23 3.22 -21.86
C LEU D 191 -30.88 2.04 -22.58
N SER D 192 -30.94 2.11 -23.91
CA SER D 192 -31.24 0.93 -24.73
C SER D 192 -30.02 0.00 -24.71
N TYR D 193 -30.20 -1.20 -24.19
CA TYR D 193 -29.14 -2.18 -24.04
C TYR D 193 -29.79 -3.53 -24.40
N PRO D 194 -29.90 -3.79 -25.69
CA PRO D 194 -30.69 -4.92 -26.20
C PRO D 194 -30.48 -6.25 -25.48
N PHE D 195 -29.22 -6.62 -25.22
CA PHE D 195 -28.92 -7.90 -24.53
C PHE D 195 -29.63 -8.03 -23.17
N ARG D 196 -29.64 -6.95 -22.40
CA ARG D 196 -30.30 -6.97 -21.08
C ARG D 196 -31.77 -6.59 -21.12
N ASP D 197 -32.16 -5.76 -22.09
CA ASP D 197 -33.56 -5.34 -22.23
C ASP D 197 -34.46 -6.51 -22.71
N ALA D 198 -33.85 -7.44 -23.43
CA ALA D 198 -34.54 -8.63 -23.98
C ALA D 198 -35.31 -9.42 -22.91
N GLU D 199 -34.83 -9.37 -21.68
CA GLU D 199 -35.42 -10.13 -20.57
C GLU D 199 -36.71 -9.49 -20.02
N PHE D 200 -36.93 -8.24 -20.39
CA PHE D 200 -38.17 -7.53 -20.00
C PHE D 200 -39.16 -7.44 -21.15
N GLY D 201 -38.86 -8.09 -22.27
CA GLY D 201 -39.69 -8.03 -23.47
C GLY D 201 -38.84 -7.93 -24.74
N LYS D 202 -39.20 -8.71 -25.76
CA LYS D 202 -38.51 -8.63 -27.06
C LYS D 202 -38.68 -7.26 -27.73
N GLU D 203 -39.86 -6.65 -27.57
CA GLU D 203 -40.12 -5.33 -28.16
C GLU D 203 -39.02 -4.34 -27.75
N LEU D 204 -38.77 -4.28 -26.45
CA LEU D 204 -37.85 -3.31 -25.85
C LEU D 204 -36.43 -3.49 -26.37
N ALA D 205 -36.05 -4.73 -26.66
CA ALA D 205 -34.72 -5.04 -27.18
C ALA D 205 -34.50 -4.67 -28.63
N THR D 206 -35.58 -4.57 -29.40
CA THR D 206 -35.45 -4.30 -30.83
C THR D 206 -36.09 -2.99 -31.25
N ASP D 207 -37.13 -2.55 -30.52
CA ASP D 207 -37.86 -1.31 -30.76
C ASP D 207 -37.25 -0.16 -29.98
N GLY D 208 -36.25 0.48 -30.58
CA GLY D 208 -35.49 1.56 -29.91
C GLY D 208 -36.35 2.74 -29.57
N GLU D 209 -37.41 2.97 -30.33
CA GLU D 209 -38.32 4.07 -30.00
C GLU D 209 -38.92 3.90 -28.61
N LEU D 210 -39.22 2.66 -28.21
CA LEU D 210 -39.78 2.36 -26.86
C LEU D 210 -38.77 2.67 -25.76
N ALA D 211 -37.54 2.21 -25.92
CA ALA D 211 -36.49 2.55 -24.99
C ALA D 211 -36.31 4.08 -24.90
N ALA D 212 -36.38 4.77 -26.04
CA ALA D 212 -36.22 6.23 -26.04
C ALA D 212 -37.35 6.90 -25.27
N LYS D 213 -38.57 6.43 -25.48
CA LYS D 213 -39.70 6.96 -24.71
C LYS D 213 -39.57 6.76 -23.18
N ARG D 214 -39.03 5.62 -22.77
CA ARG D 214 -38.71 5.37 -21.37
C ARG D 214 -37.71 6.38 -20.84
N ALA D 215 -36.66 6.68 -21.62
CA ALA D 215 -35.69 7.69 -21.21
C ALA D 215 -36.31 9.06 -21.18
N ILE D 216 -37.17 9.35 -22.16
CA ILE D 216 -37.78 10.68 -22.25
C ILE D 216 -38.69 10.92 -21.07
N THR D 217 -39.42 9.88 -20.65
CA THR D 217 -40.30 10.04 -19.49
C THR D 217 -39.49 10.41 -18.23
N VAL D 218 -38.36 9.75 -18.06
CA VAL D 218 -37.45 10.06 -16.94
C VAL D 218 -36.94 11.49 -17.01
N ILE D 219 -36.52 11.91 -18.20
CA ILE D 219 -35.98 13.25 -18.41
C ILE D 219 -37.06 14.31 -18.19
N ASP D 220 -38.23 14.10 -18.77
CA ASP D 220 -39.33 15.03 -18.59
C ASP D 220 -39.75 15.20 -17.12
N LYS D 221 -40.00 14.08 -16.46
CA LYS D 221 -40.51 14.11 -15.11
C LYS D 221 -39.47 14.53 -14.09
N GLN D 222 -38.23 14.08 -14.24
CA GLN D 222 -37.21 14.37 -13.21
C GLN D 222 -36.29 15.56 -13.44
N ILE D 223 -36.31 16.11 -14.66
CA ILE D 223 -35.52 17.30 -14.97
C ILE D 223 -36.38 18.42 -15.57
N GLY D 224 -37.12 18.11 -16.64
CA GLY D 224 -37.91 19.09 -17.37
C GLY D 224 -37.10 19.73 -18.48
N ALA D 225 -37.62 19.74 -19.70
CA ALA D 225 -36.86 20.39 -20.80
C ALA D 225 -36.47 21.80 -20.48
N ASP D 226 -37.33 22.53 -19.78
CA ASP D 226 -37.08 23.97 -19.54
C ASP D 226 -35.88 24.19 -18.60
N ASN D 227 -35.40 23.11 -17.97
CA ASN D 227 -34.24 23.16 -17.09
C ASN D 227 -33.01 22.46 -17.68
N LEU D 228 -33.15 21.95 -18.91
CA LEU D 228 -32.14 21.02 -19.45
C LEU D 228 -31.40 21.65 -20.61
N ALA D 229 -30.10 21.80 -20.45
CA ALA D 229 -29.23 22.31 -21.52
C ALA D 229 -28.96 21.27 -22.60
N ALA D 230 -28.71 20.03 -22.17
CA ALA D 230 -28.17 19.02 -23.09
C ALA D 230 -28.42 17.58 -22.66
N VAL D 231 -28.52 16.73 -23.69
CA VAL D 231 -28.46 15.27 -23.54
C VAL D 231 -27.13 14.88 -24.15
N VAL D 232 -26.30 14.15 -23.43
CA VAL D 232 -25.03 13.68 -23.97
C VAL D 232 -25.04 12.16 -24.01
N ILE D 233 -24.67 11.61 -25.16
CA ILE D 233 -24.69 10.19 -25.34
C ILE D 233 -23.66 9.74 -26.36
N GLU D 234 -23.03 8.61 -26.06
CA GLU D 234 -22.17 7.88 -26.99
C GLU D 234 -23.03 7.08 -27.98
N PRO D 235 -22.72 7.14 -29.29
CA PRO D 235 -23.54 6.33 -30.18
C PRO D 235 -23.48 4.82 -29.91
N ILE D 236 -22.32 4.38 -29.49
CA ILE D 236 -22.07 3.04 -28.97
C ILE D 236 -21.29 3.27 -27.66
N GLN D 237 -21.78 2.78 -26.51
CA GLN D 237 -21.09 3.02 -25.23
C GLN D 237 -19.77 2.26 -25.27
N GLY D 238 -18.66 2.93 -24.93
CA GLY D 238 -17.33 2.36 -25.11
C GLY D 238 -16.91 1.63 -23.84
N GLU D 239 -16.46 2.38 -22.84
CA GLU D 239 -16.02 1.76 -21.57
C GLU D 239 -17.18 0.99 -20.90
N GLY D 240 -18.41 1.40 -21.17
CA GLY D 240 -19.58 0.77 -20.61
C GLY D 240 -19.97 -0.57 -21.22
N GLY D 241 -19.28 -0.99 -22.27
CA GLY D 241 -19.42 -2.37 -22.78
C GLY D 241 -19.71 -2.57 -24.26
N PHE D 242 -19.37 -1.59 -25.10
CA PHE D 242 -19.59 -1.67 -26.58
C PHE D 242 -21.07 -1.98 -26.83
N ILE D 243 -21.93 -1.20 -26.18
CA ILE D 243 -23.38 -1.38 -26.26
C ILE D 243 -23.92 -0.59 -27.45
N VAL D 244 -24.52 -1.31 -28.40
CA VAL D 244 -25.15 -0.69 -29.58
C VAL D 244 -26.64 -0.59 -29.29
N PRO D 245 -27.20 0.62 -29.39
CA PRO D 245 -28.63 0.78 -29.04
C PRO D 245 -29.52 0.14 -30.09
N ALA D 246 -30.71 -0.26 -29.69
CA ALA D 246 -31.71 -0.70 -30.68
C ALA D 246 -31.99 0.41 -31.67
N ASP D 247 -32.20 0.05 -32.94
CA ASP D 247 -32.57 1.01 -33.96
C ASP D 247 -33.80 1.82 -33.51
N GLY D 248 -33.73 3.13 -33.72
CA GLY D 248 -34.82 4.04 -33.38
C GLY D 248 -34.62 4.78 -32.05
N PHE D 249 -33.70 4.29 -31.22
CA PHE D 249 -33.38 4.95 -29.92
C PHE D 249 -32.79 6.35 -30.13
N LEU D 250 -31.65 6.42 -30.82
CA LEU D 250 -31.00 7.69 -31.06
C LEU D 250 -31.87 8.67 -31.89
N PRO D 251 -32.53 8.20 -32.98
CA PRO D 251 -33.37 9.13 -33.75
C PRO D 251 -34.50 9.74 -32.88
N THR D 252 -35.07 8.93 -32.01
CA THR D 252 -36.20 9.42 -31.18
C THR D 252 -35.72 10.44 -30.15
N LEU D 253 -34.57 10.15 -29.55
CA LEU D 253 -33.96 11.10 -28.62
C LEU D 253 -33.62 12.43 -29.29
N LEU D 254 -33.00 12.36 -30.46
CA LEU D 254 -32.69 13.56 -31.21
C LEU D 254 -33.95 14.36 -31.54
N ASP D 255 -34.98 13.68 -32.05
CA ASP D 255 -36.26 14.34 -32.37
C ASP D 255 -36.81 15.08 -31.15
N TRP D 256 -36.79 14.43 -29.99
CA TRP D 256 -37.26 15.04 -28.75
C TRP D 256 -36.42 16.29 -28.42
N CYS D 257 -35.10 16.20 -28.53
CA CYS D 257 -34.25 17.35 -28.26
C CYS D 257 -34.60 18.52 -29.18
N ARG D 258 -34.81 18.21 -30.45
CA ARG D 258 -35.11 19.23 -31.45
C ARG D 258 -36.44 19.91 -31.15
N LYS D 259 -37.41 19.13 -30.69
CA LYS D 259 -38.74 19.69 -30.37
C LYS D 259 -38.74 20.51 -29.06
N ASN D 260 -37.71 20.33 -28.22
CA ASN D 260 -37.71 20.88 -26.87
C ASN D 260 -36.55 21.82 -26.58
N ASP D 261 -35.81 22.21 -27.62
CA ASP D 261 -34.73 23.19 -27.49
CA ASP D 261 -34.77 23.21 -27.46
C ASP D 261 -33.68 22.72 -26.48
N VAL D 262 -33.31 21.45 -26.62
CA VAL D 262 -32.27 20.83 -25.81
C VAL D 262 -31.14 20.44 -26.77
N VAL D 263 -29.89 20.69 -26.38
CA VAL D 263 -28.78 20.37 -27.27
C VAL D 263 -28.49 18.87 -27.22
N PHE D 264 -28.48 18.22 -28.37
CA PHE D 264 -28.15 16.77 -28.43
C PHE D 264 -26.66 16.70 -28.74
N ILE D 265 -25.89 16.16 -27.80
CA ILE D 265 -24.44 16.07 -27.93
C ILE D 265 -24.08 14.59 -28.15
N ALA D 266 -23.55 14.28 -29.32
CA ALA D 266 -23.00 12.96 -29.59
C ALA D 266 -21.55 12.91 -29.14
N ASP D 267 -21.25 12.04 -28.17
CA ASP D 267 -19.88 11.83 -27.73
C ASP D 267 -19.24 10.74 -28.58
N GLU D 268 -18.47 11.16 -29.58
CA GLU D 268 -17.83 10.22 -30.51
C GLU D 268 -16.32 10.18 -30.28
N VAL D 269 -15.91 10.44 -29.05
CA VAL D 269 -14.49 10.33 -28.67
C VAL D 269 -13.91 8.93 -29.04
N GLN D 270 -14.65 7.88 -28.72
CA GLN D 270 -14.23 6.53 -29.03
C GLN D 270 -14.71 6.02 -30.40
N THR D 271 -15.95 6.35 -30.76
CA THR D 271 -16.54 5.85 -32.00
C THR D 271 -16.07 6.57 -33.28
N GLY D 272 -15.52 7.77 -33.15
CA GLY D 272 -15.29 8.60 -34.31
C GLY D 272 -14.07 8.18 -35.11
N PHE D 273 -13.89 8.81 -36.28
CA PHE D 273 -12.73 8.63 -37.13
C PHE D 273 -12.53 7.19 -37.60
N ALA D 274 -13.55 6.69 -38.29
CA ALA D 274 -13.56 5.46 -39.09
C ALA D 274 -13.73 4.17 -38.28
N ARG D 275 -13.72 4.30 -36.95
CA ARG D 275 -13.63 3.15 -36.07
C ARG D 275 -14.81 2.18 -36.25
N THR D 276 -16.01 2.70 -36.51
CA THR D 276 -17.20 1.86 -36.60
C THR D 276 -17.60 1.49 -38.04
N GLY D 277 -16.71 1.71 -39.01
CA GLY D 277 -17.02 1.40 -40.41
C GLY D 277 -17.88 2.46 -41.09
N ALA D 278 -17.92 3.65 -40.48
CA ALA D 278 -18.39 4.90 -41.12
C ALA D 278 -17.45 5.95 -40.57
N MET D 279 -17.37 7.14 -41.16
CA MET D 279 -16.43 8.11 -40.59
C MET D 279 -16.82 8.43 -39.13
N PHE D 280 -18.10 8.63 -38.90
CA PHE D 280 -18.68 8.82 -37.58
C PHE D 280 -19.85 7.89 -37.38
N ALA D 281 -19.98 7.40 -36.17
CA ALA D 281 -21.01 6.39 -35.86
C ALA D 281 -22.43 6.94 -35.99
N CYS D 282 -22.58 8.26 -35.84
CA CYS D 282 -23.90 8.90 -36.13
C CYS D 282 -24.46 8.58 -37.53
N GLU D 283 -23.57 8.30 -38.48
CA GLU D 283 -24.00 8.01 -39.85
C GLU D 283 -24.84 6.76 -39.98
N HIS D 284 -24.63 5.78 -39.11
CA HIS D 284 -25.30 4.48 -39.28
C HIS D 284 -26.82 4.60 -39.30
N GLU D 285 -27.36 5.45 -38.45
CA GLU D 285 -28.78 5.76 -38.49
C GLU D 285 -29.11 7.15 -39.03
N GLY D 286 -28.14 7.80 -39.66
CA GLY D 286 -28.38 9.12 -40.24
C GLY D 286 -28.69 10.20 -39.21
N ILE D 287 -28.13 10.06 -38.01
CA ILE D 287 -28.28 11.06 -36.91
C ILE D 287 -27.49 12.30 -37.24
N ASP D 288 -28.12 13.49 -37.14
CA ASP D 288 -27.39 14.78 -37.24
C ASP D 288 -27.43 15.43 -35.86
N PRO D 289 -26.37 15.23 -35.05
CA PRO D 289 -26.38 15.83 -33.71
C PRO D 289 -26.21 17.34 -33.78
N ASP D 290 -26.51 18.03 -32.67
CA ASP D 290 -26.30 19.44 -32.55
C ASP D 290 -24.80 19.73 -32.35
N LEU D 291 -24.17 18.96 -31.48
CA LEU D 291 -22.72 19.03 -31.27
C LEU D 291 -22.19 17.61 -31.34
N ILE D 292 -20.95 17.46 -31.76
CA ILE D 292 -20.24 16.19 -31.72
C ILE D 292 -18.82 16.41 -31.10
N VAL D 293 -18.49 15.53 -30.17
CA VAL D 293 -17.22 15.55 -29.47
C VAL D 293 -16.32 14.46 -30.11
N THR D 294 -15.07 14.81 -30.38
CA THR D 294 -14.12 13.89 -30.99
C THR D 294 -12.79 13.97 -30.26
N ALA D 295 -12.04 12.88 -30.35
CA ALA D 295 -10.71 12.81 -29.78
C ALA D 295 -10.11 11.45 -30.25
N GLY D 297 -8.88 8.81 -31.95
CA GLY D 297 -8.32 8.50 -33.25
C GLY D 297 -8.01 9.70 -34.14
N ILE D 298 -8.46 10.87 -33.72
CA ILE D 298 -8.37 12.07 -34.52
C ILE D 298 -6.95 12.39 -35.02
N ALA D 299 -5.93 12.09 -34.23
CA ALA D 299 -4.59 12.57 -34.57
C ALA D 299 -3.54 11.47 -34.51
N GLY D 300 -3.94 10.23 -34.70
CA GLY D 300 -2.99 9.15 -34.88
C GLY D 300 -2.08 8.85 -33.69
N GLY D 301 -2.54 9.25 -32.50
CA GLY D 301 -1.76 9.13 -31.25
C GLY D 301 -1.34 10.43 -30.59
N LEU D 302 -1.39 11.56 -31.31
CA LEU D 302 -1.01 12.84 -30.71
C LEU D 302 -2.18 13.42 -29.89
N PRO D 303 -1.88 14.15 -28.79
CA PRO D 303 -3.00 14.64 -27.94
C PRO D 303 -3.77 15.80 -28.60
N LEU D 304 -4.96 15.47 -29.06
CA LEU D 304 -5.89 16.42 -29.65
C LEU D 304 -7.32 15.95 -29.41
N SER D 305 -8.21 16.92 -29.26
CA SER D 305 -9.62 16.67 -29.19
C SER D 305 -10.40 17.89 -29.76
N ALA D 306 -11.71 17.75 -29.93
CA ALA D 306 -12.50 18.79 -30.52
C ALA D 306 -13.98 18.73 -30.20
N VAL D 307 -14.61 19.87 -30.35
CA VAL D 307 -16.07 19.96 -30.42
C VAL D 307 -16.41 20.63 -31.73
N THR D 308 -17.39 20.06 -32.44
CA THR D 308 -17.88 20.62 -33.69
C THR D 308 -19.40 20.70 -33.57
N GLY D 309 -20.00 21.77 -34.07
CA GLY D 309 -21.44 21.89 -33.91
C GLY D 309 -22.06 22.94 -34.78
N ARG D 310 -23.40 23.00 -34.71
CA ARG D 310 -24.14 24.05 -35.40
C ARG D 310 -23.57 25.41 -35.00
N ALA D 311 -23.36 26.27 -35.98
CA ALA D 311 -22.63 27.53 -35.73
C ALA D 311 -23.28 28.40 -34.65
N GLU D 312 -24.60 28.48 -34.67
CA GLU D 312 -25.33 29.35 -33.74
C GLU D 312 -25.21 28.86 -32.30
N ILE D 313 -25.01 27.57 -32.12
CA ILE D 313 -24.77 27.03 -30.78
C ILE D 313 -23.30 27.27 -30.37
N MET D 314 -22.39 26.86 -31.23
CA MET D 314 -20.93 27.00 -31.00
C MET D 314 -20.49 28.42 -30.71
N ASP D 315 -21.15 29.38 -31.36
CA ASP D 315 -20.80 30.81 -31.24
C ASP D 315 -21.38 31.48 -30.00
N SER D 316 -22.15 30.75 -29.19
CA SER D 316 -22.77 31.38 -28.06
C SER D 316 -21.76 31.88 -27.00
N PRO D 317 -20.78 31.05 -26.62
CA PRO D 317 -19.79 31.57 -25.67
C PRO D 317 -19.09 32.84 -26.18
N HIS D 318 -18.89 33.79 -25.26
CA HIS D 318 -18.20 35.04 -25.58
CA HIS D 318 -18.19 35.04 -25.55
C HIS D 318 -16.75 34.81 -25.98
N VAL D 319 -16.20 35.78 -26.70
CA VAL D 319 -14.80 35.74 -27.08
C VAL D 319 -13.94 35.55 -25.82
N SER D 320 -13.01 34.62 -25.93
CA SER D 320 -12.07 34.16 -24.89
C SER D 320 -12.71 33.28 -23.82
N GLY D 321 -13.97 32.90 -24.02
CA GLY D 321 -14.66 32.01 -23.08
C GLY D 321 -14.32 30.54 -23.28
N LEU D 322 -13.74 30.19 -24.43
CA LEU D 322 -13.29 28.82 -24.69
C LEU D 322 -11.77 28.86 -24.88
N GLY D 323 -11.11 27.83 -24.45
CA GLY D 323 -9.68 27.75 -24.75
C GLY D 323 -8.90 26.85 -23.86
N GLY D 324 -7.68 27.27 -23.55
CA GLY D 324 -6.75 26.46 -22.86
C GLY D 324 -5.41 26.67 -23.53
N THR D 325 -4.34 26.42 -22.80
CA THR D 325 -3.04 26.76 -23.28
C THR D 325 -2.59 25.95 -24.47
N TYR D 326 -2.67 24.64 -24.34
CA TYR D 326 -2.07 23.80 -25.31
C TYR D 326 -3.01 23.46 -26.46
N GLY D 327 -4.32 23.64 -26.28
CA GLY D 327 -5.35 23.05 -27.15
C GLY D 327 -5.10 23.31 -28.61
N GLY D 328 -5.27 22.28 -29.44
CA GLY D 328 -5.00 22.41 -30.86
C GLY D 328 -3.53 22.61 -31.14
N ASN D 329 -2.70 21.87 -30.42
CA ASN D 329 -1.25 21.98 -30.58
C ASN D 329 -0.86 21.78 -32.06
N PRO D 330 0.08 22.60 -32.56
CA PRO D 330 0.34 22.55 -34.01
C PRO D 330 0.92 21.22 -34.49
N ILE D 331 1.68 20.53 -33.63
CA ILE D 331 2.19 19.19 -33.97
C ILE D 331 1.02 18.18 -34.06
N ALA D 332 0.10 18.24 -33.07
CA ALA D 332 -1.13 17.44 -33.08
C ALA D 332 -2.02 17.76 -34.30
N CYS D 333 -2.14 19.04 -34.67
CA CYS D 333 -2.95 19.40 -35.83
C CYS D 333 -2.36 18.82 -37.11
N ALA D 334 -1.06 18.97 -37.27
CA ALA D 334 -0.38 18.34 -38.42
C ALA D 334 -0.65 16.83 -38.48
N ALA D 335 -0.57 16.19 -37.33
CA ALA D 335 -0.88 14.77 -37.19
C ALA D 335 -2.32 14.45 -37.58
N ALA D 336 -3.26 15.32 -37.19
CA ALA D 336 -4.69 15.12 -37.51
C ALA D 336 -4.95 15.22 -39.02
N LEU D 337 -4.34 16.22 -39.67
CA LEU D 337 -4.48 16.35 -41.10
C LEU D 337 -3.90 15.12 -41.83
N ALA D 338 -2.81 14.56 -41.30
CA ALA D 338 -2.19 13.35 -41.86
C ALA D 338 -3.06 12.10 -41.59
N THR D 339 -3.69 12.06 -40.43
CA THR D 339 -4.66 11.03 -40.10
C THR D 339 -5.84 11.01 -41.05
N ILE D 340 -6.43 12.17 -41.30
CA ILE D 340 -7.53 12.28 -42.25
C ILE D 340 -7.10 11.82 -43.64
N GLU D 341 -5.94 12.28 -44.07
CA GLU D 341 -5.41 11.87 -45.38
C GLU D 341 -5.18 10.36 -45.46
N THR D 342 -4.69 9.77 -44.39
CA THR D 342 -4.47 8.35 -44.34
C THR D 342 -5.78 7.59 -44.43
N ILE D 343 -6.79 8.00 -43.67
CA ILE D 343 -8.10 7.32 -43.70
C ILE D 343 -8.69 7.34 -45.12
N GLU D 344 -8.65 8.51 -45.75
CA GLU D 344 -9.22 8.66 -47.08
C GLU D 344 -8.41 7.94 -48.17
N SER D 345 -7.09 8.11 -48.17
CA SER D 345 -6.24 7.54 -49.22
CA SER D 345 -6.24 7.55 -49.23
C SER D 345 -6.11 6.02 -49.14
N GLU D 346 -6.24 5.47 -47.93
CA GLU D 346 -6.10 4.03 -47.74
C GLU D 346 -7.43 3.31 -47.64
N GLY D 347 -8.54 4.04 -47.69
CA GLY D 347 -9.88 3.48 -47.61
C GLY D 347 -10.15 2.80 -46.31
N LEU D 348 -9.80 3.45 -45.22
CA LEU D 348 -9.91 2.80 -43.92
C LEU D 348 -11.34 2.67 -43.40
N VAL D 349 -12.28 3.53 -43.83
CA VAL D 349 -13.69 3.28 -43.48
C VAL D 349 -14.12 1.88 -43.99
N ALA D 350 -13.84 1.60 -45.28
CA ALA D 350 -14.09 0.27 -45.87
C ALA D 350 -13.31 -0.82 -45.12
N ARG D 351 -12.07 -0.56 -44.73
CA ARG D 351 -11.30 -1.54 -43.99
C ARG D 351 -11.95 -1.94 -42.66
N ALA D 352 -12.51 -0.97 -41.95
CA ALA D 352 -13.21 -1.18 -40.71
C ALA D 352 -14.39 -2.12 -40.96
N GLN D 353 -15.06 -1.96 -42.09
CA GLN D 353 -16.17 -2.84 -42.44
C GLN D 353 -15.72 -4.28 -42.68
N GLN D 354 -14.57 -4.44 -43.34
CA GLN D 354 -13.99 -5.76 -43.55
C GLN D 354 -13.66 -6.43 -42.22
N ILE D 355 -13.11 -5.65 -41.29
CA ILE D 355 -12.69 -6.16 -39.97
C ILE D 355 -13.93 -6.56 -39.17
N GLU D 356 -15.01 -5.79 -39.29
CA GLU D 356 -16.27 -6.15 -38.66
C GLU D 356 -16.73 -7.55 -39.11
N LYS D 357 -16.67 -7.80 -40.40
CA LYS D 357 -17.12 -9.07 -40.94
C LYS D 357 -16.27 -10.21 -40.36
N ILE D 358 -14.96 -10.05 -40.35
CA ILE D 358 -14.07 -11.07 -39.81
C ILE D 358 -14.37 -11.32 -38.34
N MET D 359 -14.45 -10.27 -37.55
CA MET D 359 -14.64 -10.44 -36.12
C MET D 359 -16.01 -11.02 -35.81
N LYS D 360 -17.07 -10.52 -36.44
CA LYS D 360 -18.40 -11.02 -36.11
C LYS D 360 -18.57 -12.47 -36.59
N ASP D 361 -17.96 -12.83 -37.72
CA ASP D 361 -18.01 -14.23 -38.17
C ASP D 361 -17.27 -15.14 -37.18
N ARG D 362 -16.06 -14.76 -36.77
CA ARG D 362 -15.24 -15.57 -35.88
C ARG D 362 -15.93 -15.68 -34.50
N LEU D 363 -16.37 -14.54 -33.96
CA LEU D 363 -16.97 -14.54 -32.62
C LEU D 363 -18.36 -15.19 -32.60
N GLY D 364 -19.08 -15.04 -33.70
CA GLY D 364 -20.39 -15.66 -33.87
C GLY D 364 -20.29 -17.17 -33.86
N ARG D 365 -19.27 -17.71 -34.55
CA ARG D 365 -19.05 -19.16 -34.56
C ARG D 365 -18.62 -19.62 -33.18
N LEU D 366 -17.81 -18.82 -32.48
CA LEU D 366 -17.43 -19.18 -31.12
C LEU D 366 -18.64 -19.17 -30.19
N GLN D 367 -19.48 -18.15 -30.31
CA GLN D 367 -20.70 -18.03 -29.51
C GLN D 367 -21.60 -19.27 -29.67
N ALA D 368 -21.77 -19.73 -30.91
CA ALA D 368 -22.56 -20.96 -31.17
C ALA D 368 -22.01 -22.16 -30.42
N GLU D 369 -20.71 -22.21 -30.18
CA GLU D 369 -20.01 -23.32 -29.54
C GLU D 369 -19.68 -23.12 -28.01
N ASP D 370 -20.11 -22.01 -27.43
CA ASP D 370 -19.88 -21.79 -26.01
C ASP D 370 -20.90 -20.80 -25.48
N ASP D 371 -21.88 -21.28 -24.72
CA ASP D 371 -22.93 -20.42 -24.20
C ASP D 371 -22.49 -19.53 -23.03
N ARG D 372 -21.21 -19.50 -22.72
CA ARG D 372 -20.68 -18.45 -21.82
C ARG D 372 -20.47 -17.14 -22.57
N ILE D 373 -20.58 -17.20 -23.88
CA ILE D 373 -20.57 -15.96 -24.69
C ILE D 373 -22.02 -15.57 -24.89
N GLY D 374 -22.45 -14.57 -24.14
CA GLY D 374 -23.84 -14.14 -24.13
C GLY D 374 -24.24 -13.30 -25.33
N ASP D 375 -23.36 -12.40 -25.75
CA ASP D 375 -23.68 -11.45 -26.81
C ASP D 375 -22.42 -11.12 -27.55
N VAL D 376 -22.52 -11.02 -28.86
CA VAL D 376 -21.46 -10.50 -29.73
C VAL D 376 -22.04 -9.25 -30.43
N ARG D 377 -21.38 -8.10 -30.28
CA ARG D 377 -21.97 -6.82 -30.73
C ARG D 377 -20.92 -5.79 -31.09
N GLY D 378 -21.37 -4.74 -31.78
CA GLY D 378 -20.52 -3.62 -32.15
C GLY D 378 -20.59 -3.37 -33.65
N ARG D 379 -19.75 -2.44 -34.09
CA ARG D 379 -19.67 -2.10 -35.51
CA ARG D 379 -19.67 -2.08 -35.50
C ARG D 379 -18.21 -1.83 -35.88
N GLY D 380 -17.87 -2.09 -37.15
CA GLY D 380 -16.53 -1.81 -37.64
C GLY D 380 -15.45 -2.57 -36.87
N ALA D 381 -14.43 -1.83 -36.43
CA ALA D 381 -13.40 -2.37 -35.56
C ALA D 381 -13.62 -2.00 -34.09
N MET D 382 -14.89 -1.98 -33.67
CA MET D 382 -15.31 -1.78 -32.30
C MET D 382 -16.31 -2.91 -31.98
N ILE D 383 -15.75 -4.08 -31.68
CA ILE D 383 -16.51 -5.32 -31.54
C ILE D 383 -16.21 -5.94 -30.19
N ALA D 384 -17.24 -6.50 -29.54
CA ALA D 384 -17.05 -7.09 -28.22
C ALA D 384 -17.88 -8.36 -28.03
N MET D 385 -17.46 -9.19 -27.08
CA MET D 385 -18.26 -10.31 -26.61
C MET D 385 -18.51 -10.14 -25.11
N GLU D 386 -19.76 -10.31 -24.70
CA GLU D 386 -20.12 -10.21 -23.30
C GLU D 386 -20.19 -11.63 -22.70
N LEU D 387 -19.39 -11.86 -21.66
CA LEU D 387 -19.24 -13.16 -21.02
C LEU D 387 -20.18 -13.31 -19.83
N VAL D 388 -20.86 -14.45 -19.80
CA VAL D 388 -21.87 -14.70 -18.83
C VAL D 388 -21.72 -16.08 -18.22
N LYS D 389 -22.42 -16.32 -17.14
CA LYS D 389 -22.54 -17.66 -16.60
C LYS D 389 -23.33 -18.45 -17.64
N ALA D 390 -22.88 -19.66 -17.89
CA ALA D 390 -23.34 -20.53 -19.00
C ALA D 390 -24.84 -20.44 -19.27
N GLY D 391 -25.19 -19.82 -20.40
CA GLY D 391 -26.58 -19.80 -20.86
C GLY D 391 -27.49 -18.76 -20.22
N THR D 392 -26.95 -17.85 -19.44
CA THR D 392 -27.74 -16.85 -18.72
C THR D 392 -27.36 -15.44 -19.19
N THR D 393 -27.94 -14.42 -18.56
CA THR D 393 -27.43 -13.02 -18.72
C THR D 393 -26.67 -12.57 -17.48
N GLU D 394 -26.32 -13.50 -16.62
CA GLU D 394 -25.60 -13.17 -15.41
C GLU D 394 -24.13 -12.96 -15.74
N PRO D 395 -23.55 -11.80 -15.35
CA PRO D 395 -22.15 -11.55 -15.78
C PRO D 395 -21.12 -12.48 -15.20
N ASP D 396 -20.05 -12.71 -15.96
CA ASP D 396 -18.90 -13.45 -15.41
C ASP D 396 -17.62 -12.64 -15.60
N ALA D 397 -17.34 -11.79 -14.62
CA ALA D 397 -16.13 -10.95 -14.63
C ALA D 397 -14.86 -11.78 -14.32
N ASP D 398 -15.00 -12.88 -13.57
CA ASP D 398 -13.83 -13.75 -13.30
C ASP D 398 -13.31 -14.46 -14.56
N LEU D 399 -14.22 -14.96 -15.39
CA LEU D 399 -13.85 -15.55 -16.68
C LEU D 399 -13.18 -14.52 -17.57
N THR D 400 -13.73 -13.30 -17.57
CA THR D 400 -13.21 -12.20 -18.37
C THR D 400 -11.79 -11.93 -17.96
N LYS D 401 -11.55 -11.85 -16.66
CA LYS D 401 -10.19 -11.61 -16.14
C LYS D 401 -9.20 -12.69 -16.56
N ALA D 402 -9.63 -13.94 -16.44
CA ALA D 402 -8.79 -15.08 -16.76
C ALA D 402 -8.46 -15.11 -18.23
N LEU D 403 -9.44 -14.77 -19.06
CA LEU D 403 -9.25 -14.76 -20.50
C LEU D 403 -8.23 -13.69 -20.92
N CYS D 404 -8.39 -12.50 -20.37
CA CYS D 404 -7.47 -11.42 -20.64
C CYS D 404 -6.05 -11.76 -20.19
N ALA D 405 -5.93 -12.31 -18.97
CA ALA D 405 -4.62 -12.71 -18.43
C ALA D 405 -3.88 -13.74 -19.30
N GLY D 406 -4.59 -14.78 -19.73
CA GLY D 406 -4.04 -15.80 -20.59
C GLY D 406 -3.63 -15.27 -21.95
N ALA D 407 -4.47 -14.40 -22.52
CA ALA D 407 -4.16 -13.75 -23.77
C ALA D 407 -2.87 -12.90 -23.65
N HIS D 408 -2.73 -12.15 -22.56
CA HIS D 408 -1.55 -11.33 -22.35
C HIS D 408 -0.29 -12.18 -22.22
N ALA D 409 -0.41 -13.30 -21.49
CA ALA D 409 0.70 -14.25 -21.34
C ALA D 409 1.18 -14.85 -22.64
N ALA D 410 0.25 -14.97 -23.60
CA ALA D 410 0.54 -15.49 -24.91
C ALA D 410 0.88 -14.41 -25.95
N GLY D 411 1.13 -13.19 -25.53
CA GLY D 411 1.57 -12.13 -26.45
C GLY D 411 0.45 -11.47 -27.25
N VAL D 412 -0.73 -11.33 -26.65
CA VAL D 412 -1.83 -10.59 -27.30
C VAL D 412 -2.33 -9.46 -26.35
N ILE D 413 -2.33 -8.23 -26.85
CA ILE D 413 -2.89 -7.10 -26.12
C ILE D 413 -4.40 -7.09 -26.36
N VAL D 414 -5.16 -7.37 -25.30
CA VAL D 414 -6.63 -7.34 -25.41
C VAL D 414 -7.15 -6.74 -24.13
N LEU D 415 -8.22 -5.97 -24.24
CA LEU D 415 -8.77 -5.21 -23.14
C LEU D 415 -10.14 -5.75 -22.79
N SER D 416 -10.58 -5.45 -21.57
CA SER D 416 -11.95 -5.67 -21.15
C SER D 416 -12.61 -4.35 -20.87
N CYS D 417 -13.92 -4.40 -20.59
CA CYS D 417 -14.70 -3.23 -20.24
C CYS D 417 -16.02 -3.71 -19.64
N GLY D 418 -16.91 -2.77 -19.41
CA GLY D 418 -18.27 -3.04 -19.04
C GLY D 418 -18.58 -2.67 -17.59
N THR D 419 -19.81 -2.24 -17.38
CA THR D 419 -20.34 -2.00 -16.04
C THR D 419 -20.13 -3.16 -15.08
N TYR D 420 -20.26 -4.39 -15.57
CA TYR D 420 -20.09 -5.60 -14.77
C TYR D 420 -18.76 -6.30 -14.98
N GLY D 421 -17.84 -5.65 -15.68
CA GLY D 421 -16.46 -6.14 -15.81
C GLY D 421 -16.34 -7.39 -16.64
N ASN D 422 -17.32 -7.63 -17.49
CA ASN D 422 -17.48 -8.93 -18.18
C ASN D 422 -17.52 -8.85 -19.70
N VAL D 423 -16.92 -7.81 -20.27
CA VAL D 423 -16.93 -7.63 -21.70
C VAL D 423 -15.49 -7.69 -22.21
N VAL D 424 -15.21 -8.60 -23.15
CA VAL D 424 -13.92 -8.61 -23.82
C VAL D 424 -14.11 -7.84 -25.11
N ARG D 425 -13.33 -6.77 -25.29
CA ARG D 425 -13.49 -5.90 -26.42
C ARG D 425 -12.31 -6.00 -27.36
N PHE D 426 -12.60 -5.72 -28.62
CA PHE D 426 -11.65 -5.80 -29.70
C PHE D 426 -11.60 -4.44 -30.42
N LEU D 427 -10.43 -3.80 -30.30
CA LEU D 427 -10.13 -2.52 -30.92
C LEU D 427 -8.81 -2.62 -31.71
N PRO D 428 -8.73 -3.54 -32.69
CA PRO D 428 -7.50 -3.53 -33.48
C PRO D 428 -7.34 -2.21 -34.24
N PRO D 429 -6.10 -1.83 -34.54
CA PRO D 429 -5.88 -0.76 -35.50
C PRO D 429 -6.29 -1.25 -36.89
N LEU D 430 -6.69 -0.30 -37.73
CA LEU D 430 -7.13 -0.62 -39.09
C LEU D 430 -5.96 -1.01 -39.99
N SER D 431 -4.73 -0.88 -39.48
CA SER D 431 -3.53 -1.33 -40.13
C SER D 431 -3.22 -2.80 -39.91
N ILE D 432 -3.98 -3.50 -39.07
CA ILE D 432 -3.70 -4.91 -38.78
C ILE D 432 -4.01 -5.71 -40.03
N GLY D 433 -3.22 -6.72 -40.30
CA GLY D 433 -3.53 -7.65 -41.39
C GLY D 433 -4.56 -8.69 -40.97
N ASP D 434 -5.21 -9.30 -41.95
CA ASP D 434 -6.18 -10.37 -41.65
C ASP D 434 -5.52 -11.53 -40.91
N ASP D 435 -4.31 -11.90 -41.32
CA ASP D 435 -3.65 -13.04 -40.69
C ASP D 435 -3.40 -12.79 -39.20
N LEU D 436 -2.85 -11.64 -38.84
CA LEU D 436 -2.61 -11.36 -37.41
C LEU D 436 -3.90 -11.16 -36.64
N LEU D 437 -4.93 -10.57 -37.26
CA LEU D 437 -6.23 -10.42 -36.57
C LEU D 437 -6.79 -11.82 -36.25
N ASN D 438 -6.75 -12.71 -37.23
CA ASN D 438 -7.23 -14.07 -37.02
C ASN D 438 -6.42 -14.85 -36.00
N GLU D 439 -5.12 -14.60 -36.00
CA GLU D 439 -4.25 -15.23 -35.01
C GLU D 439 -4.59 -14.76 -33.59
N GLY D 440 -4.79 -13.47 -33.46
CA GLY D 440 -5.21 -12.89 -32.17
C GLY D 440 -6.50 -13.51 -31.64
N LEU D 441 -7.48 -13.63 -32.52
CA LEU D 441 -8.73 -14.32 -32.17
C LEU D 441 -8.49 -15.81 -31.84
N ASP D 442 -7.56 -16.46 -32.56
CA ASP D 442 -7.19 -17.87 -32.28
C ASP D 442 -6.69 -18.00 -30.84
N VAL D 443 -5.84 -17.07 -30.42
CA VAL D 443 -5.32 -17.10 -29.05
C VAL D 443 -6.47 -16.98 -28.02
N LEU D 444 -7.37 -16.02 -28.22
CA LEU D 444 -8.49 -15.89 -27.31
C LEU D 444 -9.32 -17.18 -27.29
N GLU D 445 -9.56 -17.76 -28.45
CA GLU D 445 -10.30 -19.04 -28.51
C GLU D 445 -9.62 -20.14 -27.70
N GLU D 446 -8.31 -20.28 -27.90
CA GLU D 446 -7.49 -21.27 -27.20
C GLU D 446 -7.54 -21.09 -25.69
N VAL D 447 -7.37 -19.84 -25.22
CA VAL D 447 -7.42 -19.57 -23.77
C VAL D 447 -8.80 -19.92 -23.22
N LEU D 448 -9.86 -19.56 -23.95
CA LEU D 448 -11.25 -19.80 -23.48
C LEU D 448 -11.55 -21.29 -23.36
N ARG D 449 -10.98 -22.08 -24.28
CA ARG D 449 -11.04 -23.55 -24.23
C ARG D 449 -10.29 -24.16 -23.07
N GLY D 450 -9.19 -23.54 -22.64
CA GLY D 450 -8.31 -24.18 -21.66
C GLY D 450 -8.51 -23.67 -20.24
#